data_5Y3X
#
_entry.id   5Y3X
#
_cell.length_a   126.650
_cell.length_b   74.071
_cell.length_c   137.744
_cell.angle_alpha   90.000
_cell.angle_beta   90.440
_cell.angle_gamma   90.000
#
_symmetry.space_group_name_H-M   'P 1 21 1'
#
loop_
_entity.id
_entity.type
_entity.pdbx_description
1 polymer Beta-xylanase
2 water water
#
_entity_poly.entity_id   1
_entity_poly.type   'polypeptide(L)'
_entity_poly.pdbx_seq_one_letter_code
;MGSSHHHHHHSSGLVPRGSHMSEYQDKTIPSLAEKYKEYFKIGAAVTVKDLEGVHGEILVKHFNSLTPENDMKFERIHPD
EHRYNFDAVDKMKEFAIKNNMKMRGHTFVWHNQTPEWVFKDREGNDVSRELLIERLREHIKTVCDRYRDIVYAWDVVNEA
VEDKTEKLLRDSNWRRIIGDDYIKIAFEIAKEYAGEGKLFYNDYNNEMPYKLEKTYKLLKELIDKETPIDGIGIQAHWNI
WDKNLIDNLKRAIEMYASLGLEIQITELDMSVFEFEDRRTDLLEPAEEMMELQAKVYEDVFKVFREYKGVITSVTFWGIS
DKHTWKDNFPVIGRKDWPLLFDVNGKPKEAFFRIVNF
;
_entity_poly.pdbx_strand_id   A,B,C,D,E,F
#
# COMPACT_ATOMS: atom_id res chain seq x y z
N ILE A 29 -8.50 -11.62 -4.30
CA ILE A 29 -8.20 -12.34 -3.07
C ILE A 29 -6.79 -12.90 -3.05
N PRO A 30 -5.77 -12.03 -3.01
CA PRO A 30 -4.41 -12.53 -2.76
C PRO A 30 -4.27 -12.96 -1.30
N SER A 31 -3.40 -13.95 -1.09
CA SER A 31 -3.00 -14.31 0.26
C SER A 31 -2.11 -13.22 0.86
N LEU A 32 -2.54 -12.64 1.99
CA LEU A 32 -1.79 -11.57 2.65
C LEU A 32 -0.36 -12.00 2.96
N ALA A 33 -0.18 -13.18 3.54
CA ALA A 33 1.16 -13.64 3.88
C ALA A 33 2.00 -13.81 2.62
N GLU A 34 1.40 -14.36 1.55
CA GLU A 34 2.13 -14.54 0.30
C GLU A 34 2.53 -13.20 -0.31
N LYS A 35 1.63 -12.24 -0.29
CA LYS A 35 1.95 -10.92 -0.81
C LYS A 35 3.07 -10.27 -0.05
N TYR A 36 3.23 -10.62 1.24
CA TYR A 36 4.23 -10.01 2.09
C TYR A 36 5.43 -10.92 2.38
N LYS A 37 5.61 -12.01 1.63
CA LYS A 37 6.62 -13.02 1.98
C LYS A 37 8.04 -12.47 1.91
N GLU A 38 8.31 -11.50 1.05
CA GLU A 38 9.65 -10.93 0.99
C GLU A 38 9.81 -9.71 1.88
N TYR A 39 8.80 -9.43 2.71
CA TYR A 39 8.83 -8.32 3.65
C TYR A 39 8.87 -8.80 5.10
N PHE A 40 7.88 -9.58 5.54
CA PHE A 40 7.85 -10.09 6.91
C PHE A 40 6.69 -11.05 7.07
N LYS A 41 6.73 -11.80 8.18
CA LYS A 41 5.63 -12.68 8.51
C LYS A 41 4.36 -11.87 8.72
N ILE A 42 3.21 -12.50 8.46
CA ILE A 42 1.89 -11.93 8.73
C ILE A 42 1.22 -12.87 9.73
N GLY A 43 0.88 -12.35 10.92
CA GLY A 43 0.39 -13.17 11.99
C GLY A 43 -0.96 -12.71 12.51
N ALA A 44 -1.58 -13.58 13.31
CA ALA A 44 -2.85 -13.25 13.98
C ALA A 44 -2.91 -13.94 15.35
N ALA A 45 -3.45 -13.23 16.34
CA ALA A 45 -3.71 -13.84 17.64
C ALA A 45 -4.90 -14.79 17.54
N VAL A 46 -4.85 -15.92 18.27
CA VAL A 46 -5.87 -16.95 18.13
C VAL A 46 -6.24 -17.58 19.46
N THR A 47 -7.50 -18.02 19.54
CA THR A 47 -7.99 -18.99 20.50
C THR A 47 -8.30 -20.29 19.76
N VAL A 48 -8.60 -21.34 20.52
CA VAL A 48 -8.78 -22.64 19.90
C VAL A 48 -9.92 -22.61 18.90
N LYS A 49 -10.95 -21.81 19.18
CA LYS A 49 -12.06 -21.78 18.25
C LYS A 49 -11.74 -21.02 16.96
N ASP A 50 -10.69 -20.18 16.95
CA ASP A 50 -10.27 -19.55 15.71
C ASP A 50 -9.70 -20.54 14.72
N LEU A 51 -9.35 -21.75 15.17
CA LEU A 51 -8.85 -22.80 14.30
C LEU A 51 -9.96 -23.53 13.54
N GLU A 52 -11.23 -23.17 13.78
CA GLU A 52 -12.40 -23.80 13.18
C GLU A 52 -13.12 -22.83 12.25
N GLY A 53 -14.02 -23.37 11.43
CA GLY A 53 -14.95 -22.56 10.68
C GLY A 53 -14.30 -21.59 9.71
N VAL A 54 -14.91 -20.42 9.55
CA VAL A 54 -14.42 -19.41 8.62
C VAL A 54 -13.05 -18.89 9.05
N HIS A 55 -12.88 -18.67 10.36
CA HIS A 55 -11.61 -18.09 10.82
C HIS A 55 -10.44 -19.01 10.47
N GLY A 56 -10.62 -20.32 10.61
CA GLY A 56 -9.53 -21.23 10.29
C GLY A 56 -9.15 -21.17 8.82
N GLU A 57 -10.16 -21.06 7.95
CA GLU A 57 -9.94 -20.90 6.52
C GLU A 57 -9.17 -19.63 6.21
N ILE A 58 -9.50 -18.54 6.90
CA ILE A 58 -8.75 -17.30 6.74
C ILE A 58 -7.31 -17.47 7.21
N LEU A 59 -7.11 -18.13 8.35
CA LEU A 59 -5.74 -18.40 8.82
C LEU A 59 -4.96 -19.16 7.75
N VAL A 60 -5.48 -20.32 7.33
CA VAL A 60 -4.85 -21.15 6.31
C VAL A 60 -4.44 -20.32 5.09
N LYS A 61 -5.30 -19.41 4.67
CA LYS A 61 -5.02 -18.70 3.42
C LYS A 61 -4.12 -17.49 3.60
N HIS A 62 -4.30 -16.71 4.67
CA HIS A 62 -3.75 -15.36 4.72
C HIS A 62 -2.58 -15.17 5.67
N PHE A 63 -2.33 -16.10 6.58
CA PHE A 63 -1.42 -15.87 7.69
C PHE A 63 -0.40 -17.00 7.79
N ASN A 64 0.84 -16.66 8.12
CA ASN A 64 1.85 -17.66 8.34
C ASN A 64 2.43 -17.59 9.75
N SER A 65 1.78 -16.88 10.67
CA SER A 65 2.17 -16.83 12.07
C SER A 65 0.93 -16.80 12.95
N LEU A 66 0.97 -17.51 14.07
CA LEU A 66 -0.08 -17.46 15.07
C LEU A 66 0.52 -17.07 16.41
N THR A 67 -0.24 -16.29 17.19
CA THR A 67 0.10 -16.00 18.58
C THR A 67 -1.05 -16.48 19.47
N PRO A 68 -0.83 -17.39 20.41
CA PRO A 68 -1.91 -17.72 21.35
C PRO A 68 -2.29 -16.48 22.12
N GLU A 69 -3.55 -16.07 21.96
CA GLU A 69 -4.03 -14.82 22.56
C GLU A 69 -3.94 -14.84 24.08
N ASN A 70 -4.29 -15.97 24.70
CA ASN A 70 -4.35 -16.11 26.16
C ASN A 70 -3.69 -17.37 26.68
N ASP A 71 -3.60 -18.43 25.88
CA ASP A 71 -3.36 -19.76 26.42
C ASP A 71 -1.90 -20.00 26.76
N MET A 72 -1.02 -19.05 26.49
CA MET A 72 0.37 -19.13 26.95
C MET A 72 0.68 -18.11 28.05
N LYS A 73 -0.31 -17.33 28.50
CA LYS A 73 -0.13 -16.55 29.72
C LYS A 73 0.20 -17.48 30.87
N PHE A 74 1.06 -17.02 31.76
CA PHE A 74 1.53 -17.86 32.87
C PHE A 74 0.35 -18.51 33.56
N GLU A 75 -0.70 -17.73 33.86
CA GLU A 75 -1.79 -18.26 34.65
C GLU A 75 -2.66 -19.24 33.86
N ARG A 76 -2.58 -19.22 32.53
CA ARG A 76 -3.32 -20.21 31.74
C ARG A 76 -2.52 -21.49 31.52
N ILE A 77 -1.26 -21.34 31.08
CA ILE A 77 -0.43 -22.50 30.81
C ILE A 77 0.13 -23.13 32.09
N HIS A 78 0.18 -22.41 33.20
CA HIS A 78 0.82 -22.91 34.42
C HIS A 78 0.03 -22.44 35.64
N PRO A 79 -1.21 -22.95 35.82
CA PRO A 79 -2.08 -22.36 36.87
C PRO A 79 -1.74 -22.80 38.27
N ASP A 80 -1.15 -23.99 38.44
CA ASP A 80 -0.86 -24.54 39.75
C ASP A 80 0.60 -24.93 39.81
N GLU A 81 1.11 -25.07 41.04
CA GLU A 81 2.53 -25.36 41.20
C GLU A 81 2.90 -26.67 40.53
N HIS A 82 2.01 -27.67 40.55
CA HIS A 82 2.29 -28.97 39.97
C HIS A 82 1.44 -29.30 38.75
N ARG A 83 0.92 -28.29 38.10
CA ARG A 83 0.11 -28.53 36.95
C ARG A 83 0.14 -27.49 35.85
N TYR A 84 0.57 -27.95 34.70
CA TYR A 84 0.54 -27.17 33.48
C TYR A 84 -0.73 -27.51 32.68
N ASN A 85 -1.11 -26.59 31.79
CA ASN A 85 -2.24 -26.82 30.89
C ASN A 85 -1.79 -26.53 29.47
N PHE A 86 -1.46 -27.58 28.72
CA PHE A 86 -0.88 -27.48 27.38
C PHE A 86 -1.91 -27.66 26.28
N ASP A 87 -3.16 -27.96 26.64
CA ASP A 87 -4.12 -28.50 25.70
C ASP A 87 -4.35 -27.56 24.51
N ALA A 88 -4.68 -26.30 24.79
CA ALA A 88 -4.96 -25.34 23.73
C ALA A 88 -3.72 -25.05 22.88
N VAL A 89 -2.56 -24.86 23.52
CA VAL A 89 -1.38 -24.51 22.74
C VAL A 89 -0.93 -25.69 21.88
N ASP A 90 -1.14 -26.92 22.35
CA ASP A 90 -0.79 -28.06 21.50
C ASP A 90 -1.62 -28.07 20.23
N LYS A 91 -2.89 -27.66 20.32
CA LYS A 91 -3.73 -27.65 19.14
C LYS A 91 -3.31 -26.57 18.16
N MET A 92 -2.83 -25.42 18.68
CA MET A 92 -2.33 -24.38 17.78
C MET A 92 -1.02 -24.80 17.12
N LYS A 93 -0.16 -25.51 17.85
CA LYS A 93 1.09 -25.99 17.26
C LYS A 93 0.81 -27.05 16.21
N GLU A 94 -0.10 -27.99 16.50
CA GLU A 94 -0.53 -28.96 15.49
C GLU A 94 -1.05 -28.25 14.25
N PHE A 95 -1.90 -27.24 14.45
CA PHE A 95 -2.44 -26.45 13.35
C PHE A 95 -1.33 -25.77 12.55
N ALA A 96 -0.39 -25.13 13.25
CA ALA A 96 0.68 -24.40 12.58
C ALA A 96 1.54 -25.32 11.72
N ILE A 97 1.91 -26.48 12.24
CA ILE A 97 2.72 -27.42 11.49
C ILE A 97 1.96 -27.93 10.26
N LYS A 98 0.67 -28.24 10.41
CA LYS A 98 -0.09 -28.73 9.27
C LYS A 98 -0.24 -27.67 8.18
N ASN A 99 -0.31 -26.38 8.56
CA ASN A 99 -0.65 -25.33 7.60
C ASN A 99 0.51 -24.38 7.33
N ASN A 100 1.74 -24.82 7.61
CA ASN A 100 2.95 -24.08 7.25
C ASN A 100 3.03 -22.73 7.96
N MET A 101 2.81 -22.75 9.27
CA MET A 101 2.92 -21.54 10.07
C MET A 101 3.89 -21.75 11.23
N LYS A 102 4.34 -20.62 11.77
CA LYS A 102 5.14 -20.62 12.99
C LYS A 102 4.39 -19.80 14.02
N MET A 103 4.86 -19.87 15.27
CA MET A 103 4.15 -19.26 16.39
C MET A 103 5.02 -18.23 17.08
N ARG A 104 4.37 -17.30 17.76
CA ARG A 104 5.01 -16.38 18.68
C ARG A 104 4.61 -16.79 20.10
N GLY A 105 5.56 -16.80 21.00
CA GLY A 105 5.34 -17.13 22.37
C GLY A 105 4.82 -15.93 23.13
N HIS A 106 3.66 -16.05 23.73
CA HIS A 106 3.11 -14.93 24.51
C HIS A 106 2.50 -15.38 25.83
N THR A 107 3.07 -15.07 27.00
CA THR A 107 4.25 -14.28 27.37
C THR A 107 4.79 -14.86 28.69
N PHE A 108 6.05 -14.66 28.97
CA PHE A 108 6.59 -15.22 30.19
C PHE A 108 6.33 -14.41 31.46
N VAL A 109 6.64 -13.13 31.41
CA VAL A 109 6.65 -12.24 32.58
C VAL A 109 5.78 -11.02 32.25
N TRP A 110 4.61 -10.96 32.86
CA TRP A 110 3.63 -9.94 32.50
C TRP A 110 2.79 -9.64 33.72
N HIS A 111 2.79 -8.37 34.14
CA HIS A 111 2.08 -7.96 35.33
C HIS A 111 0.63 -8.47 35.32
N ASN A 112 0.17 -8.93 36.49
CA ASN A 112 -1.18 -9.43 36.75
C ASN A 112 -1.51 -10.74 36.03
N GLN A 113 -0.54 -11.39 35.40
CA GLN A 113 -0.84 -12.64 34.68
C GLN A 113 -0.12 -13.83 35.29
N THR A 114 0.52 -13.67 36.45
CA THR A 114 1.20 -14.74 37.12
C THR A 114 0.37 -15.20 38.32
N PRO A 115 0.05 -16.48 38.42
CA PRO A 115 -0.75 -16.95 39.55
C PRO A 115 -0.03 -16.77 40.88
N GLU A 116 -0.82 -16.69 41.95
CA GLU A 116 -0.27 -16.23 43.22
C GLU A 116 0.64 -17.29 43.86
N TRP A 117 0.46 -18.55 43.54
CA TRP A 117 1.34 -19.57 44.12
C TRP A 117 2.81 -19.29 43.82
N VAL A 118 3.09 -18.65 42.68
CA VAL A 118 4.48 -18.49 42.25
C VAL A 118 5.28 -17.66 43.26
N PHE A 119 4.64 -16.70 43.91
CA PHE A 119 5.35 -15.73 44.72
C PHE A 119 5.39 -16.09 46.19
N LYS A 120 4.75 -17.17 46.60
CA LYS A 120 4.53 -17.46 48.01
C LYS A 120 5.15 -18.79 48.42
N ASP A 121 5.74 -18.78 49.58
CA ASP A 121 6.17 -20.02 50.20
C ASP A 121 4.99 -20.55 51.03
N ARG A 122 5.10 -21.72 51.62
CA ARG A 122 3.96 -22.30 52.41
C ARG A 122 3.23 -21.42 53.47
N GLU A 123 3.92 -20.46 54.06
CA GLU A 123 3.41 -19.56 55.06
C GLU A 123 2.73 -18.35 54.47
N GLY A 124 2.71 -18.24 53.15
CA GLY A 124 2.10 -17.09 52.55
C GLY A 124 3.09 -15.98 52.54
N ASN A 125 4.34 -16.28 52.73
CA ASN A 125 5.31 -15.21 52.68
C ASN A 125 5.95 -15.11 51.29
N ASP A 126 6.57 -14.01 50.96
CA ASP A 126 7.23 -13.90 49.67
C ASP A 126 8.33 -14.95 49.60
N VAL A 127 8.46 -15.59 48.47
CA VAL A 127 9.58 -16.49 48.28
C VAL A 127 10.90 -15.70 48.31
N SER A 128 12.00 -16.41 48.46
CA SER A 128 13.28 -15.77 48.31
C SER A 128 13.53 -15.40 46.85
N ARG A 129 14.48 -14.48 46.66
CA ARG A 129 14.98 -14.17 45.33
C ARG A 129 15.44 -15.42 44.60
N GLU A 130 16.26 -16.25 45.25
CA GLU A 130 16.80 -17.43 44.59
C GLU A 130 15.68 -18.35 44.13
N LEU A 131 14.65 -18.52 44.97
CA LEU A 131 13.59 -19.46 44.62
C LEU A 131 12.70 -18.92 43.50
N LEU A 132 12.41 -17.62 43.50
CA LEU A 132 11.58 -17.06 42.44
C LEU A 132 12.26 -17.21 41.07
N ILE A 133 13.57 -16.96 41.04
CA ILE A 133 14.35 -17.15 39.82
C ILE A 133 14.27 -18.60 39.37
N GLU A 134 14.38 -19.54 40.30
CA GLU A 134 14.37 -20.95 39.93
C GLU A 134 12.99 -21.38 39.43
N ARG A 135 11.92 -20.87 40.04
CA ARG A 135 10.58 -21.15 39.53
C ARG A 135 10.39 -20.59 38.13
N LEU A 136 10.87 -19.37 37.89
CA LEU A 136 10.81 -18.84 36.54
C LEU A 136 11.62 -19.69 35.58
N ARG A 137 12.81 -20.13 36.00
CA ARG A 137 13.64 -20.97 35.14
C ARG A 137 12.90 -22.24 34.76
N GLU A 138 12.24 -22.89 35.74
CA GLU A 138 11.54 -24.14 35.48
C GLU A 138 10.34 -23.91 34.56
N HIS A 139 9.61 -22.81 34.79
CA HIS A 139 8.51 -22.44 33.90
C HIS A 139 9.02 -22.28 32.46
N ILE A 140 10.03 -21.42 32.27
CA ILE A 140 10.48 -21.14 30.92
C ILE A 140 11.09 -22.38 30.27
N LYS A 141 11.89 -23.14 31.01
CA LYS A 141 12.43 -24.38 30.45
C LYS A 141 11.30 -25.33 30.03
N THR A 142 10.26 -25.49 30.86
CA THR A 142 9.17 -26.39 30.49
C THR A 142 8.48 -25.93 29.21
N VAL A 143 8.18 -24.63 29.11
CA VAL A 143 7.41 -24.12 27.98
C VAL A 143 8.28 -24.10 26.72
N CYS A 144 9.55 -23.70 26.85
CA CYS A 144 10.44 -23.67 25.70
C CYS A 144 10.70 -25.09 25.17
N ASP A 145 10.96 -26.06 26.07
CA ASP A 145 11.18 -27.43 25.62
C ASP A 145 10.03 -27.91 24.74
N ARG A 146 8.79 -27.63 25.16
CA ARG A 146 7.65 -28.17 24.45
C ARG A 146 7.46 -27.49 23.11
N TYR A 147 7.69 -26.18 23.05
CA TYR A 147 7.29 -25.42 21.86
C TYR A 147 8.43 -24.79 21.07
N ARG A 148 9.69 -24.96 21.45
CA ARG A 148 10.73 -24.25 20.70
C ARG A 148 10.80 -24.70 19.24
N ASP A 149 10.28 -25.88 18.92
CA ASP A 149 10.27 -26.32 17.52
C ASP A 149 9.39 -25.44 16.64
N ILE A 150 8.40 -24.75 17.21
CA ILE A 150 7.41 -24.02 16.43
C ILE A 150 7.44 -22.52 16.68
N VAL A 151 8.05 -22.06 17.77
CA VAL A 151 8.04 -20.64 18.13
C VAL A 151 9.30 -19.98 17.58
N TYR A 152 9.13 -18.91 16.79
CA TYR A 152 10.26 -18.15 16.27
C TYR A 152 10.57 -16.90 17.07
N ALA A 153 9.69 -16.48 17.98
CA ALA A 153 9.94 -15.29 18.78
C ALA A 153 9.16 -15.41 20.07
N TRP A 154 9.75 -14.95 21.17
CA TRP A 154 9.13 -14.99 22.48
C TRP A 154 9.02 -13.58 23.03
N ASP A 155 7.81 -13.23 23.49
CA ASP A 155 7.65 -12.05 24.34
C ASP A 155 8.09 -12.46 25.73
N VAL A 156 9.36 -12.23 26.05
CA VAL A 156 9.91 -12.70 27.32
C VAL A 156 9.35 -11.87 28.48
N VAL A 157 9.43 -10.55 28.38
CA VAL A 157 8.90 -9.64 29.39
C VAL A 157 7.93 -8.72 28.68
N ASN A 158 6.78 -8.48 29.30
CA ASN A 158 5.71 -7.72 28.67
C ASN A 158 5.26 -6.59 29.61
N GLU A 159 5.30 -5.35 29.10
CA GLU A 159 4.76 -4.17 29.81
C GLU A 159 5.40 -3.98 31.19
N ALA A 160 6.71 -4.19 31.29
CA ALA A 160 7.42 -3.84 32.51
C ALA A 160 7.58 -2.33 32.67
N VAL A 161 7.62 -1.58 31.56
CA VAL A 161 7.84 -0.14 31.63
C VAL A 161 6.65 0.53 32.31
N GLU A 162 6.93 1.46 33.20
CA GLU A 162 5.89 2.19 33.92
C GLU A 162 5.06 3.03 32.94
N ASP A 163 3.74 2.92 33.03
CA ASP A 163 2.90 3.68 32.12
C ASP A 163 2.36 4.98 32.71
N LYS A 164 2.02 4.99 34.01
CA LYS A 164 1.26 6.11 34.55
C LYS A 164 2.12 7.31 34.90
N THR A 165 3.34 7.09 35.39
CA THR A 165 4.21 8.16 35.89
C THR A 165 5.52 8.22 35.11
N GLU A 166 6.40 9.14 35.52
CA GLU A 166 7.70 9.33 34.88
C GLU A 166 8.70 8.23 35.20
N LYS A 167 8.44 7.39 36.18
CA LYS A 167 9.40 6.36 36.54
C LYS A 167 9.63 5.42 35.38
N LEU A 168 10.73 4.65 35.47
CA LEU A 168 11.11 3.72 34.41
C LEU A 168 10.27 2.46 34.45
N LEU A 169 10.17 1.83 35.61
CA LEU A 169 9.63 0.49 35.75
C LEU A 169 8.44 0.50 36.71
N ARG A 170 7.52 -0.44 36.47
CA ARG A 170 6.40 -0.61 37.36
C ARG A 170 6.84 -1.32 38.63
N ASP A 171 6.06 -1.13 39.68
CA ASP A 171 6.16 -2.00 40.84
C ASP A 171 5.54 -3.35 40.49
N SER A 172 6.14 -4.43 40.98
CA SER A 172 5.61 -5.77 40.76
C SER A 172 6.21 -6.74 41.78
N ASN A 173 5.59 -7.92 41.85
CA ASN A 173 6.10 -9.00 42.69
C ASN A 173 7.51 -9.39 42.29
N TRP A 174 7.77 -9.47 40.98
CA TRP A 174 9.11 -9.79 40.50
C TRP A 174 10.12 -8.77 40.99
N ARG A 175 9.80 -7.49 40.82
CA ARG A 175 10.77 -6.46 41.18
C ARG A 175 10.95 -6.40 42.69
N ARG A 176 9.85 -6.54 43.44
CA ARG A 176 9.99 -6.57 44.89
C ARG A 176 10.92 -7.69 45.33
N ILE A 177 10.77 -8.88 44.74
CA ILE A 177 11.47 -10.05 45.26
C ILE A 177 12.85 -10.20 44.65
N ILE A 178 12.96 -10.09 43.32
CA ILE A 178 14.26 -10.24 42.67
C ILE A 178 15.02 -8.91 42.61
N GLY A 179 14.33 -7.78 42.46
CA GLY A 179 14.98 -6.52 42.16
C GLY A 179 14.98 -6.27 40.66
N ASP A 180 15.64 -5.18 40.25
CA ASP A 180 15.56 -4.76 38.85
C ASP A 180 16.14 -5.80 37.90
N ASP A 181 17.00 -6.69 38.38
CA ASP A 181 17.61 -7.74 37.55
C ASP A 181 16.60 -8.75 37.00
N TYR A 182 15.34 -8.73 37.47
CA TYR A 182 14.39 -9.75 37.00
C TYR A 182 14.21 -9.71 35.48
N ILE A 183 14.29 -8.53 34.87
CA ILE A 183 14.18 -8.43 33.40
C ILE A 183 15.34 -9.16 32.73
N LYS A 184 16.58 -8.77 33.08
CA LYS A 184 17.75 -9.40 32.47
C LYS A 184 17.76 -10.90 32.70
N ILE A 185 17.45 -11.32 33.93
CA ILE A 185 17.45 -12.76 34.25
C ILE A 185 16.42 -13.50 33.39
N ALA A 186 15.24 -12.90 33.20
CA ALA A 186 14.22 -13.57 32.38
C ALA A 186 14.73 -13.79 30.96
N PHE A 187 15.39 -12.78 30.38
CA PHE A 187 16.00 -12.93 29.08
C PHE A 187 17.12 -13.98 29.07
N GLU A 188 17.90 -14.04 30.15
CA GLU A 188 19.01 -15.01 30.19
C GLU A 188 18.46 -16.43 30.26
N ILE A 189 17.40 -16.64 31.04
CA ILE A 189 16.75 -17.94 31.10
C ILE A 189 16.20 -18.33 29.74
N ALA A 190 15.41 -17.44 29.12
CA ALA A 190 14.85 -17.75 27.81
C ALA A 190 15.96 -18.04 26.81
N LYS A 191 17.10 -17.35 26.92
CA LYS A 191 18.22 -17.60 26.02
C LYS A 191 18.72 -19.03 26.14
N GLU A 192 18.74 -19.59 27.36
CA GLU A 192 19.22 -20.96 27.54
C GLU A 192 18.33 -21.96 26.81
N TYR A 193 17.02 -21.74 26.78
CA TYR A 193 16.11 -22.80 26.38
C TYR A 193 15.38 -22.56 25.09
N ALA A 194 15.51 -21.38 24.48
CA ALA A 194 14.64 -21.05 23.34
C ALA A 194 15.18 -21.54 22.01
N GLY A 195 16.34 -22.17 21.98
CA GLY A 195 16.87 -22.66 20.71
C GLY A 195 17.21 -21.50 19.79
N GLU A 196 16.62 -21.52 18.59
CA GLU A 196 16.81 -20.44 17.63
C GLU A 196 15.76 -19.35 17.74
N GLY A 197 14.80 -19.47 18.66
CA GLY A 197 13.81 -18.42 18.82
C GLY A 197 14.46 -17.13 19.30
N LYS A 198 13.94 -16.00 18.81
CA LYS A 198 14.41 -14.67 19.19
C LYS A 198 13.61 -14.13 20.37
N LEU A 199 14.26 -13.25 21.15
CA LEU A 199 13.72 -12.82 22.44
C LEU A 199 13.33 -11.34 22.38
N PHE A 200 12.12 -11.02 22.83
CA PHE A 200 11.57 -9.69 22.66
C PHE A 200 11.12 -9.07 23.99
N TYR A 201 11.29 -7.76 24.08
CA TYR A 201 10.55 -6.94 25.05
C TYR A 201 9.30 -6.41 24.34
N ASN A 202 8.13 -6.56 24.96
CA ASN A 202 6.85 -6.21 24.33
C ASN A 202 6.07 -5.20 25.17
N ASP A 203 5.46 -4.22 24.50
CA ASP A 203 4.78 -3.14 25.24
C ASP A 203 3.82 -2.40 24.32
N TYR A 204 2.89 -1.65 24.93
CA TYR A 204 1.97 -0.77 24.20
C TYR A 204 2.37 0.70 24.39
N ASN A 205 1.94 1.53 23.44
CA ASN A 205 2.24 2.96 23.44
C ASN A 205 3.75 3.24 23.45
N ASN A 206 4.58 2.25 23.08
CA ASN A 206 6.02 2.48 23.16
C ASN A 206 6.55 3.28 21.96
N GLU A 207 5.65 3.81 21.13
CA GLU A 207 6.00 4.78 20.11
C GLU A 207 5.68 6.22 20.54
N MET A 208 4.98 6.41 21.69
CA MET A 208 4.48 7.73 22.04
C MET A 208 5.53 8.48 22.85
N PRO A 209 5.55 9.81 22.71
CA PRO A 209 6.60 10.63 23.35
C PRO A 209 6.79 10.34 24.83
N TYR A 210 5.72 10.11 25.60
CA TYR A 210 5.89 9.96 27.04
C TYR A 210 6.56 8.64 27.40
N LYS A 211 6.60 7.70 26.48
CA LYS A 211 7.05 6.34 26.76
C LYS A 211 8.25 5.90 25.93
N LEU A 212 8.46 6.46 24.74
CA LEU A 212 9.48 5.97 23.83
C LEU A 212 10.89 6.19 24.37
N GLU A 213 11.19 7.41 24.82
CA GLU A 213 12.56 7.68 25.24
C GLU A 213 12.92 6.87 26.48
N LYS A 214 12.02 6.84 27.49
CA LYS A 214 12.17 5.97 28.66
C LYS A 214 12.49 4.54 28.22
N THR A 215 11.71 4.03 27.27
CA THR A 215 11.85 2.64 26.88
C THR A 215 13.16 2.43 26.17
N TYR A 216 13.55 3.38 25.32
CA TYR A 216 14.86 3.33 24.69
C TYR A 216 15.97 3.30 25.76
N LYS A 217 15.85 4.14 26.80
CA LYS A 217 16.84 4.16 27.88
C LYS A 217 16.93 2.81 28.58
N LEU A 218 15.79 2.22 28.91
CA LEU A 218 15.76 0.89 29.52
C LEU A 218 16.49 -0.12 28.66
N LEU A 219 16.13 -0.19 27.38
CA LEU A 219 16.71 -1.21 26.51
C LEU A 219 18.20 -0.98 26.33
N LYS A 220 18.62 0.28 26.24
CA LYS A 220 20.04 0.56 26.15
C LYS A 220 20.78 0.03 27.38
N GLU A 221 20.24 0.29 28.58
CA GLU A 221 20.84 -0.24 29.81
C GLU A 221 20.90 -1.76 29.79
N LEU A 222 19.80 -2.43 29.43
CA LEU A 222 19.85 -3.88 29.35
C LEU A 222 20.90 -4.37 28.36
N ILE A 223 20.92 -3.79 27.14
CA ILE A 223 21.84 -4.24 26.10
C ILE A 223 23.28 -4.02 26.52
N ASP A 224 23.57 -2.87 27.15
CA ASP A 224 24.94 -2.59 27.60
C ASP A 224 25.41 -3.58 28.66
N LYS A 225 24.51 -4.07 29.52
CA LYS A 225 24.84 -5.12 30.48
C LYS A 225 24.79 -6.51 29.88
N GLU A 226 24.73 -6.61 28.55
CA GLU A 226 24.76 -7.90 27.84
C GLU A 226 23.50 -8.73 28.05
N THR A 227 22.36 -8.11 28.26
CA THR A 227 21.10 -8.87 28.24
C THR A 227 20.87 -9.43 26.84
N PRO A 228 20.57 -10.73 26.69
CA PRO A 228 20.39 -11.28 25.33
C PRO A 228 19.01 -10.99 24.77
N ILE A 229 18.75 -9.73 24.45
CA ILE A 229 17.48 -9.31 23.89
C ILE A 229 17.66 -9.10 22.40
N ASP A 230 16.79 -9.70 21.59
CA ASP A 230 16.93 -9.58 20.15
C ASP A 230 16.08 -8.48 19.55
N GLY A 231 14.92 -8.17 20.15
CA GLY A 231 14.12 -7.13 19.54
C GLY A 231 13.08 -6.57 20.48
N ILE A 232 12.33 -5.61 19.95
CA ILE A 232 11.26 -4.98 20.71
C ILE A 232 9.95 -5.24 19.99
N GLY A 233 8.92 -5.53 20.76
CA GLY A 233 7.58 -5.70 20.25
C GLY A 233 6.83 -4.40 20.41
N ILE A 234 6.30 -3.90 19.30
CA ILE A 234 5.45 -2.71 19.29
C ILE A 234 4.03 -3.25 19.15
N GLN A 235 3.28 -3.23 20.27
CA GLN A 235 1.96 -3.85 20.27
C GLN A 235 1.07 -3.24 19.20
N ALA A 236 1.12 -1.92 19.03
CA ALA A 236 0.35 -1.21 18.02
C ALA A 236 -1.16 -1.39 18.22
N HIS A 237 -1.63 -1.07 19.42
CA HIS A 237 -3.07 -0.96 19.67
C HIS A 237 -3.44 0.48 19.40
N TRP A 238 -3.83 0.74 18.15
CA TRP A 238 -3.95 2.07 17.58
C TRP A 238 -5.40 2.39 17.25
N ASN A 239 -5.62 3.60 16.73
CA ASN A 239 -6.96 4.03 16.35
C ASN A 239 -6.86 5.02 15.21
N ILE A 240 -7.99 5.24 14.54
CA ILE A 240 -8.00 5.99 13.27
C ILE A 240 -7.86 7.49 13.45
N TRP A 241 -7.87 7.99 14.68
CA TRP A 241 -7.91 9.41 14.94
C TRP A 241 -6.57 9.99 15.36
N ASP A 242 -5.57 9.15 15.60
CA ASP A 242 -4.30 9.55 16.19
C ASP A 242 -3.49 10.35 15.15
N LYS A 243 -3.43 11.68 15.32
CA LYS A 243 -2.76 12.54 14.35
C LYS A 243 -1.28 12.17 14.18
N ASN A 244 -0.60 11.88 15.29
CA ASN A 244 0.84 11.77 15.33
C ASN A 244 1.34 10.33 15.13
N LEU A 245 0.44 9.41 14.72
CA LEU A 245 0.78 7.99 14.68
C LEU A 245 1.92 7.70 13.71
N ILE A 246 1.84 8.20 12.48
CA ILE A 246 2.87 7.87 11.50
C ILE A 246 4.22 8.42 11.95
N ASP A 247 4.24 9.67 12.40
CA ASP A 247 5.51 10.25 12.81
C ASP A 247 6.02 9.59 14.09
N ASN A 248 5.11 9.21 15.00
CA ASN A 248 5.52 8.43 16.16
C ASN A 248 6.10 7.08 15.74
N LEU A 249 5.44 6.39 14.79
CA LEU A 249 5.89 5.07 14.36
C LEU A 249 7.31 5.13 13.81
N LYS A 250 7.57 6.07 12.89
CA LYS A 250 8.90 6.19 12.31
C LYS A 250 9.94 6.48 13.38
N ARG A 251 9.63 7.41 14.29
CA ARG A 251 10.64 7.74 15.29
C ARG A 251 10.93 6.55 16.21
N ALA A 252 9.92 5.77 16.56
CA ALA A 252 10.17 4.60 17.41
C ALA A 252 11.01 3.57 16.68
N ILE A 253 10.69 3.32 15.41
CA ILE A 253 11.48 2.36 14.64
C ILE A 253 12.93 2.80 14.60
N GLU A 254 13.15 4.10 14.34
CA GLU A 254 14.52 4.63 14.27
C GLU A 254 15.26 4.45 15.59
N MET A 255 14.63 4.80 16.72
CA MET A 255 15.29 4.68 18.02
C MET A 255 15.59 3.23 18.36
N TYR A 256 14.60 2.35 18.19
CA TYR A 256 14.83 0.95 18.56
C TYR A 256 15.82 0.28 17.61
N ALA A 257 15.72 0.59 16.31
CA ALA A 257 16.67 0.07 15.33
C ALA A 257 18.09 0.51 15.65
N SER A 258 18.26 1.75 16.14
CA SER A 258 19.59 2.27 16.40
C SER A 258 20.30 1.51 17.50
N LEU A 259 19.57 0.71 18.28
CA LEU A 259 20.19 -0.12 19.31
C LEU A 259 20.60 -1.49 18.78
N GLY A 260 20.37 -1.77 17.51
CA GLY A 260 20.68 -3.07 16.96
C GLY A 260 19.57 -4.09 17.11
N LEU A 261 18.37 -3.64 17.43
CA LEU A 261 17.26 -4.53 17.72
C LEU A 261 16.47 -4.82 16.45
N GLU A 262 15.86 -5.98 16.43
CA GLU A 262 14.85 -6.29 15.45
C GLU A 262 13.51 -5.82 15.98
N ILE A 263 12.56 -5.54 15.08
CA ILE A 263 11.28 -4.96 15.44
C ILE A 263 10.18 -5.88 14.98
N GLN A 264 9.26 -6.20 15.89
CA GLN A 264 8.05 -6.92 15.50
C GLN A 264 6.84 -6.11 15.92
N ILE A 265 5.87 -5.99 15.02
CA ILE A 265 4.57 -5.44 15.35
C ILE A 265 3.71 -6.59 15.84
N THR A 266 3.27 -6.54 17.10
CA THR A 266 2.87 -7.76 17.77
C THR A 266 1.37 -7.91 18.00
N GLU A 267 0.61 -6.83 18.14
CA GLU A 267 -0.82 -6.93 18.45
C GLU A 267 -1.61 -5.85 17.72
N LEU A 268 -1.30 -5.63 16.45
CA LEU A 268 -1.88 -4.53 15.69
C LEU A 268 -3.40 -4.63 15.62
N ASP A 269 -4.07 -3.54 15.98
CA ASP A 269 -5.45 -3.33 15.56
C ASP A 269 -5.72 -1.83 15.50
N MET A 270 -6.92 -1.48 15.05
CA MET A 270 -7.19 -0.12 14.58
C MET A 270 -8.62 0.24 14.98
N SER A 271 -8.76 0.69 16.23
CA SER A 271 -10.05 1.03 16.78
C SER A 271 -10.66 2.24 16.06
N VAL A 272 -11.99 2.26 15.95
CA VAL A 272 -12.66 3.47 15.48
C VAL A 272 -12.81 4.50 16.61
N PHE A 273 -12.35 4.18 17.82
CA PHE A 273 -12.49 5.06 18.98
C PHE A 273 -11.12 5.50 19.48
N GLU A 274 -10.96 6.80 19.72
CA GLU A 274 -9.88 7.24 20.60
C GLU A 274 -10.00 6.50 21.92
N PHE A 275 -8.87 6.32 22.60
CA PHE A 275 -8.89 5.44 23.76
C PHE A 275 -9.80 6.00 24.86
N GLU A 276 -9.82 7.32 25.05
CA GLU A 276 -10.70 7.91 26.04
C GLU A 276 -12.14 8.09 25.57
N ASP A 277 -12.45 7.69 24.33
CA ASP A 277 -13.82 7.80 23.80
C ASP A 277 -14.56 6.52 24.19
N ARG A 278 -15.37 6.60 25.24
CA ARG A 278 -16.03 5.43 25.78
C ARG A 278 -17.50 5.33 25.32
N ARG A 279 -17.86 5.99 24.22
CA ARG A 279 -19.24 5.94 23.77
C ARG A 279 -19.64 4.51 23.43
N THR A 280 -20.89 4.16 23.79
CA THR A 280 -21.42 2.83 23.58
C THR A 280 -22.55 2.78 22.56
N ASP A 281 -22.88 3.92 21.93
CA ASP A 281 -24.11 3.98 21.14
C ASP A 281 -23.99 3.40 19.72
N LEU A 282 -22.80 3.34 19.14
CA LEU A 282 -22.67 2.98 17.72
C LEU A 282 -23.06 1.53 17.49
N LEU A 283 -23.98 1.30 16.54
CA LEU A 283 -24.38 -0.03 16.11
C LEU A 283 -23.59 -0.51 14.90
N GLU A 284 -23.03 0.43 14.15
CA GLU A 284 -22.10 0.15 13.07
C GLU A 284 -21.18 1.35 12.98
N PRO A 285 -20.09 1.26 12.21
CA PRO A 285 -19.21 2.42 12.10
C PRO A 285 -19.94 3.60 11.47
N ALA A 286 -19.65 4.79 12.00
CA ALA A 286 -20.19 6.01 11.42
C ALA A 286 -19.55 6.26 10.06
N GLU A 287 -20.23 7.10 9.31
CA GLU A 287 -19.76 7.44 7.99
C GLU A 287 -18.37 7.99 8.12
N GLU A 288 -17.55 7.51 7.20
CA GLU A 288 -16.13 7.76 7.00
C GLU A 288 -15.15 6.95 7.85
N MET A 289 -15.64 6.33 8.90
CA MET A 289 -14.80 5.52 9.79
C MET A 289 -14.10 4.40 9.04
N MET A 290 -14.82 3.67 8.18
CA MET A 290 -14.20 2.55 7.50
C MET A 290 -13.20 3.01 6.43
N GLU A 291 -13.50 4.11 5.74
CA GLU A 291 -12.55 4.63 4.77
C GLU A 291 -11.35 5.24 5.47
N LEU A 292 -11.57 5.97 6.56
CA LEU A 292 -10.45 6.49 7.34
C LEU A 292 -9.57 5.34 7.84
N GLN A 293 -10.19 4.32 8.44
CA GLN A 293 -9.47 3.12 8.86
C GLN A 293 -8.61 2.56 7.75
N ALA A 294 -9.19 2.39 6.55
CA ALA A 294 -8.43 1.85 5.42
C ALA A 294 -7.26 2.76 5.06
N LYS A 295 -7.47 4.08 5.11
CA LYS A 295 -6.40 5.02 4.83
C LYS A 295 -5.25 4.88 5.83
N VAL A 296 -5.56 4.76 7.12
CA VAL A 296 -4.50 4.68 8.14
C VAL A 296 -3.74 3.36 8.00
N TYR A 297 -4.47 2.26 7.86
CA TYR A 297 -3.83 0.96 7.64
C TYR A 297 -2.90 1.00 6.45
N GLU A 298 -3.36 1.63 5.35
CA GLU A 298 -2.51 1.81 4.18
C GLU A 298 -1.24 2.56 4.54
N ASP A 299 -1.35 3.59 5.36
CA ASP A 299 -0.18 4.38 5.74
C ASP A 299 0.77 3.59 6.64
N VAL A 300 0.25 2.89 7.65
CA VAL A 300 1.16 2.18 8.54
C VAL A 300 1.84 1.05 7.79
N PHE A 301 1.11 0.35 6.91
CA PHE A 301 1.73 -0.74 6.18
C PHE A 301 2.72 -0.23 5.13
N LYS A 302 2.55 1.01 4.67
CA LYS A 302 3.60 1.59 3.85
C LYS A 302 4.85 1.85 4.67
N VAL A 303 4.68 2.27 5.92
CA VAL A 303 5.83 2.45 6.82
C VAL A 303 6.48 1.10 7.11
N PHE A 304 5.67 0.09 7.43
CA PHE A 304 6.21 -1.25 7.66
C PHE A 304 7.08 -1.68 6.49
N ARG A 305 6.55 -1.58 5.27
CA ARG A 305 7.31 -1.93 4.07
C ARG A 305 8.55 -1.04 3.93
N GLU A 306 8.42 0.23 4.31
CA GLU A 306 9.52 1.20 4.24
C GLU A 306 10.70 0.82 5.15
N TYR A 307 10.41 0.26 6.33
CA TYR A 307 11.44 -0.17 7.27
C TYR A 307 11.52 -1.69 7.35
N LYS A 308 11.31 -2.34 6.20
CA LYS A 308 11.21 -3.80 6.12
C LYS A 308 12.51 -4.50 6.52
N GLY A 309 13.67 -3.86 6.30
CA GLY A 309 14.93 -4.46 6.67
C GLY A 309 15.08 -4.76 8.15
N VAL A 310 14.29 -4.09 8.99
CA VAL A 310 14.38 -4.33 10.42
C VAL A 310 13.09 -4.91 11.01
N ILE A 311 11.94 -4.78 10.36
CA ILE A 311 10.69 -5.37 10.84
C ILE A 311 10.55 -6.78 10.29
N THR A 312 10.42 -7.77 11.17
CA THR A 312 10.44 -9.16 10.73
C THR A 312 9.10 -9.88 10.89
N SER A 313 8.16 -9.30 11.62
CA SER A 313 6.87 -9.95 11.81
C SER A 313 5.82 -8.89 12.12
N VAL A 314 4.64 -9.04 11.51
CA VAL A 314 3.51 -8.16 11.76
C VAL A 314 2.31 -9.05 12.10
N THR A 315 1.86 -8.96 13.35
CA THR A 315 0.76 -9.76 13.86
C THR A 315 -0.43 -8.86 14.20
N PHE A 316 -1.61 -9.24 13.73
CA PHE A 316 -2.86 -8.61 14.15
C PHE A 316 -3.40 -9.27 15.42
N TRP A 317 -3.99 -8.46 16.30
CA TRP A 317 -4.61 -9.02 17.50
C TRP A 317 -6.07 -9.43 17.19
N GLY A 318 -6.18 -10.38 16.25
CA GLY A 318 -7.47 -10.93 15.86
C GLY A 318 -7.53 -11.19 14.37
N ILE A 319 -8.56 -11.90 13.93
CA ILE A 319 -8.69 -12.26 12.52
C ILE A 319 -9.71 -11.35 11.87
N SER A 320 -10.95 -11.38 12.36
CA SER A 320 -12.05 -10.59 11.82
C SER A 320 -12.77 -9.83 12.95
N ASP A 321 -13.55 -8.84 12.54
CA ASP A 321 -14.29 -8.01 13.50
C ASP A 321 -15.34 -8.80 14.26
N LYS A 322 -15.69 -10.00 13.78
CA LYS A 322 -16.59 -10.86 14.55
C LYS A 322 -16.01 -11.20 15.92
N HIS A 323 -14.67 -11.17 16.06
CA HIS A 323 -14.00 -11.65 17.29
C HIS A 323 -12.79 -10.76 17.59
N THR A 324 -13.00 -9.75 18.44
CA THR A 324 -11.94 -8.84 18.83
C THR A 324 -12.08 -8.45 20.29
N TRP A 325 -10.96 -8.41 21.00
CA TRP A 325 -10.97 -7.93 22.39
C TRP A 325 -11.44 -6.49 22.50
N LYS A 326 -11.44 -5.71 21.40
CA LYS A 326 -11.84 -4.30 21.49
C LYS A 326 -13.32 -4.11 21.78
N ASP A 327 -14.13 -5.16 21.61
CA ASP A 327 -15.55 -5.09 21.95
C ASP A 327 -15.79 -5.01 23.46
N ASN A 328 -14.84 -5.46 24.28
CA ASN A 328 -14.99 -5.38 25.72
C ASN A 328 -13.89 -4.59 26.42
N PHE A 329 -12.96 -4.00 25.66
CA PHE A 329 -11.90 -3.18 26.24
C PHE A 329 -11.68 -1.97 25.35
N PRO A 330 -11.68 -0.74 25.91
CA PRO A 330 -11.79 -0.48 27.34
C PRO A 330 -13.20 -0.46 27.92
N VAL A 331 -14.22 -0.73 27.10
CA VAL A 331 -15.62 -0.63 27.52
C VAL A 331 -16.27 -2.00 27.35
N ILE A 332 -16.82 -2.53 28.44
CA ILE A 332 -17.52 -3.81 28.36
C ILE A 332 -18.75 -3.66 27.47
N GLY A 333 -18.91 -4.59 26.53
CA GLY A 333 -20.16 -4.71 25.81
C GLY A 333 -20.49 -3.67 24.75
N ARG A 334 -19.50 -3.07 24.11
CA ARG A 334 -19.78 -2.23 22.94
C ARG A 334 -18.89 -2.64 21.78
N LYS A 335 -19.49 -2.66 20.61
CA LYS A 335 -18.84 -3.15 19.40
C LYS A 335 -17.82 -2.16 18.84
N ASP A 336 -16.68 -2.71 18.41
CA ASP A 336 -15.61 -2.05 17.65
C ASP A 336 -15.41 -2.81 16.35
N TRP A 337 -14.69 -2.22 15.39
CA TRP A 337 -14.47 -2.84 14.07
C TRP A 337 -13.03 -2.62 13.61
N PRO A 338 -12.06 -3.26 14.26
CA PRO A 338 -10.63 -2.86 14.14
C PRO A 338 -9.74 -3.68 13.22
N LEU A 339 -10.21 -4.74 12.58
CA LEU A 339 -9.32 -5.67 11.89
C LEU A 339 -9.53 -5.58 10.38
N LEU A 340 -8.87 -6.48 9.64
CA LEU A 340 -8.88 -6.43 8.18
C LEU A 340 -10.07 -7.13 7.55
N PHE A 341 -10.77 -7.97 8.30
CA PHE A 341 -11.95 -8.70 7.84
C PHE A 341 -13.14 -8.31 8.71
N ASP A 342 -14.28 -8.10 8.06
CA ASP A 342 -15.46 -7.55 8.74
C ASP A 342 -16.19 -8.64 9.51
N VAL A 343 -17.37 -8.32 10.02
CA VAL A 343 -18.11 -9.26 10.86
C VAL A 343 -18.58 -10.50 10.13
N ASN A 344 -18.52 -10.51 8.79
CA ASN A 344 -18.93 -11.66 8.00
C ASN A 344 -17.74 -12.49 7.50
N GLY A 345 -16.57 -12.33 8.13
CA GLY A 345 -15.37 -12.99 7.66
C GLY A 345 -14.90 -12.52 6.30
N LYS A 346 -15.45 -11.38 5.80
CA LYS A 346 -15.06 -10.93 4.47
C LYS A 346 -14.06 -9.78 4.55
N PRO A 347 -13.16 -9.69 3.56
CA PRO A 347 -12.12 -8.64 3.59
C PRO A 347 -12.69 -7.24 3.45
N LYS A 348 -12.32 -6.35 4.37
CA LYS A 348 -12.75 -4.97 4.31
C LYS A 348 -11.86 -4.19 3.34
N GLU A 349 -12.17 -2.90 3.19
CA GLU A 349 -11.39 -2.05 2.29
C GLU A 349 -9.93 -1.98 2.70
N ALA A 350 -9.66 -1.96 4.01
CA ALA A 350 -8.27 -1.89 4.47
C ALA A 350 -7.44 -3.01 3.85
N PHE A 351 -8.00 -4.22 3.81
CA PHE A 351 -7.29 -5.35 3.22
C PHE A 351 -6.80 -5.02 1.82
N PHE A 352 -7.69 -4.46 1.00
CA PHE A 352 -7.35 -4.21 -0.39
C PHE A 352 -6.31 -3.10 -0.53
N ARG A 353 -6.33 -2.11 0.35
CA ARG A 353 -5.34 -1.04 0.27
C ARG A 353 -3.96 -1.48 0.73
N ILE A 354 -3.84 -2.50 1.60
CA ILE A 354 -2.50 -2.91 2.01
C ILE A 354 -1.90 -4.01 1.13
N VAL A 355 -2.72 -4.66 0.28
CA VAL A 355 -2.18 -5.53 -0.74
C VAL A 355 -1.95 -4.80 -2.06
N ASN A 356 -2.10 -3.48 -2.07
CA ASN A 356 -2.00 -2.68 -3.30
C ASN A 356 -0.58 -2.12 -3.45
N PHE A 357 0.34 -3.00 -3.82
CA PHE A 357 1.72 -2.60 -4.06
C PHE A 357 2.51 -3.58 -4.92
N ILE B 29 42.07 0.74 20.14
CA ILE B 29 41.20 1.28 19.09
C ILE B 29 40.36 0.17 18.45
N PRO B 30 39.04 0.27 18.57
CA PRO B 30 38.15 -0.76 18.02
C PRO B 30 38.12 -0.71 16.50
N SER B 31 37.69 -1.81 15.91
CA SER B 31 37.50 -1.91 14.47
C SER B 31 36.19 -1.24 14.08
N LEU B 32 36.24 -0.37 13.06
CA LEU B 32 35.04 0.31 12.61
C LEU B 32 34.00 -0.68 12.11
N ALA B 33 34.45 -1.62 11.25
CA ALA B 33 33.56 -2.64 10.72
C ALA B 33 32.94 -3.47 11.83
N GLU B 34 33.74 -3.85 12.83
CA GLU B 34 33.24 -4.67 13.93
C GLU B 34 32.18 -3.93 14.73
N LYS B 35 32.48 -2.71 15.15
CA LYS B 35 31.49 -1.91 15.86
C LYS B 35 30.16 -1.84 15.10
N TYR B 36 30.20 -1.84 13.76
CA TYR B 36 29.00 -1.64 12.93
C TYR B 36 28.45 -2.93 12.31
N LYS B 37 28.90 -4.11 12.78
CA LYS B 37 28.59 -5.34 12.07
C LYS B 37 27.11 -5.73 12.18
N GLU B 38 26.41 -5.27 13.23
CA GLU B 38 24.97 -5.47 13.35
C GLU B 38 24.17 -4.46 12.53
N TYR B 39 24.83 -3.57 11.80
CA TYR B 39 24.15 -2.45 11.15
C TYR B 39 24.32 -2.46 9.62
N PHE B 40 25.55 -2.36 9.13
CA PHE B 40 25.82 -2.35 7.70
C PHE B 40 27.32 -2.53 7.49
N LYS B 41 27.68 -2.89 6.26
CA LYS B 41 29.08 -2.96 5.87
C LYS B 41 29.74 -1.59 5.97
N ILE B 42 31.05 -1.60 6.14
CA ILE B 42 31.87 -0.39 6.22
C ILE B 42 32.91 -0.48 5.11
N GLY B 43 32.82 0.42 4.13
CA GLY B 43 33.66 0.36 2.95
C GLY B 43 34.55 1.58 2.74
N ALA B 44 35.56 1.42 1.90
CA ALA B 44 36.40 2.53 1.49
C ALA B 44 36.71 2.39 0.00
N ALA B 45 36.75 3.53 -0.70
CA ALA B 45 37.26 3.56 -2.06
C ALA B 45 38.76 3.34 -2.05
N VAL B 46 39.28 2.60 -3.06
CA VAL B 46 40.70 2.25 -3.07
C VAL B 46 41.29 2.33 -4.47
N THR B 47 42.58 2.66 -4.52
CA THR B 47 43.48 2.37 -5.63
C THR B 47 44.44 1.26 -5.20
N VAL B 48 45.23 0.77 -6.15
CA VAL B 48 46.16 -0.31 -5.82
C VAL B 48 47.12 0.11 -4.70
N LYS B 49 47.61 1.36 -4.73
CA LYS B 49 48.56 1.78 -3.70
C LYS B 49 47.91 1.79 -2.31
N ASP B 50 46.58 1.88 -2.23
CA ASP B 50 45.89 1.84 -0.95
C ASP B 50 46.00 0.47 -0.27
N LEU B 51 46.41 -0.58 -0.98
CA LEU B 51 46.42 -1.93 -0.43
C LEU B 51 47.73 -2.26 0.28
N GLU B 52 48.51 -1.27 0.60
CA GLU B 52 49.70 -1.54 1.38
C GLU B 52 50.08 -0.45 2.31
N GLY B 53 51.09 -0.69 3.11
CA GLY B 53 51.55 0.31 4.06
C GLY B 53 50.46 0.63 5.06
N VAL B 54 50.44 1.89 5.51
CA VAL B 54 49.50 2.30 6.56
C VAL B 54 48.07 2.07 6.09
N HIS B 55 47.75 2.50 4.87
CA HIS B 55 46.39 2.36 4.35
C HIS B 55 45.96 0.90 4.28
N GLY B 56 46.87 0.00 3.88
CA GLY B 56 46.54 -1.41 3.87
C GLY B 56 46.18 -1.94 5.25
N GLU B 57 46.94 -1.51 6.28
CA GLU B 57 46.65 -1.90 7.66
C GLU B 57 45.31 -1.35 8.12
N ILE B 58 44.97 -0.12 7.72
CA ILE B 58 43.67 0.44 8.08
C ILE B 58 42.54 -0.35 7.43
N LEU B 59 42.71 -0.74 6.16
CA LEU B 59 41.70 -1.56 5.49
C LEU B 59 41.49 -2.86 6.26
N VAL B 60 42.58 -3.58 6.56
CA VAL B 60 42.48 -4.88 7.21
C VAL B 60 41.81 -4.74 8.58
N LYS B 61 42.08 -3.65 9.29
CA LYS B 61 41.51 -3.55 10.62
C LYS B 61 40.07 -3.05 10.60
N HIS B 62 39.77 -2.05 9.76
CA HIS B 62 38.55 -1.26 9.95
C HIS B 62 37.46 -1.49 8.91
N PHE B 63 37.75 -2.09 7.76
CA PHE B 63 36.83 -2.07 6.62
C PHE B 63 36.52 -3.47 6.10
N ASN B 64 35.24 -3.76 5.85
CA ASN B 64 34.88 -5.04 5.26
C ASN B 64 34.32 -4.89 3.85
N SER B 65 34.51 -3.73 3.23
CA SER B 65 34.08 -3.54 1.86
C SER B 65 35.03 -2.57 1.21
N LEU B 66 35.23 -2.72 -0.10
CA LEU B 66 36.02 -1.74 -0.82
C LEU B 66 35.38 -1.51 -2.18
N THR B 67 35.58 -0.31 -2.71
CA THR B 67 35.13 0.05 -4.02
C THR B 67 36.34 0.50 -4.84
N PRO B 68 36.59 -0.09 -6.00
CA PRO B 68 37.68 0.43 -6.85
C PRO B 68 37.33 1.85 -7.23
N GLU B 69 38.18 2.79 -6.82
CA GLU B 69 37.86 4.19 -7.05
C GLU B 69 37.78 4.52 -8.54
N ASN B 70 38.70 3.99 -9.35
CA ASN B 70 38.85 4.38 -10.75
C ASN B 70 38.89 3.18 -11.68
N ASP B 71 39.42 2.06 -11.20
CA ASP B 71 39.87 1.02 -12.11
C ASP B 71 38.75 0.16 -12.67
N MET B 72 37.50 0.37 -12.25
CA MET B 72 36.36 -0.26 -12.88
C MET B 72 35.55 0.72 -13.74
N LYS B 73 35.95 1.99 -13.82
CA LYS B 73 35.41 2.86 -14.85
C LYS B 73 35.53 2.16 -16.21
N PHE B 74 34.51 2.34 -17.06
CA PHE B 74 34.53 1.71 -18.38
C PHE B 74 35.84 2.02 -19.11
N GLU B 75 36.23 3.29 -19.12
CA GLU B 75 37.42 3.72 -19.85
C GLU B 75 38.71 3.13 -19.30
N ARG B 76 38.73 2.70 -18.04
CA ARG B 76 39.93 2.08 -17.49
C ARG B 76 39.90 0.56 -17.65
N ILE B 77 38.77 -0.08 -17.35
CA ILE B 77 38.73 -1.54 -17.41
C ILE B 77 38.53 -2.06 -18.82
N HIS B 78 38.02 -1.22 -19.73
CA HIS B 78 37.77 -1.62 -21.11
C HIS B 78 38.17 -0.48 -22.05
N PRO B 79 39.47 -0.15 -22.11
CA PRO B 79 39.88 1.03 -22.88
C PRO B 79 39.74 0.91 -24.40
N ASP B 80 39.83 -0.30 -24.95
CA ASP B 80 39.79 -0.46 -26.41
C ASP B 80 38.88 -1.62 -26.75
N GLU B 81 38.44 -1.68 -28.02
CA GLU B 81 37.41 -2.65 -28.40
C GLU B 81 37.84 -4.07 -28.08
N HIS B 82 39.11 -4.43 -28.33
CA HIS B 82 39.60 -5.78 -28.11
C HIS B 82 40.55 -5.87 -26.92
N ARG B 83 40.39 -4.97 -25.99
CA ARG B 83 41.23 -4.96 -24.84
C ARG B 83 40.62 -4.47 -23.55
N TYR B 84 40.65 -5.36 -22.60
CA TYR B 84 40.31 -5.10 -21.22
C TYR B 84 41.56 -4.97 -20.38
N ASN B 85 41.48 -4.21 -19.29
CA ASN B 85 42.59 -4.08 -18.35
C ASN B 85 42.05 -4.49 -16.98
N PHE B 86 42.41 -5.70 -16.52
CA PHE B 86 41.89 -6.25 -15.28
C PHE B 86 42.88 -6.16 -14.11
N ASP B 87 44.09 -5.66 -14.34
CA ASP B 87 45.17 -5.89 -13.37
C ASP B 87 44.85 -5.31 -11.99
N ALA B 88 44.44 -4.05 -11.94
CA ALA B 88 44.20 -3.40 -10.66
C ALA B 88 42.99 -3.99 -9.93
N VAL B 89 41.90 -4.31 -10.66
CA VAL B 89 40.75 -4.88 -9.97
C VAL B 89 41.07 -6.30 -9.49
N ASP B 90 41.87 -7.05 -10.25
CA ASP B 90 42.26 -8.39 -9.80
C ASP B 90 42.99 -8.33 -8.47
N LYS B 91 43.93 -7.39 -8.33
CA LYS B 91 44.64 -7.26 -7.07
C LYS B 91 43.69 -6.89 -5.94
N MET B 92 42.72 -6.01 -6.22
CA MET B 92 41.75 -5.62 -5.20
C MET B 92 40.89 -6.80 -4.78
N LYS B 93 40.47 -7.63 -5.75
CA LYS B 93 39.66 -8.79 -5.44
C LYS B 93 40.44 -9.77 -4.57
N GLU B 94 41.72 -9.99 -4.89
CA GLU B 94 42.50 -10.94 -4.11
C GLU B 94 42.80 -10.39 -2.71
N PHE B 95 43.02 -9.08 -2.59
CA PHE B 95 43.13 -8.47 -1.26
C PHE B 95 41.83 -8.63 -0.47
N ALA B 96 40.68 -8.47 -1.13
CA ALA B 96 39.39 -8.61 -0.46
C ALA B 96 39.17 -10.03 0.01
N ILE B 97 39.53 -11.01 -0.82
CA ILE B 97 39.37 -12.40 -0.43
C ILE B 97 40.28 -12.72 0.75
N LYS B 98 41.53 -12.25 0.72
CA LYS B 98 42.45 -12.59 1.80
C LYS B 98 41.98 -12.00 3.13
N ASN B 99 41.36 -10.82 3.11
CA ASN B 99 41.06 -10.10 4.35
C ASN B 99 39.56 -10.06 4.67
N ASN B 100 38.78 -10.97 4.06
CA ASN B 100 37.38 -11.14 4.42
C ASN B 100 36.57 -9.88 4.14
N MET B 101 36.77 -9.32 2.95
CA MET B 101 36.00 -8.18 2.46
C MET B 101 35.29 -8.55 1.17
N LYS B 102 34.32 -7.72 0.82
CA LYS B 102 33.59 -7.80 -0.44
C LYS B 102 33.76 -6.47 -1.17
N MET B 103 33.22 -6.42 -2.38
CA MET B 103 33.47 -5.31 -3.30
C MET B 103 32.16 -4.71 -3.80
N ARG B 104 32.17 -3.39 -4.01
CA ARG B 104 31.14 -2.72 -4.77
C ARG B 104 31.66 -2.47 -6.18
N GLY B 105 30.86 -2.73 -7.20
CA GLY B 105 31.25 -2.50 -8.57
C GLY B 105 30.97 -1.08 -8.97
N HIS B 106 31.97 -0.38 -9.47
CA HIS B 106 31.81 0.98 -9.82
C HIS B 106 32.47 1.34 -11.14
N THR B 107 31.79 1.49 -12.34
CA THR B 107 30.36 1.58 -12.63
C THR B 107 30.24 1.46 -14.15
N PHE B 108 29.12 0.79 -14.50
CA PHE B 108 28.92 0.48 -15.91
C PHE B 108 28.66 1.64 -16.88
N VAL B 109 27.75 2.51 -16.52
CA VAL B 109 27.23 3.56 -17.41
C VAL B 109 27.29 4.89 -16.67
N TRP B 110 28.18 5.77 -17.12
CA TRP B 110 28.50 7.00 -16.38
C TRP B 110 29.00 8.02 -17.38
N HIS B 111 28.30 9.17 -17.47
CA HIS B 111 28.67 10.22 -18.42
C HIS B 111 30.16 10.56 -18.32
N ASN B 112 30.78 10.70 -19.49
CA ASN B 112 32.18 11.09 -19.69
C ASN B 112 33.16 10.00 -19.29
N GLN B 113 32.70 8.78 -19.02
CA GLN B 113 33.63 7.74 -18.62
C GLN B 113 33.63 6.53 -19.54
N THR B 114 32.99 6.62 -20.74
CA THR B 114 32.96 5.57 -21.74
C THR B 114 33.83 5.97 -22.92
N PRO B 115 34.81 5.16 -23.31
CA PRO B 115 35.70 5.55 -24.41
C PRO B 115 34.92 5.69 -25.71
N GLU B 116 35.51 6.47 -26.63
CA GLU B 116 34.76 6.88 -27.81
C GLU B 116 34.51 5.72 -28.76
N TRP B 117 35.35 4.68 -28.74
CA TRP B 117 35.14 3.57 -29.69
C TRP B 117 33.78 2.90 -29.50
N VAL B 118 33.25 2.91 -28.28
CA VAL B 118 32.00 2.21 -27.96
C VAL B 118 30.85 2.72 -28.83
N PHE B 119 30.82 4.03 -29.09
CA PHE B 119 29.69 4.67 -29.77
C PHE B 119 29.86 4.83 -31.27
N LYS B 120 30.98 4.40 -31.84
CA LYS B 120 31.26 4.65 -33.26
C LYS B 120 31.41 3.34 -34.03
N ASP B 121 30.93 3.32 -35.27
CA ASP B 121 31.14 2.19 -36.16
C ASP B 121 32.41 2.46 -36.98
N ARG B 122 32.52 1.76 -38.09
CA ARG B 122 33.65 1.87 -38.99
C ARG B 122 34.08 3.28 -39.37
N GLU B 123 33.15 4.09 -39.83
CA GLU B 123 33.48 5.45 -40.26
C GLU B 123 33.17 6.57 -39.27
N GLY B 124 33.25 6.31 -37.97
CA GLY B 124 32.99 7.36 -37.04
C GLY B 124 31.58 7.85 -36.93
N ASN B 125 30.58 7.14 -37.41
CA ASN B 125 29.20 7.64 -37.20
C ASN B 125 28.53 6.93 -35.99
N ASP B 126 27.42 7.44 -35.39
CA ASP B 126 26.89 6.68 -34.28
C ASP B 126 26.67 5.24 -34.67
N VAL B 127 26.91 4.34 -33.73
CA VAL B 127 26.49 2.97 -33.84
C VAL B 127 24.97 2.93 -33.82
N SER B 128 24.39 1.83 -34.30
CA SER B 128 22.95 1.64 -34.20
C SER B 128 22.53 1.40 -32.76
N ARG B 129 21.20 1.46 -32.53
CA ARG B 129 20.66 1.20 -31.21
C ARG B 129 20.99 -0.22 -30.75
N GLU B 130 20.80 -1.21 -31.63
CA GLU B 130 20.99 -2.60 -31.24
C GLU B 130 22.45 -2.92 -31.01
N LEU B 131 23.37 -2.30 -31.76
CA LEU B 131 24.78 -2.60 -31.56
C LEU B 131 25.29 -1.98 -30.25
N LEU B 132 24.86 -0.75 -29.92
CA LEU B 132 25.26 -0.17 -28.64
C LEU B 132 24.77 -1.03 -27.47
N ILE B 133 23.54 -1.51 -27.55
CA ILE B 133 22.99 -2.41 -26.52
C ILE B 133 23.85 -3.66 -26.38
N GLU B 134 24.19 -4.27 -27.52
CA GLU B 134 25.02 -5.48 -27.50
C GLU B 134 26.43 -5.20 -26.98
N ARG B 135 27.01 -4.05 -27.33
CA ARG B 135 28.34 -3.72 -26.80
C ARG B 135 28.28 -3.54 -25.29
N LEU B 136 27.22 -2.94 -24.78
CA LEU B 136 27.07 -2.82 -23.34
C LEU B 136 26.84 -4.18 -22.71
N ARG B 137 26.09 -5.06 -23.38
CA ARG B 137 25.86 -6.42 -22.87
C ARG B 137 27.18 -7.17 -22.73
N GLU B 138 28.00 -7.15 -23.79
CA GLU B 138 29.26 -7.88 -23.75
C GLU B 138 30.18 -7.35 -22.65
N HIS B 139 30.22 -6.03 -22.47
CA HIS B 139 31.03 -5.41 -21.43
C HIS B 139 30.54 -5.83 -20.04
N ILE B 140 29.23 -5.72 -19.80
CA ILE B 140 28.69 -6.07 -18.49
C ILE B 140 28.88 -7.56 -18.20
N LYS B 141 28.68 -8.41 -19.20
CA LYS B 141 28.92 -9.85 -19.00
C LYS B 141 30.37 -10.11 -18.64
N THR B 142 31.31 -9.48 -19.35
CA THR B 142 32.73 -9.71 -19.07
C THR B 142 33.08 -9.33 -17.64
N VAL B 143 32.72 -8.12 -17.23
CA VAL B 143 33.10 -7.68 -15.89
C VAL B 143 32.39 -8.51 -14.83
N CYS B 144 31.10 -8.78 -15.02
CA CYS B 144 30.35 -9.58 -14.03
C CYS B 144 30.87 -11.01 -13.95
N ASP B 145 31.14 -11.64 -15.11
CA ASP B 145 31.68 -12.99 -15.11
C ASP B 145 32.94 -13.09 -14.26
N ARG B 146 33.75 -12.04 -14.28
CA ARG B 146 35.02 -12.10 -13.57
C ARG B 146 34.87 -11.80 -12.09
N TYR B 147 33.95 -10.91 -11.70
CA TYR B 147 33.97 -10.39 -10.33
C TYR B 147 32.71 -10.66 -9.53
N ARG B 148 31.76 -11.44 -10.06
CA ARG B 148 30.50 -11.64 -9.34
C ARG B 148 30.71 -12.42 -8.04
N ASP B 149 31.77 -13.23 -7.96
CA ASP B 149 32.04 -13.96 -6.73
C ASP B 149 32.35 -13.01 -5.57
N ILE B 150 32.89 -11.83 -5.85
CA ILE B 150 33.33 -10.92 -4.80
C ILE B 150 32.51 -9.65 -4.71
N VAL B 151 31.71 -9.32 -5.72
CA VAL B 151 30.97 -8.06 -5.74
C VAL B 151 29.57 -8.29 -5.16
N TYR B 152 29.19 -7.49 -4.17
CA TYR B 152 27.86 -7.63 -3.58
C TYR B 152 26.88 -6.58 -4.08
N ALA B 153 27.37 -5.54 -4.76
CA ALA B 153 26.52 -4.43 -5.18
C ALA B 153 27.19 -3.76 -6.37
N TRP B 154 26.41 -3.46 -7.41
CA TRP B 154 26.93 -2.83 -8.62
C TRP B 154 26.28 -1.46 -8.82
N ASP B 155 27.11 -0.43 -9.00
CA ASP B 155 26.55 0.84 -9.48
C ASP B 155 26.34 0.66 -10.97
N VAL B 156 25.12 0.29 -11.37
CA VAL B 156 24.88 -0.04 -12.77
C VAL B 156 24.86 1.22 -13.62
N VAL B 157 24.11 2.23 -13.18
CA VAL B 157 24.04 3.51 -13.86
C VAL B 157 24.37 4.58 -12.82
N ASN B 158 25.24 5.53 -13.20
CA ASN B 158 25.75 6.55 -12.29
C ASN B 158 25.44 7.94 -12.86
N GLU B 159 24.77 8.78 -12.06
CA GLU B 159 24.54 10.20 -12.39
C GLU B 159 23.88 10.41 -13.76
N ALA B 160 22.82 9.65 -14.02
CA ALA B 160 22.05 9.92 -15.22
C ALA B 160 21.07 11.07 -15.02
N VAL B 161 20.68 11.36 -13.78
CA VAL B 161 19.70 12.41 -13.51
C VAL B 161 20.31 13.78 -13.83
N GLU B 162 19.54 14.62 -14.52
CA GLU B 162 20.01 15.96 -14.88
C GLU B 162 20.28 16.81 -13.64
N ASP B 163 21.45 17.46 -13.58
CA ASP B 163 21.78 18.28 -12.41
C ASP B 163 21.53 19.77 -12.59
N LYS B 164 21.64 20.31 -13.81
CA LYS B 164 21.67 21.76 -13.97
C LYS B 164 20.29 22.39 -14.14
N THR B 165 19.35 21.66 -14.75
CA THR B 165 18.03 22.20 -15.07
C THR B 165 16.96 21.30 -14.47
N GLU B 166 15.70 21.67 -14.71
CA GLU B 166 14.49 21.01 -14.26
C GLU B 166 14.23 19.66 -14.94
N LYS B 167 14.84 19.40 -16.07
CA LYS B 167 14.63 18.15 -16.78
C LYS B 167 15.03 16.94 -15.97
N LEU B 168 14.56 15.77 -16.36
CA LEU B 168 14.82 14.55 -15.61
C LEU B 168 16.22 14.02 -15.86
N LEU B 169 16.61 13.91 -17.13
CA LEU B 169 17.76 13.14 -17.57
C LEU B 169 18.75 14.01 -18.34
N ARG B 170 20.04 13.73 -18.14
CA ARG B 170 21.08 14.34 -18.96
C ARG B 170 20.97 13.88 -20.40
N ASP B 171 21.42 14.73 -21.31
CA ASP B 171 21.70 14.23 -22.65
C ASP B 171 23.00 13.46 -22.62
N SER B 172 23.09 12.41 -23.42
CA SER B 172 24.29 11.58 -23.45
C SER B 172 24.32 10.78 -24.74
N ASN B 173 25.46 10.16 -25.03
CA ASN B 173 25.55 9.27 -26.18
C ASN B 173 24.60 8.10 -26.03
N TRP B 174 24.49 7.55 -24.82
CA TRP B 174 23.53 6.48 -24.57
C TRP B 174 22.11 6.90 -24.92
N ARG B 175 21.71 8.10 -24.48
CA ARG B 175 20.32 8.51 -24.68
C ARG B 175 20.06 8.88 -26.13
N ARG B 176 21.06 9.48 -26.79
CA ARG B 176 20.92 9.79 -28.21
C ARG B 176 20.78 8.52 -29.05
N ILE B 177 21.56 7.50 -28.74
CA ILE B 177 21.60 6.31 -29.59
C ILE B 177 20.47 5.35 -29.23
N ILE B 178 20.31 5.05 -27.93
CA ILE B 178 19.30 4.09 -27.50
C ILE B 178 17.96 4.73 -27.13
N GLY B 179 17.95 5.95 -26.60
CA GLY B 179 16.74 6.53 -26.05
C GLY B 179 16.69 6.38 -24.54
N ASP B 180 15.54 6.78 -23.95
CA ASP B 180 15.40 6.74 -22.51
C ASP B 180 15.47 5.32 -21.94
N ASP B 181 15.23 4.31 -22.76
CA ASP B 181 15.28 2.91 -22.32
C ASP B 181 16.67 2.47 -21.92
N TYR B 182 17.72 3.27 -22.17
CA TYR B 182 19.09 2.80 -21.89
C TYR B 182 19.29 2.48 -20.42
N ILE B 183 18.63 3.19 -19.51
CA ILE B 183 18.79 2.89 -18.08
C ILE B 183 18.18 1.54 -17.75
N LYS B 184 16.89 1.35 -18.09
CA LYS B 184 16.25 0.07 -17.84
C LYS B 184 17.02 -1.08 -18.47
N ILE B 185 17.52 -0.89 -19.70
CA ILE B 185 18.26 -1.94 -20.39
C ILE B 185 19.53 -2.29 -19.63
N ALA B 186 20.29 -1.26 -19.23
CA ALA B 186 21.52 -1.51 -18.47
C ALA B 186 21.23 -2.37 -17.24
N PHE B 187 20.16 -2.04 -16.51
CA PHE B 187 19.81 -2.82 -15.32
C PHE B 187 19.40 -4.23 -15.67
N GLU B 188 18.63 -4.39 -16.76
CA GLU B 188 18.25 -5.73 -17.22
C GLU B 188 19.47 -6.55 -17.57
N ILE B 189 20.45 -5.95 -18.27
CA ILE B 189 21.66 -6.69 -18.60
C ILE B 189 22.40 -7.10 -17.33
N ALA B 190 22.61 -6.15 -16.40
CA ALA B 190 23.33 -6.49 -15.19
C ALA B 190 22.63 -7.61 -14.43
N LYS B 191 21.30 -7.64 -14.48
CA LYS B 191 20.53 -8.68 -13.79
C LYS B 191 20.86 -10.08 -14.32
N GLU B 192 21.00 -10.22 -15.65
CA GLU B 192 21.35 -11.51 -16.24
C GLU B 192 22.64 -12.06 -15.67
N TYR B 193 23.63 -11.20 -15.43
CA TYR B 193 24.98 -11.66 -15.17
C TYR B 193 25.50 -11.38 -13.76
N ALA B 194 24.77 -10.64 -12.92
CA ALA B 194 25.36 -10.26 -11.64
C ALA B 194 25.29 -11.35 -10.57
N GLY B 195 24.57 -12.44 -10.83
CA GLY B 195 24.46 -13.50 -9.84
C GLY B 195 23.69 -13.04 -8.62
N GLU B 196 24.34 -13.05 -7.44
CA GLU B 196 23.72 -12.58 -6.21
C GLU B 196 23.97 -11.10 -5.93
N GLY B 197 24.77 -10.41 -6.74
CA GLY B 197 24.97 -9.00 -6.52
C GLY B 197 23.71 -8.19 -6.75
N LYS B 198 23.59 -7.10 -5.99
CA LYS B 198 22.44 -6.21 -6.08
C LYS B 198 22.76 -5.01 -6.97
N LEU B 199 21.72 -4.39 -7.51
CA LEU B 199 21.86 -3.41 -8.58
C LEU B 199 21.44 -2.04 -8.09
N PHE B 200 22.33 -1.05 -8.20
CA PHE B 200 22.06 0.29 -7.69
C PHE B 200 22.10 1.34 -8.81
N TYR B 201 21.20 2.34 -8.71
CA TYR B 201 21.39 3.63 -9.35
C TYR B 201 22.12 4.55 -8.37
N ASN B 202 23.16 5.25 -8.84
CA ASN B 202 24.03 6.01 -7.95
C ASN B 202 24.10 7.46 -8.40
N ASP B 203 24.13 8.39 -7.45
CA ASP B 203 24.12 9.82 -7.78
C ASP B 203 24.60 10.66 -6.61
N TYR B 204 24.84 11.94 -6.88
CA TYR B 204 25.22 12.89 -5.84
C TYR B 204 24.12 13.91 -5.67
N ASN B 205 24.06 14.48 -4.46
CA ASN B 205 23.08 15.49 -4.13
C ASN B 205 21.67 14.95 -4.24
N ASN B 206 21.50 13.63 -4.22
CA ASN B 206 20.15 13.10 -4.43
C ASN B 206 19.35 13.12 -3.15
N GLU B 207 19.88 13.73 -2.09
CA GLU B 207 19.08 14.02 -0.92
C GLU B 207 18.55 15.45 -0.91
N MET B 208 19.07 16.33 -1.76
CA MET B 208 18.65 17.74 -1.76
C MET B 208 17.25 17.96 -2.31
N PRO B 209 16.60 19.08 -1.97
CA PRO B 209 15.25 19.30 -2.52
C PRO B 209 15.20 19.49 -4.02
N TYR B 210 16.23 20.10 -4.63
CA TYR B 210 16.19 20.31 -6.08
C TYR B 210 16.28 19.00 -6.88
N LYS B 211 16.78 17.93 -6.26
CA LYS B 211 17.08 16.69 -6.97
C LYS B 211 16.36 15.47 -6.43
N LEU B 212 15.83 15.51 -5.19
CA LEU B 212 15.25 14.31 -4.59
C LEU B 212 13.97 13.89 -5.30
N GLU B 213 13.03 14.82 -5.49
CA GLU B 213 11.72 14.44 -6.00
C GLU B 213 11.80 13.99 -7.45
N LYS B 214 12.60 14.71 -8.26
CA LYS B 214 13.06 14.28 -9.57
C LYS B 214 13.52 12.82 -9.59
N THR B 215 14.48 12.50 -8.72
CA THR B 215 15.07 11.17 -8.72
C THR B 215 14.07 10.11 -8.26
N TYR B 216 13.27 10.42 -7.25
CA TYR B 216 12.24 9.50 -6.82
C TYR B 216 11.31 9.16 -7.99
N LYS B 217 10.87 10.19 -8.71
CA LYS B 217 10.04 10.00 -9.87
C LYS B 217 10.67 9.06 -10.90
N LEU B 218 11.92 9.27 -11.21
CA LEU B 218 12.66 8.40 -12.12
C LEU B 218 12.61 6.95 -11.66
N LEU B 219 12.99 6.72 -10.40
CA LEU B 219 13.07 5.35 -9.88
C LEU B 219 11.70 4.71 -9.84
N LYS B 220 10.65 5.50 -9.60
CA LYS B 220 9.31 4.95 -9.58
C LYS B 220 8.86 4.54 -10.98
N GLU B 221 9.12 5.38 -11.99
CA GLU B 221 8.83 4.98 -13.37
C GLU B 221 9.59 3.72 -13.74
N LEU B 222 10.89 3.64 -13.41
CA LEU B 222 11.68 2.46 -13.72
C LEU B 222 11.08 1.21 -13.10
N ILE B 223 10.76 1.28 -11.81
CA ILE B 223 10.22 0.12 -11.10
C ILE B 223 8.87 -0.28 -11.71
N ASP B 224 8.04 0.70 -12.09
CA ASP B 224 6.76 0.37 -12.73
C ASP B 224 6.92 -0.22 -14.12
N LYS B 225 8.07 -0.02 -14.77
CA LYS B 225 8.41 -0.66 -16.04
C LYS B 225 9.06 -2.03 -15.86
N GLU B 226 9.02 -2.59 -14.64
CA GLU B 226 9.68 -3.86 -14.33
C GLU B 226 11.20 -3.79 -14.46
N THR B 227 11.81 -2.63 -14.18
CA THR B 227 13.26 -2.54 -14.14
C THR B 227 13.78 -3.24 -12.89
N PRO B 228 14.71 -4.21 -13.02
CA PRO B 228 15.24 -4.88 -11.81
C PRO B 228 16.28 -4.05 -11.10
N ILE B 229 15.86 -3.12 -10.27
CA ILE B 229 16.77 -2.29 -9.48
C ILE B 229 16.52 -2.59 -8.02
N ASP B 230 17.61 -2.72 -7.25
CA ASP B 230 17.51 -3.08 -5.85
C ASP B 230 17.65 -1.91 -4.90
N GLY B 231 18.43 -0.89 -5.24
CA GLY B 231 18.64 0.20 -4.29
C GLY B 231 19.17 1.46 -4.94
N ILE B 232 19.27 2.54 -4.14
CA ILE B 232 19.90 3.78 -4.57
C ILE B 232 21.22 3.93 -3.85
N GLY B 233 22.20 4.43 -4.57
CA GLY B 233 23.44 4.89 -4.02
C GLY B 233 23.30 6.38 -3.76
N ILE B 234 23.43 6.75 -2.49
CA ILE B 234 23.52 8.15 -2.06
C ILE B 234 25.01 8.45 -1.90
N GLN B 235 25.58 9.24 -2.81
CA GLN B 235 27.05 9.38 -2.81
C GLN B 235 27.52 10.01 -1.51
N ALA B 236 26.82 11.04 -1.00
CA ALA B 236 27.11 11.67 0.29
C ALA B 236 28.45 12.42 0.28
N HIS B 237 28.75 13.12 -0.82
CA HIS B 237 29.86 14.07 -0.86
C HIS B 237 29.37 15.34 -0.18
N TRP B 238 29.54 15.40 1.14
CA TRP B 238 28.97 16.46 1.96
C TRP B 238 30.06 17.39 2.49
N ASN B 239 29.65 18.39 3.26
CA ASN B 239 30.58 19.32 3.89
C ASN B 239 30.05 19.71 5.26
N ILE B 240 30.94 20.22 6.10
CA ILE B 240 30.60 20.46 7.50
C ILE B 240 29.70 21.67 7.73
N TRP B 241 29.40 22.45 6.69
CA TRP B 241 28.62 23.67 6.84
C TRP B 241 27.16 23.51 6.46
N ASP B 242 26.73 22.31 6.07
CA ASP B 242 25.43 22.11 5.42
C ASP B 242 24.36 21.93 6.49
N LYS B 243 23.63 23.01 6.82
CA LYS B 243 22.68 22.97 7.94
C LYS B 243 21.47 22.10 7.66
N ASN B 244 21.15 21.87 6.40
CA ASN B 244 19.98 21.10 6.00
C ASN B 244 20.28 19.62 5.83
N LEU B 245 21.54 19.22 6.01
CA LEU B 245 21.97 17.87 5.67
C LEU B 245 21.12 16.83 6.37
N ILE B 246 20.98 16.95 7.69
CA ILE B 246 20.33 15.92 8.48
C ILE B 246 18.87 15.76 8.05
N ASP B 247 18.16 16.88 7.88
CA ASP B 247 16.77 16.77 7.45
C ASP B 247 16.67 16.30 6.00
N ASN B 248 17.60 16.71 5.13
CA ASN B 248 17.59 16.20 3.75
C ASN B 248 17.77 14.70 3.75
N LEU B 249 18.77 14.24 4.52
CA LEU B 249 19.10 12.82 4.58
C LEU B 249 17.92 11.98 5.01
N LYS B 250 17.29 12.34 6.13
CA LYS B 250 16.16 11.54 6.61
C LYS B 250 15.02 11.53 5.61
N ARG B 251 14.71 12.67 5.03
CA ARG B 251 13.65 12.79 4.05
C ARG B 251 13.97 11.95 2.82
N ALA B 252 15.24 11.92 2.42
CA ALA B 252 15.63 11.16 1.23
C ALA B 252 15.54 9.66 1.48
N ILE B 253 16.03 9.21 2.63
CA ILE B 253 16.01 7.78 2.93
C ILE B 253 14.59 7.25 2.94
N GLU B 254 13.67 7.99 3.55
CA GLU B 254 12.29 7.52 3.64
C GLU B 254 11.62 7.51 2.28
N MET B 255 11.85 8.55 1.48
CA MET B 255 11.24 8.62 0.15
C MET B 255 11.72 7.47 -0.73
N TYR B 256 13.04 7.24 -0.78
CA TYR B 256 13.55 6.13 -1.57
C TYR B 256 13.12 4.78 -1.00
N ALA B 257 13.13 4.62 0.33
CA ALA B 257 12.73 3.35 0.94
C ALA B 257 11.28 3.01 0.64
N SER B 258 10.43 4.03 0.49
CA SER B 258 9.02 3.78 0.22
C SER B 258 8.81 3.06 -1.11
N LEU B 259 9.80 3.08 -1.99
CA LEU B 259 9.73 2.35 -3.26
C LEU B 259 10.21 0.91 -3.14
N GLY B 260 10.58 0.47 -1.94
CA GLY B 260 11.14 -0.84 -1.75
C GLY B 260 12.64 -0.94 -1.95
N LEU B 261 13.34 0.19 -2.17
CA LEU B 261 14.77 0.18 -2.45
C LEU B 261 15.63 0.13 -1.19
N GLU B 262 16.72 -0.63 -1.26
CA GLU B 262 17.82 -0.51 -0.30
C GLU B 262 18.51 0.84 -0.48
N ILE B 263 19.09 1.36 0.60
CA ILE B 263 19.94 2.54 0.53
C ILE B 263 21.37 2.09 0.79
N GLN B 264 22.31 2.55 -0.04
CA GLN B 264 23.72 2.49 0.31
C GLN B 264 24.30 3.89 0.21
N ILE B 265 25.02 4.28 1.26
CA ILE B 265 25.91 5.44 1.24
C ILE B 265 27.20 4.99 0.56
N THR B 266 27.46 5.54 -0.62
CA THR B 266 28.48 4.97 -1.50
C THR B 266 29.77 5.75 -1.54
N GLU B 267 29.77 7.06 -1.31
CA GLU B 267 31.01 7.80 -1.55
C GLU B 267 31.26 8.87 -0.49
N LEU B 268 30.98 8.54 0.77
CA LEU B 268 30.92 9.52 1.84
C LEU B 268 32.25 10.21 2.06
N ASP B 269 32.21 11.53 2.17
CA ASP B 269 33.33 12.29 2.71
C ASP B 269 32.78 13.63 3.18
N MET B 270 33.58 14.36 3.94
CA MET B 270 33.01 15.49 4.68
C MET B 270 33.96 16.69 4.55
N SER B 271 33.86 17.39 3.42
CA SER B 271 34.76 18.49 3.11
C SER B 271 34.66 19.60 4.15
N VAL B 272 35.79 20.29 4.36
CA VAL B 272 35.75 21.49 5.21
C VAL B 272 35.29 22.71 4.43
N PHE B 273 35.03 22.58 3.13
CA PHE B 273 34.61 23.68 2.28
C PHE B 273 33.18 23.44 1.77
N GLU B 274 32.35 24.47 1.86
CA GLU B 274 31.16 24.47 1.03
C GLU B 274 31.59 24.33 -0.43
N PHE B 275 30.68 23.82 -1.28
CA PHE B 275 31.14 23.42 -2.60
C PHE B 275 31.58 24.61 -3.45
N GLU B 276 30.85 25.73 -3.40
CA GLU B 276 31.27 26.93 -4.11
C GLU B 276 32.35 27.72 -3.38
N ASP B 277 32.86 27.25 -2.24
CA ASP B 277 33.97 27.90 -1.54
C ASP B 277 35.27 27.36 -2.13
N ARG B 278 35.93 28.17 -2.95
CA ARG B 278 37.06 27.69 -3.74
C ARG B 278 38.39 28.24 -3.24
N ARG B 279 38.44 28.68 -1.98
CA ARG B 279 39.67 29.24 -1.42
C ARG B 279 40.77 28.18 -1.42
N THR B 280 41.99 28.62 -1.75
CA THR B 280 43.15 27.74 -1.86
C THR B 280 44.20 28.02 -0.78
N ASP B 281 43.92 28.90 0.18
CA ASP B 281 44.97 29.36 1.09
C ASP B 281 45.20 28.45 2.28
N LEU B 282 44.25 27.58 2.63
CA LEU B 282 44.39 26.82 3.86
C LEU B 282 45.54 25.81 3.73
N LEU B 283 46.44 25.86 4.70
CA LEU B 283 47.53 24.91 4.86
C LEU B 283 47.20 23.81 5.85
N GLU B 284 46.25 24.06 6.73
CA GLU B 284 45.72 23.10 7.68
C GLU B 284 44.31 23.56 8.02
N PRO B 285 43.51 22.71 8.67
CA PRO B 285 42.14 23.14 8.99
C PRO B 285 42.14 24.33 9.96
N ALA B 286 41.22 25.26 9.75
CA ALA B 286 41.07 26.33 10.73
C ALA B 286 40.49 25.77 12.02
N GLU B 287 40.74 26.51 13.06
CA GLU B 287 40.44 26.15 14.41
C GLU B 287 39.16 25.40 14.72
N GLU B 288 38.10 25.78 14.06
CA GLU B 288 36.77 25.22 14.30
C GLU B 288 36.53 23.91 13.54
N MET B 289 37.28 23.64 12.48
CA MET B 289 36.82 22.73 11.44
C MET B 289 36.77 21.29 11.92
N MET B 290 37.84 20.80 12.56
CA MET B 290 37.89 19.38 12.90
C MET B 290 36.87 19.02 13.98
N GLU B 291 36.60 19.92 14.92
CA GLU B 291 35.58 19.67 15.93
C GLU B 291 34.19 19.69 15.32
N LEU B 292 33.94 20.66 14.44
CA LEU B 292 32.68 20.69 13.70
C LEU B 292 32.53 19.44 12.84
N GLN B 293 33.61 19.04 12.17
CA GLN B 293 33.56 17.80 11.39
C GLN B 293 33.15 16.61 12.25
N ALA B 294 33.71 16.53 13.46
CA ALA B 294 33.43 15.40 14.35
C ALA B 294 31.96 15.38 14.76
N LYS B 295 31.40 16.57 15.04
CA LYS B 295 29.98 16.64 15.41
C LYS B 295 29.08 16.30 14.23
N VAL B 296 29.41 16.75 13.02
CA VAL B 296 28.59 16.38 11.87
C VAL B 296 28.68 14.88 11.58
N TYR B 297 29.90 14.32 11.58
CA TYR B 297 30.02 12.87 11.36
C TYR B 297 29.24 12.10 12.42
N GLU B 298 29.29 12.56 13.66
CA GLU B 298 28.52 11.91 14.72
C GLU B 298 27.03 11.97 14.42
N ASP B 299 26.53 13.13 13.97
CA ASP B 299 25.11 13.28 13.69
C ASP B 299 24.67 12.38 12.54
N VAL B 300 25.46 12.35 11.45
CA VAL B 300 25.00 11.55 10.32
C VAL B 300 25.07 10.06 10.66
N PHE B 301 26.07 9.62 11.44
CA PHE B 301 26.12 8.19 11.75
C PHE B 301 25.03 7.80 12.75
N LYS B 302 24.58 8.74 13.58
CA LYS B 302 23.41 8.46 14.37
C LYS B 302 22.17 8.28 13.48
N VAL B 303 22.07 9.07 12.40
CA VAL B 303 21.01 8.85 11.41
C VAL B 303 21.19 7.50 10.72
N PHE B 304 22.44 7.14 10.35
CA PHE B 304 22.68 5.86 9.70
C PHE B 304 22.22 4.70 10.58
N ARG B 305 22.57 4.74 11.87
CA ARG B 305 22.18 3.67 12.77
C ARG B 305 20.67 3.62 12.96
N GLU B 306 19.99 4.77 12.93
CA GLU B 306 18.53 4.78 13.01
C GLU B 306 17.89 4.13 11.79
N TYR B 307 18.55 4.15 10.64
CA TYR B 307 18.00 3.54 9.43
C TYR B 307 18.75 2.27 9.05
N LYS B 308 19.34 1.61 10.04
CA LYS B 308 20.10 0.37 9.92
C LYS B 308 19.44 -0.68 9.01
N GLY B 309 18.14 -0.89 9.12
CA GLY B 309 17.52 -1.89 8.24
C GLY B 309 17.59 -1.51 6.77
N VAL B 310 17.30 -0.26 6.45
CA VAL B 310 17.15 0.15 5.06
C VAL B 310 18.51 0.45 4.43
N ILE B 311 19.47 0.95 5.22
CA ILE B 311 20.85 1.17 4.78
C ILE B 311 21.65 -0.11 5.00
N THR B 312 22.27 -0.62 3.93
CA THR B 312 22.97 -1.89 4.03
C THR B 312 24.49 -1.77 3.90
N SER B 313 25.01 -0.60 3.53
CA SER B 313 26.45 -0.43 3.37
C SER B 313 26.77 1.05 3.36
N VAL B 314 27.87 1.42 4.00
CA VAL B 314 28.32 2.82 4.07
C VAL B 314 29.79 2.82 3.67
N THR B 315 30.11 3.50 2.56
CA THR B 315 31.46 3.54 2.05
C THR B 315 31.98 4.98 2.10
N PHE B 316 33.20 5.15 2.62
CA PHE B 316 33.89 6.44 2.55
C PHE B 316 34.62 6.53 1.21
N TRP B 317 34.63 7.74 0.63
CA TRP B 317 35.39 7.91 -0.60
C TRP B 317 36.86 8.21 -0.28
N GLY B 318 37.49 7.22 0.36
CA GLY B 318 38.90 7.29 0.67
C GLY B 318 39.17 6.66 2.02
N ILE B 319 40.43 6.60 2.43
CA ILE B 319 40.82 6.00 3.70
C ILE B 319 41.24 7.06 4.70
N SER B 320 42.29 7.82 4.39
CA SER B 320 42.78 8.88 5.26
C SER B 320 42.91 10.19 4.49
N ASP B 321 43.04 11.27 5.24
CA ASP B 321 43.22 12.60 4.64
C ASP B 321 44.48 12.68 3.81
N LYS B 322 45.43 11.73 3.97
CA LYS B 322 46.60 11.70 3.10
C LYS B 322 46.22 11.54 1.63
N HIS B 323 45.11 10.86 1.33
CA HIS B 323 44.81 10.50 -0.07
C HIS B 323 43.31 10.71 -0.32
N THR B 324 42.94 11.90 -0.78
CA THR B 324 41.53 12.18 -1.09
C THR B 324 41.42 12.92 -2.41
N TRP B 325 40.41 12.57 -3.18
CA TRP B 325 40.14 13.30 -4.40
C TRP B 325 39.79 14.75 -4.11
N LYS B 326 39.44 15.09 -2.86
CA LYS B 326 39.01 16.45 -2.58
C LYS B 326 40.16 17.45 -2.65
N ASP B 327 41.41 16.99 -2.72
CA ASP B 327 42.54 17.92 -2.75
C ASP B 327 42.63 18.64 -4.07
N ASN B 328 42.09 18.04 -5.13
CA ASN B 328 42.13 18.61 -6.47
C ASN B 328 40.73 18.82 -7.06
N PHE B 329 39.67 18.50 -6.32
CA PHE B 329 38.32 18.72 -6.83
C PHE B 329 37.44 19.30 -5.73
N PRO B 330 36.73 20.42 -6.00
CA PRO B 330 36.61 21.08 -7.30
C PRO B 330 37.70 22.11 -7.63
N VAL B 331 38.75 22.21 -6.80
CA VAL B 331 39.86 23.14 -7.03
C VAL B 331 41.15 22.36 -7.13
N ILE B 332 41.87 22.57 -8.23
CA ILE B 332 43.19 21.96 -8.41
C ILE B 332 44.16 22.53 -7.37
N GLY B 333 44.89 21.63 -6.71
CA GLY B 333 46.08 22.05 -5.97
C GLY B 333 45.85 22.60 -4.58
N ARG B 334 44.77 22.22 -3.91
CA ARG B 334 44.66 22.63 -2.53
C ARG B 334 44.73 21.40 -1.63
N LYS B 335 44.34 21.57 -0.37
CA LYS B 335 44.25 20.46 0.57
C LYS B 335 42.88 20.46 1.23
N ASP B 336 42.27 19.29 1.32
CA ASP B 336 41.04 19.07 2.08
C ASP B 336 41.33 18.00 3.13
N TRP B 337 40.49 17.93 4.16
CA TRP B 337 40.66 16.93 5.23
C TRP B 337 39.31 16.27 5.53
N PRO B 338 38.81 15.46 4.60
CA PRO B 338 37.39 15.04 4.64
C PRO B 338 37.07 13.69 5.28
N LEU B 339 38.05 12.93 5.78
CA LEU B 339 37.84 11.53 6.08
C LEU B 339 38.02 11.26 7.58
N LEU B 340 37.94 9.98 7.96
CA LEU B 340 38.02 9.59 9.36
C LEU B 340 39.44 9.49 9.89
N PHE B 341 40.44 9.24 9.05
CA PHE B 341 41.82 9.14 9.49
C PHE B 341 42.62 10.32 8.95
N ASP B 342 43.55 10.84 9.75
CA ASP B 342 44.20 12.09 9.38
C ASP B 342 45.37 11.85 8.42
N VAL B 343 46.09 12.93 8.09
CA VAL B 343 47.19 12.88 7.13
C VAL B 343 48.32 11.96 7.57
N ASN B 344 48.36 11.58 8.85
CA ASN B 344 49.34 10.63 9.36
C ASN B 344 48.76 9.21 9.44
N GLY B 345 47.55 9.01 8.94
CA GLY B 345 46.89 7.73 9.10
C GLY B 345 46.36 7.44 10.49
N LYS B 346 46.22 8.46 11.35
CA LYS B 346 45.72 8.21 12.70
C LYS B 346 44.25 8.64 12.81
N PRO B 347 43.48 7.97 13.65
CA PRO B 347 42.04 8.27 13.71
C PRO B 347 41.78 9.64 14.28
N LYS B 348 40.82 10.35 13.68
CA LYS B 348 40.49 11.69 14.14
C LYS B 348 39.38 11.63 15.19
N GLU B 349 39.09 12.79 15.80
CA GLU B 349 37.93 12.87 16.70
C GLU B 349 36.64 12.39 16.02
N ALA B 350 36.52 12.59 14.71
CA ALA B 350 35.36 12.07 14.00
C ALA B 350 35.23 10.56 14.16
N PHE B 351 36.36 9.85 14.05
CA PHE B 351 36.35 8.40 14.24
C PHE B 351 35.87 8.04 15.65
N PHE B 352 36.41 8.71 16.66
CA PHE B 352 36.07 8.30 18.02
C PHE B 352 34.61 8.61 18.34
N ARG B 353 34.04 9.63 17.71
CA ARG B 353 32.65 9.95 18.01
C ARG B 353 31.70 8.92 17.40
N ILE B 354 31.95 8.45 16.17
CA ILE B 354 31.02 7.51 15.56
C ILE B 354 31.18 6.08 16.05
N VAL B 355 32.16 5.80 16.91
CA VAL B 355 32.32 4.47 17.51
C VAL B 355 31.82 4.42 18.96
N ASN B 356 31.39 5.56 19.50
CA ASN B 356 30.94 5.62 20.90
C ASN B 356 29.41 5.55 20.96
N PHE B 357 28.89 4.34 20.90
CA PHE B 357 27.44 4.15 21.06
C PHE B 357 27.16 2.78 21.67
N ILE C 29 13.10 28.81 36.20
CA ILE C 29 14.17 28.26 37.01
C ILE C 29 15.31 29.25 37.10
N PRO C 30 15.81 29.51 38.31
CA PRO C 30 16.90 30.47 38.48
C PRO C 30 18.25 29.86 38.16
N SER C 31 19.19 30.74 37.84
CA SER C 31 20.57 30.33 37.58
C SER C 31 21.26 29.94 38.89
N LEU C 32 21.87 28.76 38.92
CA LEU C 32 22.62 28.33 40.10
C LEU C 32 23.69 29.35 40.47
N ALA C 33 24.55 29.70 39.50
CA ALA C 33 25.63 30.66 39.74
C ALA C 33 25.09 31.99 40.25
N GLU C 34 23.98 32.47 39.69
CA GLU C 34 23.42 33.75 40.13
C GLU C 34 22.90 33.66 41.57
N LYS C 35 22.17 32.60 41.89
CA LYS C 35 21.67 32.42 43.25
C LYS C 35 22.81 32.40 44.27
N TYR C 36 24.00 31.95 43.85
CA TYR C 36 25.15 31.80 44.73
C TYR C 36 26.22 32.87 44.54
N LYS C 37 25.89 33.96 43.82
CA LYS C 37 26.87 34.97 43.43
C LYS C 37 27.57 35.61 44.64
N GLU C 38 26.87 35.74 45.77
CA GLU C 38 27.45 36.38 46.95
C GLU C 38 28.12 35.38 47.89
N TYR C 39 28.20 34.12 47.47
CA TYR C 39 28.78 33.07 48.30
C TYR C 39 30.05 32.51 47.69
N PHE C 40 29.99 31.97 46.48
CA PHE C 40 31.16 31.35 45.86
C PHE C 40 30.82 31.03 44.40
N LYS C 41 31.87 30.76 43.61
CA LYS C 41 31.63 30.35 42.23
C LYS C 41 30.94 28.98 42.17
N ILE C 42 30.26 28.73 41.06
CA ILE C 42 29.58 27.46 40.80
C ILE C 42 30.16 26.88 39.51
N GLY C 43 30.82 25.72 39.60
CA GLY C 43 31.55 25.14 38.50
C GLY C 43 31.10 23.74 38.11
N ALA C 44 31.54 23.32 36.92
CA ALA C 44 31.29 21.96 36.47
C ALA C 44 32.51 21.44 35.69
N ALA C 45 32.81 20.16 35.87
CA ALA C 45 33.77 19.47 35.02
C ALA C 45 33.21 19.27 33.61
N VAL C 46 34.06 19.48 32.58
CA VAL C 46 33.58 19.36 31.21
C VAL C 46 34.59 18.64 30.32
N THR C 47 34.04 17.97 29.31
CA THR C 47 34.75 17.54 28.12
C THR C 47 34.31 18.44 26.98
N VAL C 48 34.93 18.26 25.81
CA VAL C 48 34.60 19.08 24.65
C VAL C 48 33.12 18.97 24.32
N LYS C 49 32.58 17.76 24.32
CA LYS C 49 31.19 17.59 23.92
C LYS C 49 30.24 18.29 24.87
N ASP C 50 30.64 18.48 26.13
CA ASP C 50 29.81 19.19 27.10
C ASP C 50 29.56 20.64 26.69
N LEU C 51 30.35 21.19 25.77
CA LEU C 51 30.13 22.56 25.31
C LEU C 51 29.03 22.67 24.24
N GLU C 52 28.43 21.55 23.83
CA GLU C 52 27.39 21.55 22.80
C GLU C 52 26.05 21.16 23.40
N GLY C 53 24.98 21.46 22.66
CA GLY C 53 23.68 20.88 22.96
C GLY C 53 23.11 21.31 24.30
N VAL C 54 22.35 20.40 24.93
CA VAL C 54 21.70 20.69 26.21
C VAL C 54 22.74 21.04 27.27
N HIS C 55 23.86 20.31 27.32
CA HIS C 55 24.88 20.56 28.34
C HIS C 55 25.49 21.95 28.18
N GLY C 56 25.77 22.36 26.94
CA GLY C 56 26.21 23.73 26.71
C GLY C 56 25.23 24.77 27.22
N GLU C 57 23.93 24.56 26.96
CA GLU C 57 22.93 25.52 27.44
C GLU C 57 22.88 25.57 28.96
N ILE C 58 22.97 24.40 29.61
CA ILE C 58 23.03 24.37 31.07
C ILE C 58 24.26 25.11 31.59
N LEU C 59 25.41 24.92 30.94
CA LEU C 59 26.62 25.65 31.36
C LEU C 59 26.40 27.14 31.28
N VAL C 60 25.92 27.62 30.12
CA VAL C 60 25.73 29.05 29.90
C VAL C 60 24.78 29.65 30.94
N LYS C 61 23.76 28.88 31.32
CA LYS C 61 22.78 29.41 32.27
C LYS C 61 23.25 29.32 33.72
N HIS C 62 23.88 28.19 34.11
CA HIS C 62 24.00 27.83 35.52
C HIS C 62 25.40 27.93 36.12
N PHE C 63 26.46 27.97 35.33
CA PHE C 63 27.81 27.85 35.88
C PHE C 63 28.66 29.02 35.46
N ASN C 64 29.46 29.55 36.39
CA ASN C 64 30.46 30.56 36.06
C ASN C 64 31.88 30.03 36.19
N SER C 65 32.04 28.71 36.31
CA SER C 65 33.38 28.14 36.35
C SER C 65 33.35 26.78 35.66
N LEU C 66 34.47 26.38 35.05
CA LEU C 66 34.54 25.08 34.38
C LEU C 66 35.93 24.44 34.51
N THR C 67 35.96 23.17 34.90
CA THR C 67 37.23 22.45 35.04
C THR C 67 37.35 21.47 33.89
N PRO C 68 38.42 21.49 33.10
CA PRO C 68 38.63 20.41 32.13
C PRO C 68 38.78 19.09 32.87
N GLU C 69 37.85 18.17 32.60
CA GLU C 69 37.78 16.93 33.38
C GLU C 69 38.99 16.05 33.16
N ASN C 70 39.48 15.96 31.92
CA ASN C 70 40.58 15.10 31.55
C ASN C 70 41.66 15.79 30.74
N ASP C 71 41.32 16.83 29.97
CA ASP C 71 42.23 17.35 28.96
C ASP C 71 43.39 18.17 29.51
N MET C 72 43.47 18.41 30.82
CA MET C 72 44.66 19.03 31.38
C MET C 72 45.48 18.09 32.26
N LYS C 73 45.09 16.83 32.37
CA LYS C 73 46.02 15.85 32.93
C LYS C 73 47.30 15.87 32.11
N PHE C 74 48.43 15.70 32.79
CA PHE C 74 49.74 15.70 32.13
C PHE C 74 49.74 14.80 30.89
N GLU C 75 49.20 13.57 31.02
CA GLU C 75 49.29 12.61 29.94
C GLU C 75 48.37 12.95 28.77
N ARG C 76 47.42 13.85 28.98
CA ARG C 76 46.61 14.31 27.86
C ARG C 76 47.20 15.57 27.23
N ILE C 77 47.52 16.57 28.05
CA ILE C 77 48.00 17.85 27.53
C ILE C 77 49.46 17.80 27.13
N HIS C 78 50.21 16.79 27.57
CA HIS C 78 51.66 16.70 27.28
C HIS C 78 52.07 15.24 27.07
N PRO C 79 51.54 14.59 26.04
CA PRO C 79 51.76 13.13 25.88
C PRO C 79 53.18 12.72 25.51
N ASP C 80 53.91 13.53 24.76
CA ASP C 80 55.28 13.18 24.38
C ASP C 80 56.19 14.34 24.71
N GLU C 81 57.50 14.04 24.73
CA GLU C 81 58.45 15.04 25.20
C GLU C 81 58.33 16.33 24.42
N HIS C 82 58.23 16.25 23.09
CA HIS C 82 58.18 17.41 22.22
C HIS C 82 56.78 17.70 21.68
N ARG C 83 55.78 17.18 22.34
CA ARG C 83 54.43 17.43 21.90
C ARG C 83 53.39 17.63 22.97
N TYR C 84 52.80 18.80 22.92
CA TYR C 84 51.65 19.17 23.72
C TYR C 84 50.36 19.04 22.90
N ASN C 85 49.23 18.92 23.61
CA ASN C 85 47.92 18.85 22.97
C ASN C 85 47.00 19.85 23.67
N PHE C 86 46.81 21.02 23.06
CA PHE C 86 46.06 22.11 23.66
C PHE C 86 44.65 22.24 23.07
N ASP C 87 44.33 21.42 22.07
CA ASP C 87 43.13 21.60 21.27
C ASP C 87 41.88 21.71 22.13
N ALA C 88 41.62 20.69 22.95
CA ALA C 88 40.40 20.67 23.74
C ALA C 88 40.39 21.79 24.79
N VAL C 89 41.51 22.02 25.47
CA VAL C 89 41.52 23.06 26.51
C VAL C 89 41.35 24.45 25.89
N ASP C 90 41.90 24.68 24.69
CA ASP C 90 41.67 25.95 24.01
C ASP C 90 40.18 26.19 23.79
N LYS C 91 39.45 25.16 23.38
CA LYS C 91 38.03 25.32 23.14
C LYS C 91 37.30 25.69 24.44
N MET C 92 37.67 25.05 25.55
CA MET C 92 37.07 25.39 26.84
C MET C 92 37.40 26.81 27.27
N LYS C 93 38.64 27.25 27.01
CA LYS C 93 38.98 28.63 27.36
C LYS C 93 38.19 29.60 26.49
N GLU C 94 38.14 29.34 25.17
CA GLU C 94 37.29 30.11 24.27
C GLU C 94 35.86 30.18 24.81
N PHE C 95 35.28 29.03 25.14
CA PHE C 95 33.91 28.99 25.63
C PHE C 95 33.73 29.83 26.89
N ALA C 96 34.68 29.72 27.83
CA ALA C 96 34.55 30.43 29.10
C ALA C 96 34.64 31.94 28.92
N ILE C 97 35.46 32.40 27.98
CA ILE C 97 35.58 33.84 27.71
C ILE C 97 34.27 34.39 27.17
N LYS C 98 33.73 33.74 26.13
CA LYS C 98 32.48 34.19 25.54
C LYS C 98 31.33 34.16 26.54
N ASN C 99 31.34 33.23 27.48
CA ASN C 99 30.20 33.04 28.36
C ASN C 99 30.47 33.48 29.79
N ASN C 100 31.44 34.37 29.98
CA ASN C 100 31.74 34.98 31.28
C ASN C 100 31.99 33.92 32.36
N MET C 101 32.83 32.95 32.04
CA MET C 101 33.25 31.96 33.02
C MET C 101 34.76 32.05 33.22
N LYS C 102 35.21 31.42 34.30
CA LYS C 102 36.63 31.20 34.52
C LYS C 102 36.86 29.70 34.71
N MET C 103 38.15 29.33 34.81
CA MET C 103 38.59 27.94 34.73
C MET C 103 39.44 27.57 35.94
N ARG C 104 39.31 26.32 36.36
CA ARG C 104 40.24 25.71 37.30
C ARG C 104 41.20 24.82 36.53
N GLY C 105 42.48 24.84 36.87
CA GLY C 105 43.46 24.01 36.22
C GLY C 105 43.60 22.66 36.89
N HIS C 106 43.39 21.59 36.16
CA HIS C 106 43.42 20.25 36.70
C HIS C 106 44.21 19.31 35.81
N THR C 107 45.47 19.01 36.08
CA THR C 107 46.21 19.03 37.31
C THR C 107 47.69 18.75 36.95
N PHE C 108 48.62 19.39 37.63
CA PHE C 108 50.02 19.22 37.29
C PHE C 108 50.68 17.89 37.69
N VAL C 109 50.60 17.55 38.95
CA VAL C 109 51.28 16.38 39.53
C VAL C 109 50.24 15.47 40.14
N TRP C 110 50.05 14.30 39.53
CA TRP C 110 48.96 13.40 39.91
C TRP C 110 49.39 11.98 39.59
N HIS C 111 49.36 11.12 40.62
CA HIS C 111 49.79 9.73 40.45
C HIS C 111 49.03 9.07 39.30
N ASN C 112 49.78 8.29 38.51
CA ASN C 112 49.30 7.50 37.36
C ASN C 112 48.82 8.35 36.19
N GLN C 113 49.02 9.67 36.22
CA GLN C 113 48.61 10.51 35.11
C GLN C 113 49.78 11.17 34.39
N THR C 114 51.03 10.80 34.73
CA THR C 114 52.21 11.36 34.08
C THR C 114 52.77 10.36 33.10
N PRO C 115 52.98 10.73 31.85
CA PRO C 115 53.45 9.74 30.88
C PRO C 115 54.85 9.25 31.20
N GLU C 116 55.15 8.10 30.62
CA GLU C 116 56.38 7.36 30.88
C GLU C 116 57.63 8.19 30.54
N TRP C 117 57.61 8.91 29.40
CA TRP C 117 58.81 9.63 28.97
C TRP C 117 59.35 10.60 30.02
N VAL C 118 58.48 11.15 30.87
CA VAL C 118 58.92 12.22 31.77
C VAL C 118 60.02 11.72 32.70
N PHE C 119 59.91 10.48 33.18
CA PHE C 119 60.81 9.97 34.19
C PHE C 119 62.04 9.29 33.61
N LYS C 120 62.13 9.06 32.33
CA LYS C 120 63.25 8.34 31.77
C LYS C 120 64.27 9.21 31.02
N ASP C 121 65.52 8.79 30.99
CA ASP C 121 66.60 9.48 30.30
C ASP C 121 67.00 8.96 28.94
N ARG C 122 68.00 9.61 28.37
CA ARG C 122 68.62 9.34 27.06
C ARG C 122 68.69 7.84 26.95
N GLU C 123 69.39 7.22 27.89
CA GLU C 123 69.59 5.78 27.94
C GLU C 123 68.45 4.89 28.47
N GLY C 124 67.37 5.48 28.97
CA GLY C 124 66.23 4.71 29.44
C GLY C 124 66.35 4.16 30.85
N ASN C 125 66.83 4.96 31.80
CA ASN C 125 66.69 4.71 33.20
C ASN C 125 66.18 5.96 33.92
N ASP C 126 65.99 5.88 35.22
CA ASP C 126 65.54 7.04 35.95
C ASP C 126 66.26 8.29 35.63
N VAL C 127 65.53 9.28 35.21
CA VAL C 127 66.12 10.60 35.06
C VAL C 127 66.67 11.09 36.41
N SER C 128 67.54 12.10 36.34
CA SER C 128 68.11 12.66 37.56
C SER C 128 67.14 13.60 38.25
N ARG C 129 67.43 13.89 39.52
CA ARG C 129 66.63 14.84 40.29
C ARG C 129 66.49 16.18 39.56
N GLU C 130 67.62 16.73 39.08
CA GLU C 130 67.60 18.08 38.54
C GLU C 130 66.88 18.13 37.19
N LEU C 131 66.99 17.06 36.40
CA LEU C 131 66.30 17.02 35.12
C LEU C 131 64.79 16.87 35.31
N LEU C 132 64.36 16.06 36.29
CA LEU C 132 62.93 15.94 36.55
C LEU C 132 62.34 17.28 36.99
N ILE C 133 63.06 18.00 37.85
CA ILE C 133 62.58 19.33 38.26
C ILE C 133 62.43 20.23 37.03
N GLU C 134 63.43 20.21 36.14
CA GLU C 134 63.39 21.09 34.97
C GLU C 134 62.26 20.70 34.01
N ARG C 135 62.03 19.40 33.84
CA ARG C 135 60.90 18.96 33.02
C ARG C 135 59.58 19.41 33.64
N LEU C 136 59.45 19.30 34.97
CA LEU C 136 58.26 19.84 35.60
C LEU C 136 58.16 21.35 35.40
N ARG C 137 59.28 22.06 35.52
CA ARG C 137 59.26 23.52 35.35
C ARG C 137 58.80 23.90 33.95
N GLU C 138 59.36 23.27 32.91
CA GLU C 138 58.97 23.62 31.54
C GLU C 138 57.51 23.25 31.28
N HIS C 139 57.04 22.15 31.87
CA HIS C 139 55.63 21.77 31.70
C HIS C 139 54.71 22.80 32.33
N ILE C 140 54.96 23.15 33.60
CA ILE C 140 54.10 24.09 34.29
C ILE C 140 54.19 25.46 33.63
N LYS C 141 55.38 25.85 33.16
CA LYS C 141 55.52 27.16 32.54
C LYS C 141 54.71 27.24 31.25
N THR C 142 54.78 26.19 30.42
CA THR C 142 54.03 26.19 29.17
C THR C 142 52.53 26.28 29.43
N VAL C 143 52.00 25.43 30.33
CA VAL C 143 50.56 25.42 30.54
C VAL C 143 50.10 26.70 31.20
N CYS C 144 50.87 27.20 32.17
CA CYS C 144 50.48 28.43 32.85
C CYS C 144 50.50 29.62 31.88
N ASP C 145 51.59 29.76 31.11
CA ASP C 145 51.68 30.84 30.12
C ASP C 145 50.43 30.88 29.23
N ARG C 146 49.93 29.72 28.82
CA ARG C 146 48.82 29.71 27.87
C ARG C 146 47.48 30.02 28.54
N TYR C 147 47.29 29.65 29.81
CA TYR C 147 45.96 29.68 30.38
C TYR C 147 45.80 30.55 31.61
N ARG C 148 46.86 31.26 32.03
CA ARG C 148 46.79 32.06 33.25
C ARG C 148 45.77 33.17 33.14
N ASP C 149 45.42 33.60 31.93
CA ASP C 149 44.40 34.62 31.77
C ASP C 149 43.00 34.11 32.15
N ILE C 150 42.78 32.81 32.09
CA ILE C 150 41.44 32.25 32.31
C ILE C 150 41.36 31.41 33.59
N VAL C 151 42.49 30.96 34.12
CA VAL C 151 42.51 30.03 35.25
C VAL C 151 42.62 30.83 36.54
N TYR C 152 41.64 30.67 37.43
CA TYR C 152 41.70 31.34 38.73
C TYR C 152 42.27 30.46 39.84
N ALA C 153 42.42 29.15 39.61
CA ALA C 153 42.85 28.21 40.64
C ALA C 153 43.49 27.01 39.97
N TRP C 154 44.66 26.58 40.46
CA TRP C 154 45.35 25.41 39.94
C TRP C 154 45.41 24.31 40.99
N ASP C 155 44.97 23.11 40.64
CA ASP C 155 45.32 21.93 41.41
C ASP C 155 46.77 21.60 41.03
N VAL C 156 47.72 22.08 41.81
CA VAL C 156 49.14 21.88 41.47
C VAL C 156 49.56 20.44 41.73
N VAL C 157 49.21 19.91 42.90
CA VAL C 157 49.50 18.53 43.27
C VAL C 157 48.19 17.90 43.69
N ASN C 158 47.94 16.67 43.23
CA ASN C 158 46.67 16.00 43.44
C ASN C 158 46.92 14.63 44.04
N GLU C 159 46.29 14.35 45.19
CA GLU C 159 46.27 13.01 45.81
C GLU C 159 47.67 12.47 46.11
N ALA C 160 48.55 13.36 46.61
CA ALA C 160 49.86 12.90 47.05
C ALA C 160 49.75 12.16 48.39
N VAL C 161 48.79 12.55 49.23
CA VAL C 161 48.63 11.94 50.54
C VAL C 161 48.34 10.46 50.42
N GLU C 162 49.02 9.66 51.23
CA GLU C 162 48.82 8.22 51.24
C GLU C 162 47.39 7.89 51.67
N ASP C 163 46.74 6.97 50.93
CA ASP C 163 45.37 6.60 51.26
C ASP C 163 45.26 5.26 51.98
N LYS C 164 46.07 4.26 51.64
CA LYS C 164 45.85 2.92 52.19
C LYS C 164 46.42 2.74 53.60
N THR C 165 47.56 3.36 53.90
CA THR C 165 48.20 3.15 55.20
C THR C 165 48.24 4.44 56.03
N GLU C 166 48.90 4.32 57.18
CA GLU C 166 49.15 5.39 58.14
C GLU C 166 50.16 6.42 57.64
N LYS C 167 51.00 6.08 56.67
CA LYS C 167 52.05 6.99 56.24
C LYS C 167 51.47 8.26 55.63
N LEU C 168 52.33 9.27 55.50
CA LEU C 168 51.90 10.58 54.99
C LEU C 168 51.71 10.56 53.48
N LEU C 169 52.69 10.05 52.74
CA LEU C 169 52.79 10.23 51.30
C LEU C 169 52.82 8.89 50.59
N ARG C 170 52.17 8.83 49.43
CA ARG C 170 52.32 7.69 48.54
C ARG C 170 53.75 7.60 48.03
N ASP C 171 54.16 6.38 47.70
CA ASP C 171 55.36 6.22 46.90
C ASP C 171 55.04 6.60 45.48
N SER C 172 55.98 7.27 44.82
CA SER C 172 55.75 7.68 43.45
C SER C 172 57.08 7.90 42.76
N ASN C 173 57.02 7.92 41.43
CA ASN C 173 58.19 8.26 40.62
C ASN C 173 58.77 9.62 41.02
N TRP C 174 57.88 10.62 41.18
CA TRP C 174 58.33 11.93 41.66
C TRP C 174 59.09 11.81 42.96
N ARG C 175 58.51 11.08 43.91
CA ARG C 175 59.13 11.01 45.23
C ARG C 175 60.43 10.24 45.17
N ARG C 176 60.51 9.19 44.35
CA ARG C 176 61.75 8.43 44.26
C ARG C 176 62.88 9.26 43.67
N ILE C 177 62.59 10.06 42.65
CA ILE C 177 63.64 10.77 41.93
C ILE C 177 64.02 12.07 42.64
N ILE C 178 63.01 12.86 43.05
CA ILE C 178 63.26 14.15 43.68
C ILE C 178 63.33 14.05 45.20
N GLY C 179 62.48 13.22 45.79
CA GLY C 179 62.32 13.20 47.24
C GLY C 179 61.10 13.97 47.65
N ASP C 180 60.92 14.07 48.98
CA ASP C 180 59.72 14.69 49.55
C ASP C 180 59.54 16.12 49.08
N ASP C 181 60.60 16.75 48.58
CA ASP C 181 60.58 18.15 48.14
C ASP C 181 59.79 18.36 46.86
N TYR C 182 59.45 17.29 46.13
CA TYR C 182 58.72 17.48 44.87
C TYR C 182 57.43 18.29 45.07
N ILE C 183 56.79 18.17 46.23
CA ILE C 183 55.53 18.89 46.44
C ILE C 183 55.79 20.39 46.54
N LYS C 184 56.69 20.78 47.45
CA LYS C 184 57.03 22.19 47.60
C LYS C 184 57.54 22.77 46.29
N ILE C 185 58.40 22.01 45.59
CA ILE C 185 58.94 22.50 44.32
C ILE C 185 57.84 22.73 43.31
N ALA C 186 56.87 21.80 43.25
CA ALA C 186 55.78 22.00 42.31
C ALA C 186 55.04 23.30 42.60
N PHE C 187 54.80 23.60 43.88
CA PHE C 187 54.09 24.85 44.20
C PHE C 187 54.93 26.07 43.88
N GLU C 188 56.23 26.02 44.20
CA GLU C 188 57.12 27.14 43.90
C GLU C 188 57.14 27.44 42.41
N ILE C 189 57.15 26.38 41.59
CA ILE C 189 57.16 26.56 40.15
C ILE C 189 55.85 27.16 39.67
N ALA C 190 54.72 26.64 40.16
CA ALA C 190 53.43 27.22 39.78
C ALA C 190 53.33 28.66 40.24
N LYS C 191 53.82 28.96 41.45
CA LYS C 191 53.80 30.33 41.94
C LYS C 191 54.50 31.28 40.98
N GLU C 192 55.57 30.81 40.34
CA GLU C 192 56.35 31.68 39.45
C GLU C 192 55.55 32.06 38.21
N TYR C 193 54.68 31.17 37.73
CA TYR C 193 54.07 31.36 36.43
C TYR C 193 52.56 31.52 36.44
N ALA C 194 51.88 31.31 37.57
CA ALA C 194 50.43 31.33 37.56
C ALA C 194 49.84 32.74 37.55
N GLY C 195 50.67 33.78 37.57
CA GLY C 195 50.13 35.13 37.66
C GLY C 195 49.23 35.32 38.88
N GLU C 196 47.96 35.63 38.69
CA GLU C 196 47.02 35.76 39.82
C GLU C 196 46.33 34.47 40.21
N GLY C 197 46.51 33.39 39.46
CA GLY C 197 45.86 32.14 39.84
C GLY C 197 46.34 31.69 41.21
N LYS C 198 45.42 31.09 41.98
CA LYS C 198 45.72 30.55 43.29
C LYS C 198 46.08 29.07 43.19
N LEU C 199 46.82 28.59 44.18
CA LEU C 199 47.45 27.27 44.12
C LEU C 199 46.84 26.35 45.17
N PHE C 200 46.33 25.20 44.73
CA PHE C 200 45.64 24.28 45.60
C PHE C 200 46.35 22.93 45.65
N TYR C 201 46.32 22.32 46.84
CA TYR C 201 46.51 20.88 46.99
C TYR C 201 45.12 20.24 46.98
N ASN C 202 44.92 19.21 46.15
CA ASN C 202 43.59 18.62 45.92
C ASN C 202 43.59 17.15 46.31
N ASP C 203 42.48 16.67 46.89
CA ASP C 203 42.44 15.27 47.33
C ASP C 203 41.00 14.83 47.60
N TYR C 204 40.81 13.51 47.71
CA TYR C 204 39.53 12.91 48.09
C TYR C 204 39.59 12.35 49.50
N ASN C 205 38.39 12.24 50.11
CA ASN C 205 38.23 11.78 51.49
C ASN C 205 39.05 12.60 52.48
N ASN C 206 39.44 13.82 52.11
CA ASN C 206 40.28 14.57 53.04
C ASN C 206 39.47 15.23 54.12
N GLU C 207 38.16 14.95 54.19
CA GLU C 207 37.36 15.34 55.35
C GLU C 207 37.23 14.23 56.39
N MET C 208 37.54 13.00 56.00
CA MET C 208 37.39 11.85 56.90
C MET C 208 38.42 11.83 58.02
N PRO C 209 38.13 11.10 59.09
CA PRO C 209 39.09 11.03 60.20
C PRO C 209 40.38 10.32 59.85
N TYR C 210 40.33 9.26 59.04
CA TYR C 210 41.56 8.55 58.73
C TYR C 210 42.55 9.40 57.94
N LYS C 211 42.08 10.49 57.33
CA LYS C 211 42.91 11.24 56.39
C LYS C 211 43.03 12.72 56.74
N LEU C 212 42.13 13.27 57.55
CA LEU C 212 42.09 14.73 57.75
C LEU C 212 43.32 15.21 58.51
N GLU C 213 43.59 14.59 59.67
CA GLU C 213 44.67 15.05 60.52
C GLU C 213 46.01 14.93 59.79
N LYS C 214 46.24 13.77 59.17
CA LYS C 214 47.47 13.53 58.40
C LYS C 214 47.63 14.58 57.29
N THR C 215 46.56 14.86 56.56
CA THR C 215 46.65 15.89 55.52
C THR C 215 46.90 17.26 56.14
N TYR C 216 46.23 17.56 57.25
CA TYR C 216 46.50 18.81 57.95
C TYR C 216 47.97 18.93 58.30
N LYS C 217 48.57 17.85 58.83
CA LYS C 217 49.98 17.89 59.23
C LYS C 217 50.88 18.18 58.05
N LEU C 218 50.65 17.49 56.93
CA LEU C 218 51.37 17.76 55.69
C LEU C 218 51.30 19.24 55.31
N LEU C 219 50.08 19.79 55.25
CA LEU C 219 49.93 21.17 54.79
C LEU C 219 50.62 22.13 55.75
N LYS C 220 50.56 21.86 57.05
CA LYS C 220 51.26 22.72 58.01
C LYS C 220 52.77 22.67 57.76
N GLU C 221 53.31 21.48 57.52
CA GLU C 221 54.73 21.34 57.23
C GLU C 221 55.12 22.12 55.97
N LEU C 222 54.29 22.07 54.94
CA LEU C 222 54.60 22.83 53.72
C LEU C 222 54.60 24.33 54.01
N ILE C 223 53.55 24.82 54.69
CA ILE C 223 53.43 26.24 55.01
C ILE C 223 54.58 26.69 55.90
N ASP C 224 55.01 25.84 56.83
CA ASP C 224 56.14 26.21 57.67
C ASP C 224 57.43 26.31 56.87
N LYS C 225 57.59 25.49 55.82
CA LYS C 225 58.73 25.55 54.90
C LYS C 225 58.59 26.61 53.81
N GLU C 226 57.61 27.52 53.91
CA GLU C 226 57.43 28.61 52.95
C GLU C 226 56.98 28.12 51.57
N THR C 227 56.22 27.02 51.54
CA THR C 227 55.59 26.61 50.31
C THR C 227 54.44 27.56 49.98
N PRO C 228 54.37 28.09 48.77
CA PRO C 228 53.28 29.03 48.45
C PRO C 228 51.98 28.34 48.01
N ILE C 229 51.21 27.86 48.99
CA ILE C 229 49.94 27.20 48.73
C ILE C 229 48.83 28.09 49.26
N ASP C 230 47.77 28.29 48.46
CA ASP C 230 46.69 29.19 48.83
C ASP C 230 45.48 28.48 49.40
N GLY C 231 45.26 27.22 49.04
CA GLY C 231 44.02 26.58 49.45
C GLY C 231 44.12 25.09 49.31
N ILE C 232 43.12 24.41 49.86
CA ILE C 232 43.01 22.99 49.70
C ILE C 232 41.75 22.70 48.90
N GLY C 233 41.84 21.70 48.03
CA GLY C 233 40.70 21.22 47.27
C GLY C 233 40.12 20.00 47.97
N ILE C 234 38.81 20.08 48.24
CA ILE C 234 38.08 18.99 48.86
C ILE C 234 37.22 18.41 47.75
N GLN C 235 37.63 17.25 47.21
CA GLN C 235 37.00 16.74 45.99
C GLN C 235 35.49 16.50 46.21
N ALA C 236 35.10 15.99 47.39
CA ALA C 236 33.69 15.76 47.74
C ALA C 236 33.04 14.74 46.82
N HIS C 237 33.69 13.61 46.62
CA HIS C 237 33.05 12.47 45.97
C HIS C 237 32.32 11.71 47.05
N TRP C 238 31.05 12.07 47.25
CA TRP C 238 30.26 11.68 48.41
C TRP C 238 29.11 10.76 48.00
N ASN C 239 28.34 10.32 48.99
CA ASN C 239 27.17 9.48 48.71
C ASN C 239 26.10 9.78 49.75
N ILE C 240 24.87 9.35 49.43
CA ILE C 240 23.68 9.72 50.19
C ILE C 240 23.56 8.97 51.51
N TRP C 241 24.41 7.97 51.75
CA TRP C 241 24.32 7.11 52.93
C TRP C 241 25.32 7.48 54.02
N ASP C 242 26.17 8.48 53.80
CA ASP C 242 27.30 8.81 54.68
C ASP C 242 26.78 9.62 55.86
N LYS C 243 26.64 8.97 57.01
CA LYS C 243 26.02 9.63 58.17
C LYS C 243 26.94 10.68 58.80
N ASN C 244 28.25 10.52 58.68
CA ASN C 244 29.17 11.47 59.30
C ASN C 244 29.58 12.61 58.38
N LEU C 245 29.01 12.70 57.17
CA LEU C 245 29.49 13.66 56.18
C LEU C 245 29.47 15.09 56.74
N ILE C 246 28.36 15.51 57.33
CA ILE C 246 28.24 16.92 57.72
C ILE C 246 29.25 17.25 58.81
N ASP C 247 29.37 16.38 59.82
CA ASP C 247 30.34 16.63 60.90
C ASP C 247 31.78 16.56 60.38
N ASN C 248 32.09 15.57 59.53
CA ASN C 248 33.43 15.53 58.92
C ASN C 248 33.71 16.80 58.14
N LEU C 249 32.77 17.24 57.30
CA LEU C 249 32.95 18.44 56.50
C LEU C 249 33.21 19.66 57.39
N LYS C 250 32.37 19.87 58.40
CA LYS C 250 32.55 21.00 59.30
C LYS C 250 33.92 20.98 59.96
N ARG C 251 34.31 19.82 60.52
CA ARG C 251 35.62 19.74 61.17
C ARG C 251 36.75 19.96 60.18
N ALA C 252 36.62 19.42 58.96
CA ALA C 252 37.68 19.56 57.97
C ALA C 252 37.85 21.00 57.53
N ILE C 253 36.75 21.69 57.22
CA ILE C 253 36.83 23.09 56.79
C ILE C 253 37.57 23.92 57.83
N GLU C 254 37.17 23.78 59.09
CA GLU C 254 37.79 24.58 60.16
C GLU C 254 39.27 24.26 60.31
N MET C 255 39.64 22.98 60.24
CA MET C 255 41.03 22.61 60.45
C MET C 255 41.93 23.16 59.35
N TYR C 256 41.56 22.94 58.08
CA TYR C 256 42.31 23.51 56.97
C TYR C 256 42.34 25.04 57.01
N ALA C 257 41.18 25.66 57.30
CA ALA C 257 41.13 27.12 57.38
C ALA C 257 42.05 27.66 58.46
N SER C 258 42.28 26.89 59.52
CA SER C 258 43.13 27.38 60.60
C SER C 258 44.56 27.63 60.13
N LEU C 259 44.92 27.19 58.93
CA LEU C 259 46.25 27.41 58.38
C LEU C 259 46.27 28.59 57.43
N GLY C 260 45.15 29.30 57.30
CA GLY C 260 45.06 30.38 56.33
C GLY C 260 44.67 29.93 54.93
N LEU C 261 44.31 28.66 54.74
CA LEU C 261 43.98 28.16 53.41
C LEU C 261 42.55 28.49 53.04
N GLU C 262 42.33 28.85 51.76
CA GLU C 262 41.00 28.79 51.18
C GLU C 262 40.54 27.35 51.02
N ILE C 263 39.23 27.16 51.02
CA ILE C 263 38.63 25.87 50.69
C ILE C 263 37.97 26.00 49.33
N GLN C 264 38.23 25.04 48.44
CA GLN C 264 37.38 24.85 47.29
C GLN C 264 36.83 23.42 47.27
N ILE C 265 35.54 23.29 47.04
CA ILE C 265 34.92 22.00 46.74
C ILE C 265 35.11 21.79 45.24
N THR C 266 35.87 20.76 44.87
CA THR C 266 36.41 20.72 43.51
C THR C 266 35.78 19.68 42.59
N GLU C 267 35.23 18.58 43.11
CA GLU C 267 34.72 17.49 42.25
C GLU C 267 33.43 16.89 42.82
N LEU C 268 32.51 17.73 43.26
CA LEU C 268 31.34 17.29 44.02
C LEU C 268 30.42 16.39 43.20
N ASP C 269 30.11 15.22 43.74
CA ASP C 269 28.96 14.44 43.26
C ASP C 269 28.42 13.62 44.42
N MET C 270 27.26 13.01 44.20
CA MET C 270 26.45 12.46 45.29
C MET C 270 25.89 11.11 44.81
N SER C 271 26.72 10.07 44.92
CA SER C 271 26.35 8.73 44.46
C SER C 271 25.19 8.15 45.27
N VAL C 272 24.41 7.27 44.64
CA VAL C 272 23.43 6.49 45.40
C VAL C 272 24.03 5.28 46.09
N PHE C 273 25.29 4.97 45.84
CA PHE C 273 25.90 3.78 46.41
C PHE C 273 26.98 4.19 47.40
N GLU C 274 26.96 3.55 48.56
CA GLU C 274 28.17 3.52 49.36
C GLU C 274 29.30 3.02 48.48
N PHE C 275 30.52 3.46 48.78
CA PHE C 275 31.61 3.21 47.85
C PHE C 275 31.88 1.71 47.72
N GLU C 276 31.70 0.97 48.81
CA GLU C 276 31.87 -0.48 48.84
C GLU C 276 30.71 -1.23 48.18
N ASP C 277 29.62 -0.56 47.81
CA ASP C 277 28.41 -1.19 47.27
C ASP C 277 28.52 -1.24 45.75
N ARG C 278 28.93 -2.40 45.21
CA ARG C 278 29.23 -2.55 43.79
C ARG C 278 28.09 -3.19 43.00
N ARG C 279 26.88 -3.18 43.53
CA ARG C 279 25.74 -3.78 42.85
C ARG C 279 25.53 -3.14 41.47
N THR C 280 25.16 -3.98 40.50
CA THR C 280 24.98 -3.58 39.11
C THR C 280 23.53 -3.69 38.63
N ASP C 281 22.59 -4.04 39.52
CA ASP C 281 21.25 -4.36 39.05
C ASP C 281 20.34 -3.15 38.83
N LEU C 282 20.56 -2.02 39.52
CA LEU C 282 19.58 -0.94 39.44
C LEU C 282 19.49 -0.38 38.02
N LEU C 283 18.25 -0.31 37.51
CA LEU C 283 17.96 0.26 36.19
C LEU C 283 17.55 1.72 36.27
N GLU C 284 17.12 2.13 37.45
CA GLU C 284 16.72 3.50 37.77
C GLU C 284 16.85 3.61 39.27
N PRO C 285 16.77 4.81 39.80
CA PRO C 285 16.99 4.95 41.23
C PRO C 285 15.91 4.21 42.01
N ALA C 286 16.35 3.56 43.08
CA ALA C 286 15.39 2.97 43.98
C ALA C 286 14.56 4.08 44.64
N GLU C 287 13.43 3.65 45.19
CA GLU C 287 12.58 4.53 45.95
C GLU C 287 13.36 5.08 47.13
N GLU C 288 13.12 6.37 47.42
CA GLU C 288 13.78 7.14 48.48
C GLU C 288 15.12 7.72 48.04
N MET C 289 15.81 7.15 47.04
CA MET C 289 17.17 7.62 46.73
C MET C 289 17.17 9.08 46.28
N MET C 290 16.31 9.44 45.36
CA MET C 290 16.28 10.79 44.88
C MET C 290 15.91 11.79 45.97
N GLU C 291 14.97 11.45 46.81
CA GLU C 291 14.59 12.35 47.89
C GLU C 291 15.68 12.44 48.93
N LEU C 292 16.26 11.31 49.30
CA LEU C 292 17.43 11.34 50.18
C LEU C 292 18.53 12.20 49.59
N GLN C 293 18.80 12.03 48.29
CA GLN C 293 19.86 12.81 47.64
C GLN C 293 19.58 14.30 47.75
N ALA C 294 18.32 14.68 47.56
CA ALA C 294 17.94 16.08 47.68
C ALA C 294 18.12 16.57 49.11
N LYS C 295 17.84 15.73 50.10
CA LYS C 295 18.03 16.18 51.48
C LYS C 295 19.51 16.31 51.83
N VAL C 296 20.36 15.40 51.32
CA VAL C 296 21.79 15.48 51.62
C VAL C 296 22.39 16.69 50.91
N TYR C 297 22.07 16.87 49.62
CA TYR C 297 22.52 18.07 48.92
C TYR C 297 22.07 19.33 49.63
N GLU C 298 20.83 19.34 50.13
CA GLU C 298 20.35 20.49 50.87
C GLU C 298 21.20 20.72 52.10
N ASP C 299 21.52 19.64 52.84
CA ASP C 299 22.29 19.79 54.06
C ASP C 299 23.70 20.31 53.77
N VAL C 300 24.36 19.77 52.73
CA VAL C 300 25.75 20.17 52.52
C VAL C 300 25.82 21.58 51.95
N PHE C 301 24.83 22.00 51.17
CA PHE C 301 24.90 23.36 50.64
C PHE C 301 24.57 24.38 51.73
N LYS C 302 23.78 23.99 52.74
CA LYS C 302 23.63 24.88 53.89
C LYS C 302 24.96 25.03 54.63
N VAL C 303 25.72 23.94 54.75
CA VAL C 303 27.06 24.07 55.32
C VAL C 303 27.95 24.91 54.41
N PHE C 304 27.87 24.70 53.10
CA PHE C 304 28.65 25.55 52.19
C PHE C 304 28.34 27.03 52.42
N ARG C 305 27.05 27.37 52.54
CA ARG C 305 26.66 28.77 52.74
C ARG C 305 27.14 29.29 54.11
N GLU C 306 27.14 28.43 55.13
CA GLU C 306 27.64 28.83 56.45
C GLU C 306 29.12 29.15 56.43
N TYR C 307 29.89 28.47 55.58
CA TYR C 307 31.32 28.75 55.42
C TYR C 307 31.59 29.56 54.15
N LYS C 308 30.64 30.42 53.77
CA LYS C 308 30.72 31.29 52.59
C LYS C 308 32.10 31.94 52.38
N GLY C 309 32.70 32.50 53.43
CA GLY C 309 33.97 33.18 53.21
C GLY C 309 35.13 32.23 52.95
N VAL C 310 35.20 31.14 53.71
CA VAL C 310 36.32 30.22 53.62
C VAL C 310 36.26 29.44 52.31
N ILE C 311 35.06 29.02 51.92
CA ILE C 311 34.84 28.35 50.64
C ILE C 311 34.65 29.42 49.57
N THR C 312 35.47 29.35 48.51
CA THR C 312 35.41 30.33 47.44
C THR C 312 34.96 29.76 46.09
N SER C 313 34.84 28.45 45.96
CA SER C 313 34.32 27.89 44.71
C SER C 313 33.82 26.47 44.98
N VAL C 314 32.71 26.12 44.33
CA VAL C 314 32.11 24.80 44.44
C VAL C 314 31.91 24.25 43.02
N THR C 315 32.60 23.16 42.69
CA THR C 315 32.56 22.56 41.35
C THR C 315 31.96 21.16 41.43
N PHE C 316 30.98 20.88 40.57
CA PHE C 316 30.42 19.55 40.44
C PHE C 316 31.24 18.76 39.42
N TRP C 317 31.41 17.46 39.66
CA TRP C 317 32.16 16.64 38.70
C TRP C 317 31.22 16.08 37.63
N GLY C 318 30.71 17.01 36.82
CA GLY C 318 29.69 16.67 35.83
C GLY C 318 28.58 17.69 35.81
N ILE C 319 27.73 17.58 34.80
CA ILE C 319 26.62 18.50 34.58
C ILE C 319 25.28 17.81 34.84
N SER C 320 25.00 16.73 34.14
CA SER C 320 23.76 15.99 34.31
C SER C 320 24.06 14.51 34.46
N ASP C 321 23.07 13.77 34.98
CA ASP C 321 23.21 12.32 35.14
C ASP C 321 23.44 11.60 33.82
N LYS C 322 23.14 12.23 32.67
CA LYS C 322 23.43 11.56 31.41
C LYS C 322 24.92 11.30 31.21
N HIS C 323 25.79 12.05 31.89
CA HIS C 323 27.25 11.99 31.64
C HIS C 323 27.97 12.10 32.97
N THR C 324 28.32 10.97 33.58
CA THR C 324 29.02 10.98 34.86
C THR C 324 30.02 9.85 34.91
N TRP C 325 31.20 10.14 35.47
CA TRP C 325 32.21 9.11 35.64
C TRP C 325 31.76 8.04 36.64
N LYS C 326 30.75 8.33 37.47
CA LYS C 326 30.26 7.33 38.43
C LYS C 326 29.59 6.14 37.76
N ASP C 327 29.21 6.26 36.47
CA ASP C 327 28.66 5.13 35.73
C ASP C 327 29.71 4.04 35.50
N ASN C 328 30.99 4.39 35.50
CA ASN C 328 32.03 3.40 35.29
C ASN C 328 33.03 3.32 36.44
N PHE C 329 32.77 4.01 37.56
CA PHE C 329 33.68 3.96 38.67
C PHE C 329 32.88 4.06 39.96
N PRO C 330 33.11 3.16 40.94
CA PRO C 330 34.17 2.14 40.92
C PRO C 330 33.82 0.86 40.17
N VAL C 331 32.71 0.83 39.44
CA VAL C 331 32.21 -0.36 38.75
C VAL C 331 31.96 -0.02 37.28
N ILE C 332 32.61 -0.75 36.38
CA ILE C 332 32.39 -0.53 34.95
C ILE C 332 30.94 -0.87 34.57
N GLY C 333 30.31 0.00 33.79
CA GLY C 333 29.07 -0.39 33.15
C GLY C 333 27.84 -0.50 34.04
N ARG C 334 27.72 0.35 35.06
CA ARG C 334 26.47 0.44 35.80
C ARG C 334 26.12 1.89 36.05
N LYS C 335 24.83 2.20 35.92
CA LYS C 335 24.32 3.56 36.02
C LYS C 335 24.26 4.06 37.45
N ASP C 336 24.62 5.33 37.64
CA ASP C 336 24.52 6.08 38.88
C ASP C 336 23.79 7.37 38.53
N TRP C 337 23.28 8.11 39.53
CA TRP C 337 22.51 9.33 39.28
C TRP C 337 22.93 10.41 40.26
N PRO C 338 24.14 10.95 40.13
CA PRO C 338 24.77 11.70 41.23
C PRO C 338 24.71 13.22 41.19
N LEU C 339 24.09 13.83 40.17
CA LEU C 339 24.25 15.26 39.92
C LEU C 339 22.92 15.99 40.09
N LEU C 340 22.95 17.29 39.77
CA LEU C 340 21.80 18.16 39.95
C LEU C 340 20.78 18.06 38.80
N PHE C 341 21.21 17.63 37.61
CA PHE C 341 20.34 17.54 36.45
C PHE C 341 20.23 16.07 36.04
N ASP C 342 19.02 15.66 35.62
CA ASP C 342 18.76 14.23 35.41
C ASP C 342 19.18 13.81 34.01
N VAL C 343 18.88 12.56 33.67
CA VAL C 343 19.21 11.97 32.37
C VAL C 343 18.70 12.79 31.17
N ASN C 344 17.68 13.62 31.37
CA ASN C 344 17.13 14.45 30.30
C ASN C 344 17.55 15.91 30.37
N GLY C 345 18.51 16.26 31.23
CA GLY C 345 18.92 17.64 31.38
C GLY C 345 18.01 18.51 32.22
N LYS C 346 17.03 17.94 32.92
CA LYS C 346 16.06 18.67 33.73
C LYS C 346 16.52 18.73 35.18
N PRO C 347 16.32 19.88 35.83
CA PRO C 347 16.77 20.02 37.22
C PRO C 347 16.03 19.04 38.13
N LYS C 348 16.78 18.41 39.01
CA LYS C 348 16.22 17.41 39.91
C LYS C 348 15.76 18.09 41.19
N GLU C 349 15.11 17.33 42.06
CA GLU C 349 14.71 17.91 43.34
C GLU C 349 15.89 18.46 44.10
N ALA C 350 17.07 17.84 43.95
CA ALA C 350 18.27 18.39 44.61
C ALA C 350 18.52 19.82 44.16
N PHE C 351 18.38 20.09 42.85
CA PHE C 351 18.51 21.46 42.37
C PHE C 351 17.55 22.39 43.12
N PHE C 352 16.27 22.01 43.19
CA PHE C 352 15.29 22.95 43.73
C PHE C 352 15.50 23.18 45.22
N ARG C 353 16.01 22.20 45.94
CA ARG C 353 16.24 22.42 47.37
C ARG C 353 17.41 23.35 47.62
N ILE C 354 18.49 23.26 46.83
CA ILE C 354 19.65 24.10 47.11
C ILE C 354 19.53 25.51 46.56
N VAL C 355 18.55 25.81 45.70
CA VAL C 355 18.32 27.19 45.26
C VAL C 355 17.20 27.87 46.03
N ASN C 356 16.60 27.20 47.00
CA ASN C 356 15.54 27.82 47.79
C ASN C 356 16.11 28.19 49.16
N PHE C 357 16.68 29.39 49.24
CA PHE C 357 17.10 29.95 50.52
C PHE C 357 16.97 31.47 50.49
N ILE D 29 -1.09 33.06 -10.24
CA ILE D 29 -1.82 31.98 -10.90
C ILE D 29 -3.33 32.18 -10.72
N PRO D 30 -4.01 32.55 -11.79
CA PRO D 30 -5.47 32.69 -11.73
C PRO D 30 -6.12 31.33 -11.59
N SER D 31 -7.35 31.35 -11.06
CA SER D 31 -8.14 30.14 -10.92
C SER D 31 -8.96 29.90 -12.18
N LEU D 32 -8.86 28.70 -12.72
CA LEU D 32 -9.42 28.39 -14.02
C LEU D 32 -10.91 28.66 -14.07
N ALA D 33 -11.67 28.08 -13.13
CA ALA D 33 -13.12 28.18 -13.19
C ALA D 33 -13.59 29.63 -13.10
N GLU D 34 -12.90 30.44 -12.29
CA GLU D 34 -13.19 31.87 -12.25
C GLU D 34 -12.88 32.54 -13.59
N LYS D 35 -11.73 32.20 -14.18
CA LYS D 35 -11.36 32.81 -15.45
C LYS D 35 -12.37 32.49 -16.54
N TYR D 36 -12.94 31.29 -16.50
CA TYR D 36 -13.93 30.85 -17.48
C TYR D 36 -15.36 30.99 -16.97
N LYS D 37 -15.58 31.80 -15.93
CA LYS D 37 -16.90 31.90 -15.33
C LYS D 37 -17.95 32.34 -16.34
N GLU D 38 -17.57 33.20 -17.29
CA GLU D 38 -18.50 33.76 -18.26
C GLU D 38 -18.64 32.89 -19.51
N TYR D 39 -18.11 31.66 -19.49
CA TYR D 39 -18.10 30.80 -20.67
C TYR D 39 -18.77 29.46 -20.39
N PHE D 40 -18.21 28.70 -19.45
CA PHE D 40 -18.69 27.36 -19.14
C PHE D 40 -18.00 26.87 -17.88
N LYS D 41 -18.60 25.85 -17.28
CA LYS D 41 -17.99 25.20 -16.12
C LYS D 41 -16.63 24.60 -16.47
N ILE D 42 -15.77 24.45 -15.46
CA ILE D 42 -14.47 23.80 -15.59
C ILE D 42 -14.44 22.63 -14.62
N GLY D 43 -14.22 21.41 -15.15
CA GLY D 43 -14.40 20.20 -14.37
C GLY D 43 -13.22 19.25 -14.49
N ALA D 44 -13.23 18.24 -13.59
CA ALA D 44 -12.19 17.23 -13.50
C ALA D 44 -12.77 15.89 -13.06
N ALA D 45 -12.35 14.82 -13.72
CA ALA D 45 -12.60 13.47 -13.23
C ALA D 45 -11.84 13.25 -11.91
N VAL D 46 -12.50 12.60 -10.94
CA VAL D 46 -11.92 12.41 -9.62
C VAL D 46 -12.19 10.99 -9.13
N THR D 47 -11.26 10.49 -8.30
CA THR D 47 -11.52 9.39 -7.37
C THR D 47 -11.54 9.96 -5.97
N VAL D 48 -11.81 9.10 -4.98
CA VAL D 48 -11.85 9.56 -3.60
C VAL D 48 -10.50 10.15 -3.19
N LYS D 49 -9.41 9.55 -3.66
CA LYS D 49 -8.05 10.01 -3.36
C LYS D 49 -7.83 11.45 -3.78
N ASP D 50 -8.43 11.86 -4.89
CA ASP D 50 -8.22 13.20 -5.39
C ASP D 50 -8.85 14.28 -4.51
N LEU D 51 -9.67 13.91 -3.52
CA LEU D 51 -10.35 14.92 -2.72
C LEU D 51 -9.49 15.48 -1.60
N GLU D 52 -8.18 15.27 -1.64
CA GLU D 52 -7.29 15.72 -0.58
C GLU D 52 -5.88 15.88 -1.14
N GLY D 53 -4.97 16.37 -0.30
CA GLY D 53 -3.63 16.63 -0.77
C GLY D 53 -3.60 17.80 -1.73
N VAL D 54 -2.54 17.81 -2.55
CA VAL D 54 -2.42 18.87 -3.54
C VAL D 54 -3.59 18.82 -4.55
N HIS D 55 -4.05 17.62 -4.91
CA HIS D 55 -5.17 17.53 -5.85
C HIS D 55 -6.44 18.13 -5.25
N GLY D 56 -6.69 17.88 -3.97
CA GLY D 56 -7.82 18.53 -3.30
C GLY D 56 -7.72 20.04 -3.35
N GLU D 57 -6.51 20.57 -3.15
CA GLU D 57 -6.30 22.02 -3.24
C GLU D 57 -6.53 22.53 -4.66
N ILE D 58 -6.09 21.79 -5.67
CA ILE D 58 -6.27 22.23 -7.06
C ILE D 58 -7.76 22.23 -7.42
N LEU D 59 -8.47 21.16 -7.06
CA LEU D 59 -9.90 21.12 -7.25
C LEU D 59 -10.57 22.34 -6.62
N VAL D 60 -10.20 22.65 -5.38
CA VAL D 60 -10.85 23.73 -4.66
C VAL D 60 -10.59 25.07 -5.34
N LYS D 61 -9.36 25.28 -5.81
CA LYS D 61 -9.05 26.57 -6.44
C LYS D 61 -9.56 26.66 -7.87
N HIS D 62 -9.46 25.57 -8.64
CA HIS D 62 -9.50 25.67 -10.10
C HIS D 62 -10.75 25.13 -10.77
N PHE D 63 -11.52 24.25 -10.12
CA PHE D 63 -12.61 23.53 -10.80
C PHE D 63 -13.93 23.75 -10.08
N ASN D 64 -15.02 23.89 -10.86
CA ASN D 64 -16.35 23.98 -10.29
C ASN D 64 -17.25 22.82 -10.71
N SER D 65 -16.67 21.78 -11.31
CA SER D 65 -17.40 20.57 -11.72
C SER D 65 -16.53 19.35 -11.43
N LEU D 66 -17.17 18.28 -10.96
CA LEU D 66 -16.54 16.98 -10.80
C LEU D 66 -17.31 15.92 -11.56
N THR D 67 -16.59 14.96 -12.11
CA THR D 67 -17.18 13.74 -12.60
C THR D 67 -16.58 12.58 -11.81
N PRO D 68 -17.40 11.76 -11.17
CA PRO D 68 -16.88 10.50 -10.61
C PRO D 68 -16.30 9.68 -11.73
N GLU D 69 -14.99 9.41 -11.64
CA GLU D 69 -14.32 8.73 -12.74
C GLU D 69 -14.87 7.33 -12.95
N ASN D 70 -15.12 6.60 -11.84
CA ASN D 70 -15.47 5.18 -11.91
C ASN D 70 -16.67 4.82 -11.04
N ASP D 71 -16.90 5.58 -9.98
CA ASP D 71 -17.78 5.14 -8.91
C ASP D 71 -19.27 5.29 -9.23
N MET D 72 -19.63 5.90 -10.36
CA MET D 72 -21.02 5.91 -10.81
C MET D 72 -21.25 5.03 -12.02
N LYS D 73 -20.24 4.29 -12.47
CA LYS D 73 -20.48 3.21 -13.41
C LYS D 73 -21.46 2.23 -12.78
N PHE D 74 -22.33 1.67 -13.62
CA PHE D 74 -23.40 0.79 -13.11
C PHE D 74 -22.82 -0.30 -12.21
N GLU D 75 -21.79 -1.01 -12.71
CA GLU D 75 -21.13 -2.08 -11.96
C GLU D 75 -20.49 -1.63 -10.64
N ARG D 76 -20.18 -0.34 -10.48
CA ARG D 76 -19.64 0.13 -9.21
C ARG D 76 -20.73 0.55 -8.23
N ILE D 77 -21.60 1.47 -8.65
CA ILE D 77 -22.64 2.00 -7.79
C ILE D 77 -23.77 1.01 -7.55
N HIS D 78 -23.87 -0.05 -8.37
CA HIS D 78 -24.98 -1.00 -8.29
C HIS D 78 -24.50 -2.42 -8.60
N PRO D 79 -23.60 -3.00 -7.79
CA PRO D 79 -22.99 -4.28 -8.19
C PRO D 79 -23.92 -5.48 -8.14
N ASP D 80 -24.94 -5.50 -7.27
CA ASP D 80 -25.73 -6.71 -7.07
C ASP D 80 -27.21 -6.34 -7.05
N GLU D 81 -28.05 -7.35 -7.27
CA GLU D 81 -29.47 -7.09 -7.44
C GLU D 81 -30.09 -6.42 -6.21
N HIS D 82 -29.59 -6.74 -5.01
CA HIS D 82 -30.09 -6.16 -3.77
C HIS D 82 -29.03 -5.34 -3.07
N ARG D 83 -28.15 -4.74 -3.83
CA ARG D 83 -27.13 -3.93 -3.25
C ARG D 83 -26.51 -2.85 -4.11
N TYR D 84 -26.68 -1.65 -3.63
CA TYR D 84 -26.02 -0.46 -4.17
C TYR D 84 -24.79 -0.12 -3.32
N ASN D 85 -23.86 0.63 -3.91
CA ASN D 85 -22.67 1.10 -3.20
C ASN D 85 -22.51 2.60 -3.43
N PHE D 86 -22.92 3.41 -2.46
CA PHE D 86 -23.01 4.86 -2.59
C PHE D 86 -21.85 5.59 -1.94
N ASP D 87 -20.93 4.86 -1.28
CA ASP D 87 -19.97 5.50 -0.39
C ASP D 87 -19.11 6.53 -1.10
N ALA D 88 -18.50 6.13 -2.22
CA ALA D 88 -17.56 7.03 -2.90
C ALA D 88 -18.27 8.24 -3.50
N VAL D 89 -19.43 8.03 -4.14
CA VAL D 89 -20.11 9.18 -4.74
C VAL D 89 -20.66 10.10 -3.67
N ASP D 90 -21.10 9.54 -2.54
CA ASP D 90 -21.58 10.36 -1.44
C ASP D 90 -20.52 11.38 -1.01
N LYS D 91 -19.26 10.94 -0.90
CA LYS D 91 -18.20 11.83 -0.44
C LYS D 91 -17.80 12.85 -1.50
N MET D 92 -17.89 12.51 -2.78
CA MET D 92 -17.72 13.50 -3.82
C MET D 92 -18.81 14.56 -3.77
N LYS D 93 -20.06 14.15 -3.54
CA LYS D 93 -21.14 15.13 -3.43
C LYS D 93 -20.93 16.03 -2.22
N GLU D 94 -20.56 15.46 -1.07
CA GLU D 94 -20.22 16.28 0.09
C GLU D 94 -19.13 17.28 -0.26
N PHE D 95 -18.05 16.82 -0.92
CA PHE D 95 -16.97 17.72 -1.32
C PHE D 95 -17.49 18.80 -2.28
N ALA D 96 -18.34 18.42 -3.23
CA ALA D 96 -18.89 19.40 -4.17
C ALA D 96 -19.68 20.47 -3.44
N ILE D 97 -20.58 20.06 -2.55
CA ILE D 97 -21.43 21.02 -1.83
C ILE D 97 -20.58 22.00 -1.03
N LYS D 98 -19.61 21.47 -0.26
CA LYS D 98 -18.84 22.35 0.61
C LYS D 98 -17.97 23.32 -0.18
N ASN D 99 -17.55 22.93 -1.38
CA ASN D 99 -16.63 23.75 -2.17
C ASN D 99 -17.32 24.40 -3.36
N ASN D 100 -18.65 24.47 -3.33
CA ASN D 100 -19.42 25.20 -4.32
C ASN D 100 -19.15 24.68 -5.73
N MET D 101 -19.18 23.35 -5.85
CA MET D 101 -19.09 22.70 -7.15
C MET D 101 -20.36 21.89 -7.39
N LYS D 102 -20.54 21.45 -8.63
CA LYS D 102 -21.61 20.52 -8.99
C LYS D 102 -20.98 19.36 -9.73
N MET D 103 -21.80 18.36 -10.09
CA MET D 103 -21.28 17.09 -10.59
C MET D 103 -21.92 16.72 -11.92
N ARG D 104 -21.21 15.91 -12.67
CA ARG D 104 -21.73 15.30 -13.87
C ARG D 104 -21.95 13.83 -13.54
N GLY D 105 -23.11 13.29 -13.87
CA GLY D 105 -23.43 11.92 -13.55
C GLY D 105 -22.77 11.14 -14.60
N HIS D 106 -21.75 10.34 -14.30
CA HIS D 106 -21.01 9.72 -15.36
C HIS D 106 -21.77 8.75 -16.11
N THR D 107 -22.04 7.55 -15.69
CA THR D 107 -22.92 6.88 -16.64
C THR D 107 -23.95 5.86 -16.22
N PHE D 108 -25.02 5.89 -17.01
CA PHE D 108 -26.10 4.94 -16.89
C PHE D 108 -25.94 3.69 -17.75
N VAL D 109 -25.89 3.82 -19.05
CA VAL D 109 -25.80 2.72 -19.99
C VAL D 109 -24.50 2.78 -20.77
N TRP D 110 -23.65 1.81 -20.55
CA TRP D 110 -22.31 1.85 -21.12
C TRP D 110 -21.83 0.43 -21.29
N HIS D 111 -21.42 0.08 -22.53
CA HIS D 111 -21.04 -1.28 -22.85
C HIS D 111 -19.98 -1.78 -21.88
N ASN D 112 -20.13 -3.03 -21.45
CA ASN D 112 -19.19 -3.73 -20.56
C ASN D 112 -19.13 -3.13 -19.16
N GLN D 113 -20.07 -2.28 -18.78
CA GLN D 113 -20.05 -1.72 -17.43
C GLN D 113 -21.28 -2.09 -16.62
N THR D 114 -22.17 -2.94 -17.17
CA THR D 114 -23.35 -3.37 -16.43
C THR D 114 -23.15 -4.79 -15.94
N PRO D 115 -23.36 -5.05 -14.65
CA PRO D 115 -23.17 -6.42 -14.15
C PRO D 115 -24.19 -7.37 -14.74
N GLU D 116 -23.77 -8.64 -14.87
CA GLU D 116 -24.55 -9.60 -15.64
C GLU D 116 -25.90 -9.95 -15.00
N TRP D 117 -26.06 -9.74 -13.69
CA TRP D 117 -27.34 -10.07 -13.07
C TRP D 117 -28.47 -9.25 -13.66
N VAL D 118 -28.18 -8.04 -14.13
CA VAL D 118 -29.19 -7.17 -14.72
C VAL D 118 -29.90 -7.87 -15.87
N PHE D 119 -29.15 -8.59 -16.70
CA PHE D 119 -29.66 -9.11 -17.97
C PHE D 119 -30.17 -10.54 -17.91
N LYS D 120 -30.18 -11.15 -16.79
CA LYS D 120 -30.48 -12.56 -16.65
C LYS D 120 -31.61 -12.76 -15.64
N ASP D 121 -32.32 -13.84 -15.85
CA ASP D 121 -33.37 -14.23 -14.97
C ASP D 121 -32.87 -15.32 -14.05
N ARG D 122 -33.72 -15.59 -13.09
CA ARG D 122 -33.53 -16.59 -12.05
C ARG D 122 -32.88 -17.82 -12.57
N GLU D 123 -33.44 -18.32 -13.69
CA GLU D 123 -33.07 -19.52 -14.49
C GLU D 123 -31.92 -19.36 -15.48
N GLY D 124 -31.18 -18.26 -15.39
CA GLY D 124 -30.07 -17.89 -16.19
C GLY D 124 -30.26 -17.46 -17.61
N ASN D 125 -31.46 -17.11 -18.01
CA ASN D 125 -31.66 -16.69 -19.38
C ASN D 125 -32.00 -15.23 -19.49
N ASP D 126 -31.97 -14.76 -20.73
CA ASP D 126 -32.25 -13.41 -21.04
C ASP D 126 -33.54 -12.95 -20.45
N VAL D 127 -33.45 -11.98 -19.59
CA VAL D 127 -34.62 -11.30 -19.06
C VAL D 127 -35.43 -10.71 -20.21
N SER D 128 -36.72 -10.48 -19.94
CA SER D 128 -37.64 -9.96 -20.96
C SER D 128 -37.42 -8.46 -21.19
N ARG D 129 -37.93 -7.97 -22.32
CA ARG D 129 -37.84 -6.54 -22.64
C ARG D 129 -38.42 -5.69 -21.52
N GLU D 130 -39.63 -6.03 -21.05
CA GLU D 130 -40.30 -5.21 -20.04
C GLU D 130 -39.54 -5.25 -18.72
N LEU D 131 -39.00 -6.41 -18.35
CA LEU D 131 -38.22 -6.50 -17.12
C LEU D 131 -36.91 -5.70 -17.23
N LEU D 132 -36.23 -5.78 -18.38
CA LEU D 132 -34.99 -5.01 -18.51
C LEU D 132 -35.25 -3.52 -18.40
N ILE D 133 -36.32 -3.05 -19.03
CA ILE D 133 -36.71 -1.64 -18.94
C ILE D 133 -36.95 -1.25 -17.49
N GLU D 134 -37.68 -2.09 -16.74
CA GLU D 134 -38.01 -1.75 -15.35
C GLU D 134 -36.76 -1.74 -14.46
N ARG D 135 -35.83 -2.67 -14.68
CA ARG D 135 -34.58 -2.66 -13.90
C ARG D 135 -33.78 -1.39 -14.16
N LEU D 136 -33.69 -0.97 -15.43
CA LEU D 136 -33.04 0.29 -15.74
C LEU D 136 -33.77 1.46 -15.12
N ARG D 137 -35.11 1.44 -15.19
CA ARG D 137 -35.90 2.50 -14.58
C ARG D 137 -35.59 2.60 -13.08
N GLU D 138 -35.60 1.45 -12.39
CA GLU D 138 -35.34 1.46 -10.95
C GLU D 138 -33.94 1.97 -10.65
N HIS D 139 -32.94 1.55 -11.46
CA HIS D 139 -31.57 2.01 -11.26
C HIS D 139 -31.46 3.51 -11.45
N ILE D 140 -32.02 4.03 -12.54
CA ILE D 140 -31.92 5.46 -12.81
C ILE D 140 -32.70 6.26 -11.76
N LYS D 141 -33.87 5.78 -11.36
CA LYS D 141 -34.61 6.46 -10.30
C LYS D 141 -33.78 6.52 -9.01
N THR D 142 -33.20 5.39 -8.60
CA THR D 142 -32.41 5.36 -7.38
C THR D 142 -31.26 6.36 -7.43
N VAL D 143 -30.46 6.33 -8.51
CA VAL D 143 -29.28 7.19 -8.57
C VAL D 143 -29.67 8.66 -8.69
N CYS D 144 -30.68 8.96 -9.53
CA CYS D 144 -31.13 10.34 -9.67
C CYS D 144 -31.73 10.87 -8.37
N ASP D 145 -32.58 10.07 -7.70
CA ASP D 145 -33.15 10.51 -6.42
C ASP D 145 -32.06 10.92 -5.45
N ARG D 146 -30.96 10.18 -5.42
CA ARG D 146 -29.90 10.48 -4.47
C ARG D 146 -29.08 11.70 -4.89
N TYR D 147 -28.83 11.89 -6.20
CA TYR D 147 -27.84 12.90 -6.60
C TYR D 147 -28.36 14.01 -7.52
N ARG D 148 -29.65 14.04 -7.86
CA ARG D 148 -30.16 15.10 -8.73
CA ARG D 148 -30.16 15.10 -8.73
C ARG D 148 -29.95 16.48 -8.10
N ASP D 149 -29.83 16.53 -6.77
CA ASP D 149 -29.58 17.82 -6.12
C ASP D 149 -28.17 18.36 -6.41
N ILE D 150 -27.22 17.48 -6.74
CA ILE D 150 -25.84 17.89 -7.00
C ILE D 150 -25.45 17.77 -8.48
N VAL D 151 -26.18 16.99 -9.27
CA VAL D 151 -25.76 16.70 -10.64
C VAL D 151 -26.48 17.65 -11.60
N TYR D 152 -25.72 18.32 -12.48
CA TYR D 152 -26.29 19.22 -13.46
C TYR D 152 -26.41 18.62 -14.85
N ALA D 153 -25.71 17.51 -15.11
CA ALA D 153 -25.69 16.88 -16.43
C ALA D 153 -25.47 15.40 -16.24
N TRP D 154 -26.17 14.57 -17.01
CA TRP D 154 -26.04 13.12 -16.95
C TRP D 154 -25.58 12.57 -18.30
N ASP D 155 -24.56 11.71 -18.30
CA ASP D 155 -24.25 10.89 -19.47
C ASP D 155 -25.20 9.70 -19.42
N VAL D 156 -26.33 9.80 -20.12
CA VAL D 156 -27.35 8.76 -19.99
C VAL D 156 -26.90 7.49 -20.69
N VAL D 157 -26.41 7.64 -21.91
CA VAL D 157 -25.92 6.53 -22.72
C VAL D 157 -24.53 6.91 -23.19
N ASN D 158 -23.59 5.98 -23.08
CA ASN D 158 -22.18 6.22 -23.37
C ASN D 158 -21.72 5.22 -24.41
N GLU D 159 -21.16 5.73 -25.52
CA GLU D 159 -20.48 4.92 -26.53
C GLU D 159 -21.38 3.82 -27.11
N ALA D 160 -22.65 4.17 -27.39
CA ALA D 160 -23.47 3.21 -28.11
C ALA D 160 -23.12 3.17 -29.60
N VAL D 161 -22.67 4.29 -30.16
CA VAL D 161 -22.33 4.35 -31.59
C VAL D 161 -21.24 3.33 -31.90
N GLU D 162 -21.46 2.55 -32.96
CA GLU D 162 -20.48 1.56 -33.38
C GLU D 162 -19.16 2.23 -33.76
N ASP D 163 -18.04 1.67 -33.28
CA ASP D 163 -16.73 2.24 -33.59
C ASP D 163 -15.95 1.49 -34.66
N LYS D 164 -16.06 0.17 -34.72
CA LYS D 164 -15.21 -0.59 -35.63
C LYS D 164 -15.69 -0.55 -37.09
N THR D 165 -17.00 -0.66 -37.35
CA THR D 165 -17.52 -0.81 -38.69
C THR D 165 -18.33 0.43 -39.07
N GLU D 166 -18.94 0.41 -40.26
CA GLU D 166 -19.77 1.52 -40.67
C GLU D 166 -21.21 1.40 -40.20
N LYS D 167 -21.56 0.30 -39.53
CA LYS D 167 -22.88 0.22 -38.92
C LYS D 167 -23.07 1.36 -37.92
N LEU D 168 -24.34 1.63 -37.58
CA LEU D 168 -24.63 2.78 -36.72
C LEU D 168 -24.38 2.47 -35.25
N LEU D 169 -24.86 1.32 -34.78
CA LEU D 169 -24.87 1.00 -33.36
C LEU D 169 -24.14 -0.30 -33.07
N ARG D 170 -23.49 -0.36 -31.91
CA ARG D 170 -22.92 -1.61 -31.47
C ARG D 170 -24.03 -2.60 -31.10
N ASP D 171 -23.67 -3.88 -31.07
CA ASP D 171 -24.53 -4.86 -30.43
C ASP D 171 -24.26 -4.88 -28.93
N SER D 172 -25.30 -5.18 -28.17
CA SER D 172 -25.20 -5.21 -26.73
C SER D 172 -26.35 -6.01 -26.16
N ASN D 173 -26.22 -6.37 -24.88
CA ASN D 173 -27.33 -6.98 -24.15
C ASN D 173 -28.56 -6.10 -24.22
N TRP D 174 -28.39 -4.79 -23.99
CA TRP D 174 -29.49 -3.85 -24.08
C TRP D 174 -30.19 -3.94 -25.43
N ARG D 175 -29.41 -3.90 -26.52
CA ARG D 175 -30.02 -3.92 -27.85
C ARG D 175 -30.71 -5.25 -28.11
N ARG D 176 -30.11 -6.36 -27.68
CA ARG D 176 -30.69 -7.67 -27.96
C ARG D 176 -32.02 -7.86 -27.26
N ILE D 177 -32.14 -7.35 -26.04
CA ILE D 177 -33.35 -7.60 -25.26
C ILE D 177 -34.44 -6.54 -25.52
N ILE D 178 -34.04 -5.28 -25.67
CA ILE D 178 -34.99 -4.18 -25.84
C ILE D 178 -35.10 -3.75 -27.30
N GLY D 179 -34.02 -3.87 -28.07
CA GLY D 179 -33.97 -3.32 -29.42
C GLY D 179 -33.40 -1.92 -29.43
N ASP D 180 -33.37 -1.33 -30.64
CA ASP D 180 -32.80 0.00 -30.84
C ASP D 180 -33.46 1.06 -29.97
N ASP D 181 -34.69 0.79 -29.50
CA ASP D 181 -35.37 1.72 -28.62
C ASP D 181 -34.69 1.90 -27.26
N TYR D 182 -33.68 1.08 -26.90
CA TYR D 182 -33.14 1.19 -25.54
C TYR D 182 -32.51 2.56 -25.28
N ILE D 183 -32.00 3.22 -26.32
CA ILE D 183 -31.40 4.54 -26.12
C ILE D 183 -32.46 5.56 -25.76
N LYS D 184 -33.49 5.69 -26.61
CA LYS D 184 -34.58 6.62 -26.34
C LYS D 184 -35.23 6.32 -24.98
N ILE D 185 -35.45 5.05 -24.68
CA ILE D 185 -36.05 4.69 -23.41
C ILE D 185 -35.17 5.15 -22.26
N ALA D 186 -33.85 4.93 -22.36
CA ALA D 186 -32.96 5.39 -21.30
C ALA D 186 -33.10 6.90 -21.08
N PHE D 187 -33.17 7.67 -22.18
CA PHE D 187 -33.33 9.12 -22.05
C PHE D 187 -34.69 9.48 -21.46
N GLU D 188 -35.76 8.76 -21.85
CA GLU D 188 -37.08 9.07 -21.29
C GLU D 188 -37.12 8.78 -19.80
N ILE D 189 -36.47 7.69 -19.37
CA ILE D 189 -36.42 7.35 -17.96
C ILE D 189 -35.67 8.41 -17.17
N ALA D 190 -34.54 8.87 -17.70
CA ALA D 190 -33.77 9.91 -17.00
C ALA D 190 -34.56 11.20 -16.91
N LYS D 191 -35.28 11.55 -17.98
CA LYS D 191 -36.11 12.76 -17.98
C LYS D 191 -37.06 12.77 -16.79
N GLU D 192 -37.70 11.63 -16.49
CA GLU D 192 -38.67 11.58 -15.40
C GLU D 192 -38.02 11.92 -14.06
N TYR D 193 -36.76 11.52 -13.86
CA TYR D 193 -36.17 11.59 -12.52
C TYR D 193 -34.99 12.55 -12.36
N ALA D 194 -34.51 13.18 -13.44
CA ALA D 194 -33.31 14.00 -13.35
C ALA D 194 -33.57 15.41 -12.80
N GLY D 195 -34.82 15.78 -12.56
CA GLY D 195 -35.09 17.14 -12.15
C GLY D 195 -34.62 18.10 -13.22
N GLU D 196 -33.79 19.08 -12.82
CA GLU D 196 -33.24 20.04 -13.75
C GLU D 196 -32.02 19.53 -14.50
N GLY D 197 -31.56 18.30 -14.21
CA GLY D 197 -30.34 17.83 -14.85
C GLY D 197 -30.51 17.72 -16.36
N LYS D 198 -29.44 18.00 -17.08
CA LYS D 198 -29.45 17.88 -18.54
C LYS D 198 -28.99 16.48 -18.94
N LEU D 199 -29.56 15.98 -20.03
CA LEU D 199 -29.34 14.62 -20.48
C LEU D 199 -28.44 14.59 -21.70
N PHE D 200 -27.40 13.77 -21.66
CA PHE D 200 -26.34 13.78 -22.68
C PHE D 200 -26.09 12.39 -23.22
N TYR D 201 -25.79 12.32 -24.52
CA TYR D 201 -25.19 11.14 -25.14
C TYR D 201 -23.68 11.42 -25.28
N ASN D 202 -22.86 10.48 -24.81
CA ASN D 202 -21.42 10.71 -24.63
C ASN D 202 -20.61 9.71 -25.46
N ASP D 203 -19.51 10.18 -26.06
CA ASP D 203 -18.72 9.29 -26.92
C ASP D 203 -17.34 9.87 -27.20
N TYR D 204 -16.44 9.01 -27.66
CA TYR D 204 -15.09 9.38 -28.08
C TYR D 204 -14.98 9.36 -29.61
N ASN D 205 -14.01 10.12 -30.12
CA ASN D 205 -13.74 10.24 -31.55
C ASN D 205 -14.94 10.74 -32.34
N ASN D 206 -15.96 11.27 -31.65
CA ASN D 206 -17.17 11.66 -32.35
C ASN D 206 -17.03 13.01 -33.05
N GLU D 207 -15.81 13.55 -33.11
CA GLU D 207 -15.46 14.65 -34.01
C GLU D 207 -14.82 14.20 -35.31
N MET D 208 -14.35 12.95 -35.39
CA MET D 208 -13.58 12.45 -36.51
C MET D 208 -14.48 12.06 -37.69
N PRO D 209 -14.01 12.25 -38.93
CA PRO D 209 -14.86 11.97 -40.10
C PRO D 209 -15.51 10.60 -40.10
N TYR D 210 -14.85 9.55 -39.62
CA TYR D 210 -15.44 8.22 -39.74
C TYR D 210 -16.63 8.01 -38.82
N LYS D 211 -16.89 8.94 -37.91
CA LYS D 211 -17.82 8.73 -36.81
C LYS D 211 -18.76 9.92 -36.67
N LEU D 212 -18.31 11.10 -37.09
CA LEU D 212 -19.10 12.31 -36.89
C LEU D 212 -20.44 12.23 -37.62
N GLU D 213 -20.40 11.86 -38.91
CA GLU D 213 -21.63 11.81 -39.70
C GLU D 213 -22.60 10.76 -39.16
N LYS D 214 -22.14 9.52 -39.03
CA LYS D 214 -22.77 8.45 -38.25
C LYS D 214 -23.56 8.99 -37.07
N THR D 215 -22.84 9.70 -36.20
CA THR D 215 -23.42 10.13 -34.93
C THR D 215 -24.48 11.20 -35.16
N TYR D 216 -24.21 12.14 -36.06
CA TYR D 216 -25.20 13.15 -36.42
C TYR D 216 -26.51 12.49 -36.85
N LYS D 217 -26.44 11.51 -37.75
CA LYS D 217 -27.65 10.85 -38.22
C LYS D 217 -28.37 10.15 -37.07
N LEU D 218 -27.61 9.50 -36.19
CA LEU D 218 -28.20 8.88 -35.01
C LEU D 218 -28.93 9.92 -34.16
N LEU D 219 -28.25 11.02 -33.85
CA LEU D 219 -28.85 12.05 -33.01
C LEU D 219 -30.08 12.63 -33.68
N LYS D 220 -30.01 12.86 -34.99
CA LYS D 220 -31.16 13.38 -35.71
C LYS D 220 -32.35 12.45 -35.58
N GLU D 221 -32.13 11.14 -35.75
CA GLU D 221 -33.22 10.18 -35.61
C GLU D 221 -33.81 10.22 -34.22
N LEU D 222 -32.95 10.24 -33.20
CA LEU D 222 -33.42 10.31 -31.82
C LEU D 222 -34.35 11.50 -31.62
N ILE D 223 -33.94 12.67 -32.11
CA ILE D 223 -34.76 13.87 -31.93
C ILE D 223 -36.06 13.78 -32.73
N ASP D 224 -35.99 13.29 -33.98
CA ASP D 224 -37.20 13.12 -34.78
C ASP D 224 -38.17 12.12 -34.16
N LYS D 225 -37.69 11.27 -33.27
CA LYS D 225 -38.49 10.34 -32.48
C LYS D 225 -38.92 10.92 -31.14
N GLU D 226 -38.69 12.22 -30.90
CA GLU D 226 -39.02 12.87 -29.63
C GLU D 226 -38.26 12.27 -28.43
N THR D 227 -36.99 11.93 -28.64
CA THR D 227 -36.12 11.56 -27.53
C THR D 227 -35.71 12.82 -26.77
N PRO D 228 -35.92 12.88 -25.43
CA PRO D 228 -35.56 14.12 -24.69
C PRO D 228 -34.08 14.19 -24.36
N ILE D 229 -33.26 14.30 -25.39
CA ILE D 229 -31.83 14.46 -25.21
C ILE D 229 -31.52 15.95 -25.27
N ASP D 230 -30.70 16.43 -24.34
CA ASP D 230 -30.36 17.84 -24.27
C ASP D 230 -29.04 18.18 -24.94
N GLY D 231 -28.05 17.28 -24.90
CA GLY D 231 -26.75 17.59 -25.44
C GLY D 231 -25.91 16.40 -25.87
N ILE D 232 -24.79 16.73 -26.49
CA ILE D 232 -23.81 15.76 -26.98
C ILE D 232 -22.54 15.91 -26.13
N GLY D 233 -22.00 14.77 -25.69
CA GLY D 233 -20.76 14.75 -24.96
C GLY D 233 -19.63 14.36 -25.88
N ILE D 234 -18.64 15.25 -25.99
CA ILE D 234 -17.44 15.02 -26.79
C ILE D 234 -16.32 14.70 -25.81
N GLN D 235 -15.95 13.41 -25.74
CA GLN D 235 -15.01 12.97 -24.70
C GLN D 235 -13.67 13.68 -24.82
N ALA D 236 -13.19 13.88 -26.05
CA ALA D 236 -11.97 14.63 -26.32
C ALA D 236 -10.73 13.97 -25.71
N HIS D 237 -10.63 12.66 -25.88
CA HIS D 237 -9.35 12.00 -25.58
C HIS D 237 -8.48 12.20 -26.80
N TRP D 238 -7.73 13.30 -26.79
CA TRP D 238 -6.99 13.79 -27.95
C TRP D 238 -5.49 13.58 -27.73
N ASN D 239 -4.69 13.94 -28.74
CA ASN D 239 -3.25 13.87 -28.63
C ASN D 239 -2.60 15.01 -29.39
N ILE D 240 -1.34 15.29 -29.05
CA ILE D 240 -0.63 16.45 -29.59
C ILE D 240 -0.28 16.36 -31.07
N TRP D 241 -0.39 15.17 -31.67
CA TRP D 241 0.05 14.95 -33.04
C TRP D 241 -1.09 14.96 -34.05
N ASP D 242 -2.33 15.16 -33.62
CA ASP D 242 -3.50 15.05 -34.49
C ASP D 242 -3.59 16.32 -35.34
N LYS D 243 -3.16 16.25 -36.60
CA LYS D 243 -3.12 17.45 -37.43
C LYS D 243 -4.52 17.97 -37.79
N ASN D 244 -5.53 17.10 -37.78
CA ASN D 244 -6.87 17.49 -38.20
C ASN D 244 -7.77 17.87 -37.04
N LEU D 245 -7.23 17.94 -35.82
CA LEU D 245 -8.07 18.07 -34.63
C LEU D 245 -8.94 19.31 -34.69
N ILE D 246 -8.33 20.46 -34.98
CA ILE D 246 -9.05 21.73 -34.93
C ILE D 246 -10.14 21.77 -36.00
N ASP D 247 -9.84 21.31 -37.22
CA ASP D 247 -10.86 21.27 -38.26
C ASP D 247 -11.99 20.30 -37.92
N ASN D 248 -11.63 19.13 -37.35
CA ASN D 248 -12.67 18.19 -36.93
C ASN D 248 -13.55 18.80 -35.86
N LEU D 249 -12.92 19.42 -34.86
CA LEU D 249 -13.66 19.95 -33.73
C LEU D 249 -14.66 20.99 -34.19
N LYS D 250 -14.20 21.93 -35.04
CA LYS D 250 -15.09 22.94 -35.59
C LYS D 250 -16.24 22.29 -36.33
N ARG D 251 -15.92 21.37 -37.26
CA ARG D 251 -16.97 20.68 -38.00
C ARG D 251 -17.93 19.96 -37.06
N ALA D 252 -17.38 19.30 -36.04
CA ALA D 252 -18.24 18.58 -35.11
C ALA D 252 -19.20 19.52 -34.39
N ILE D 253 -18.66 20.60 -33.81
CA ILE D 253 -19.51 21.54 -33.08
C ILE D 253 -20.60 22.09 -34.01
N GLU D 254 -20.22 22.42 -35.24
CA GLU D 254 -21.20 22.91 -36.20
C GLU D 254 -22.34 21.92 -36.38
N MET D 255 -22.01 20.67 -36.70
CA MET D 255 -23.04 19.66 -36.95
C MET D 255 -23.93 19.44 -35.74
N TYR D 256 -23.31 19.16 -34.58
CA TYR D 256 -24.09 18.86 -33.39
C TYR D 256 -24.94 20.06 -32.96
N ALA D 257 -24.40 21.27 -33.08
CA ALA D 257 -25.16 22.46 -32.71
C ALA D 257 -26.34 22.68 -33.65
N SER D 258 -26.17 22.33 -34.93
CA SER D 258 -27.25 22.52 -35.90
C SER D 258 -28.50 21.73 -35.53
N LEU D 259 -28.37 20.73 -34.66
CA LEU D 259 -29.48 19.96 -34.14
C LEU D 259 -30.10 20.58 -32.89
N GLY D 260 -29.62 21.75 -32.47
CA GLY D 260 -30.12 22.37 -31.25
C GLY D 260 -29.59 21.77 -29.97
N LEU D 261 -28.55 20.94 -30.06
CA LEU D 261 -28.00 20.29 -28.88
C LEU D 261 -27.06 21.23 -28.14
N GLU D 262 -27.08 21.09 -26.81
CA GLU D 262 -26.03 21.67 -25.98
C GLU D 262 -24.79 20.77 -26.10
N ILE D 263 -23.61 21.34 -25.88
CA ILE D 263 -22.36 20.62 -26.07
C ILE D 263 -21.53 20.69 -24.79
N GLN D 264 -21.02 19.55 -24.35
CA GLN D 264 -20.09 19.53 -23.23
C GLN D 264 -18.87 18.72 -23.65
N ILE D 265 -17.69 19.23 -23.30
CA ILE D 265 -16.45 18.48 -23.45
C ILE D 265 -16.24 17.73 -22.14
N THR D 266 -16.24 16.41 -22.20
CA THR D 266 -16.52 15.65 -20.99
C THR D 266 -15.31 14.94 -20.38
N GLU D 267 -14.29 14.58 -21.16
CA GLU D 267 -13.18 13.73 -20.69
C GLU D 267 -11.83 14.19 -21.28
N LEU D 268 -11.58 15.49 -21.28
CA LEU D 268 -10.47 16.07 -22.03
C LEU D 268 -9.12 15.65 -21.46
N ASP D 269 -8.24 15.15 -22.34
CA ASP D 269 -6.82 15.06 -22.01
C ASP D 269 -6.04 15.03 -23.32
N MET D 270 -4.74 15.30 -23.22
CA MET D 270 -3.91 15.63 -24.38
C MET D 270 -2.66 14.76 -24.31
N SER D 271 -2.78 13.52 -24.81
CA SER D 271 -1.67 12.60 -24.74
C SER D 271 -0.52 13.07 -25.63
N VAL D 272 0.72 12.81 -25.17
CA VAL D 272 1.87 13.01 -26.04
C VAL D 272 2.04 11.88 -27.04
N PHE D 273 1.15 10.89 -27.04
CA PHE D 273 1.24 9.75 -27.93
C PHE D 273 0.05 9.71 -28.87
N GLU D 274 0.32 9.52 -30.17
CA GLU D 274 -0.73 9.01 -31.03
C GLU D 274 -1.22 7.68 -30.47
N PHE D 275 -2.47 7.34 -30.78
CA PHE D 275 -3.10 6.22 -30.08
C PHE D 275 -2.42 4.89 -30.41
N GLU D 276 -2.02 4.69 -31.67
CA GLU D 276 -1.34 3.47 -32.06
C GLU D 276 0.13 3.45 -31.69
N ASP D 277 0.65 4.52 -31.08
CA ASP D 277 2.06 4.61 -30.66
C ASP D 277 2.17 4.03 -29.26
N ARG D 278 2.64 2.78 -29.17
CA ARG D 278 2.64 2.03 -27.93
C ARG D 278 4.00 1.98 -27.24
N ARG D 279 4.92 2.88 -27.60
CA ARG D 279 6.24 2.86 -26.99
C ARG D 279 6.15 3.09 -25.49
N THR D 280 7.01 2.39 -24.73
CA THR D 280 7.03 2.47 -23.28
C THR D 280 8.33 3.03 -22.73
N ASP D 281 9.23 3.53 -23.59
CA ASP D 281 10.56 3.89 -23.14
C ASP D 281 10.64 5.27 -22.51
N LEU D 282 9.68 6.16 -22.77
CA LEU D 282 9.86 7.55 -22.38
C LEU D 282 9.79 7.68 -20.86
N LEU D 283 10.83 8.25 -20.28
CA LEU D 283 10.85 8.54 -18.85
C LEU D 283 10.49 9.99 -18.56
N GLU D 284 10.49 10.82 -19.60
CA GLU D 284 10.01 12.19 -19.53
C GLU D 284 9.65 12.58 -20.94
N PRO D 285 8.90 13.67 -21.13
CA PRO D 285 8.58 14.08 -22.50
C PRO D 285 9.82 14.54 -23.26
N ALA D 286 9.86 14.18 -24.55
CA ALA D 286 10.96 14.62 -25.41
C ALA D 286 10.88 16.13 -25.64
N GLU D 287 11.93 16.66 -26.29
CA GLU D 287 12.11 18.11 -26.42
C GLU D 287 10.89 18.80 -26.99
N GLU D 288 10.15 18.20 -27.86
CA GLU D 288 9.05 18.96 -28.45
C GLU D 288 7.72 18.99 -27.72
N MET D 289 7.43 17.88 -27.09
CA MET D 289 6.16 17.61 -26.50
C MET D 289 5.44 18.61 -25.66
N MET D 290 6.08 19.13 -24.64
CA MET D 290 5.31 19.97 -23.71
C MET D 290 4.90 21.29 -24.36
N GLU D 291 5.66 21.76 -25.35
CA GLU D 291 5.35 23.01 -26.03
C GLU D 291 4.22 22.82 -27.05
N LEU D 292 4.33 21.77 -27.88
CA LEU D 292 3.21 21.37 -28.73
C LEU D 292 1.92 21.27 -27.91
N GLN D 293 2.00 20.57 -26.78
CA GLN D 293 0.82 20.38 -25.94
C GLN D 293 0.19 21.71 -25.56
N ALA D 294 1.03 22.67 -25.13
CA ALA D 294 0.54 23.99 -24.77
C ALA D 294 -0.08 24.69 -25.98
N LYS D 295 0.53 24.57 -27.16
CA LYS D 295 -0.06 25.17 -28.34
C LYS D 295 -1.40 24.51 -28.68
N VAL D 296 -1.51 23.20 -28.46
CA VAL D 296 -2.74 22.55 -28.87
C VAL D 296 -3.85 22.88 -27.89
N TYR D 297 -3.53 22.91 -26.60
CA TYR D 297 -4.54 23.27 -25.61
C TYR D 297 -5.04 24.70 -25.85
N GLU D 298 -4.13 25.60 -26.22
CA GLU D 298 -4.52 26.98 -26.50
C GLU D 298 -5.47 27.05 -27.69
N ASP D 299 -5.23 26.22 -28.71
CA ASP D 299 -6.09 26.21 -29.88
C ASP D 299 -7.47 25.63 -29.57
N VAL D 300 -7.54 24.50 -28.86
CA VAL D 300 -8.85 23.92 -28.60
C VAL D 300 -9.67 24.82 -27.68
N PHE D 301 -8.99 25.59 -26.82
CA PHE D 301 -9.75 26.44 -25.91
C PHE D 301 -10.22 27.73 -26.59
N LYS D 302 -9.47 28.26 -27.55
CA LYS D 302 -10.02 29.35 -28.36
C LYS D 302 -11.31 28.91 -29.02
N VAL D 303 -11.33 27.67 -29.53
CA VAL D 303 -12.52 27.14 -30.16
C VAL D 303 -13.65 27.01 -29.15
N PHE D 304 -13.33 26.59 -27.92
CA PHE D 304 -14.34 26.48 -26.87
C PHE D 304 -14.99 27.83 -26.58
N ARG D 305 -14.17 28.86 -26.31
CA ARG D 305 -14.71 30.18 -25.98
C ARG D 305 -15.50 30.75 -27.16
N GLU D 306 -15.01 30.51 -28.37
CA GLU D 306 -15.70 30.89 -29.59
C GLU D 306 -17.12 30.32 -29.63
N TYR D 307 -17.30 29.07 -29.21
CA TYR D 307 -18.60 28.42 -29.17
C TYR D 307 -19.17 28.38 -27.75
N LYS D 308 -18.82 29.38 -26.92
CA LYS D 308 -19.21 29.37 -25.50
C LYS D 308 -20.72 29.28 -25.32
N GLY D 309 -21.51 29.84 -26.23
CA GLY D 309 -22.95 29.79 -26.00
C GLY D 309 -23.54 28.42 -26.19
N VAL D 310 -22.84 27.55 -26.91
CA VAL D 310 -23.28 26.19 -27.12
C VAL D 310 -22.55 25.20 -26.19
N ILE D 311 -21.30 25.48 -25.83
CA ILE D 311 -20.53 24.65 -24.89
C ILE D 311 -20.82 25.15 -23.48
N THR D 312 -21.33 24.26 -22.62
CA THR D 312 -21.68 24.65 -21.26
C THR D 312 -20.81 24.02 -20.18
N SER D 313 -19.87 23.15 -20.54
CA SER D 313 -19.00 22.49 -19.56
C SER D 313 -17.83 21.84 -20.29
N VAL D 314 -16.64 21.96 -19.70
CA VAL D 314 -15.40 21.39 -20.21
C VAL D 314 -14.73 20.69 -19.04
N THR D 315 -14.69 19.35 -19.09
CA THR D 315 -14.11 18.53 -18.02
C THR D 315 -12.85 17.85 -18.51
N PHE D 316 -11.79 17.90 -17.69
CA PHE D 316 -10.53 17.18 -17.95
C PHE D 316 -10.59 15.81 -17.29
N TRP D 317 -10.05 14.79 -17.96
CA TRP D 317 -10.09 13.45 -17.38
C TRP D 317 -8.90 13.23 -16.43
N GLY D 318 -8.83 14.11 -15.45
CA GLY D 318 -7.80 14.08 -14.44
C GLY D 318 -7.45 15.48 -14.00
N ILE D 319 -6.61 15.55 -12.97
CA ILE D 319 -6.21 16.81 -12.37
C ILE D 319 -4.78 17.17 -12.76
N SER D 320 -3.80 16.34 -12.35
CA SER D 320 -2.40 16.49 -12.71
C SER D 320 -1.88 15.19 -13.29
N ASP D 321 -0.72 15.28 -13.95
CA ASP D 321 -0.11 14.10 -14.56
C ASP D 321 0.33 13.07 -13.52
N LYS D 322 0.27 13.39 -12.22
CA LYS D 322 0.53 12.36 -11.20
C LYS D 322 -0.50 11.25 -11.25
N HIS D 323 -1.72 11.55 -11.68
CA HIS D 323 -2.81 10.57 -11.64
C HIS D 323 -3.59 10.66 -12.96
N THR D 324 -3.23 9.81 -13.92
CA THR D 324 -3.94 9.77 -15.19
C THR D 324 -4.09 8.32 -15.64
N TRP D 325 -5.28 8.01 -16.13
CA TRP D 325 -5.53 6.71 -16.75
C TRP D 325 -4.66 6.48 -17.98
N LYS D 326 -4.04 7.52 -18.54
CA LYS D 326 -3.22 7.36 -19.74
C LYS D 326 -1.92 6.62 -19.46
N ASP D 327 -1.52 6.51 -18.18
CA ASP D 327 -0.30 5.81 -17.83
C ASP D 327 -0.41 4.33 -18.14
N ASN D 328 -1.61 3.77 -18.08
CA ASN D 328 -1.85 2.35 -18.29
C ASN D 328 -2.80 2.08 -19.45
N PHE D 329 -3.32 3.10 -20.10
CA PHE D 329 -4.16 2.91 -21.28
C PHE D 329 -3.68 3.82 -22.41
N PRO D 330 -3.49 3.30 -23.63
CA PRO D 330 -3.77 1.91 -24.01
C PRO D 330 -2.69 0.87 -23.68
N VAL D 331 -1.55 1.27 -23.12
CA VAL D 331 -0.45 0.35 -22.81
C VAL D 331 -0.22 0.36 -21.30
N ILE D 332 -0.13 -0.84 -20.72
CA ILE D 332 0.11 -0.96 -19.27
C ILE D 332 1.52 -0.50 -18.93
N GLY D 333 1.63 0.40 -17.97
CA GLY D 333 2.91 0.63 -17.31
C GLY D 333 3.89 1.55 -17.97
N ARG D 334 3.44 2.56 -18.71
CA ARG D 334 4.32 3.64 -19.14
C ARG D 334 3.91 4.94 -18.44
N LYS D 335 4.45 6.06 -18.92
CA LYS D 335 4.06 7.36 -18.37
C LYS D 335 3.62 8.29 -19.49
N ASP D 336 2.50 8.97 -19.29
CA ASP D 336 2.02 10.02 -20.17
C ASP D 336 1.94 11.30 -19.36
N TRP D 337 1.77 12.43 -20.04
CA TRP D 337 1.75 13.73 -19.36
C TRP D 337 0.67 14.61 -19.98
N PRO D 338 -0.60 14.24 -19.83
CA PRO D 338 -1.65 14.79 -20.70
C PRO D 338 -2.47 15.94 -20.13
N LEU D 339 -2.18 16.41 -18.92
CA LEU D 339 -3.09 17.32 -18.23
C LEU D 339 -2.45 18.69 -18.05
N LEU D 340 -3.20 19.56 -17.35
CA LEU D 340 -2.77 20.94 -17.15
C LEU D 340 -1.74 21.08 -16.03
N PHE D 341 -1.72 20.17 -15.10
CA PHE D 341 -0.80 20.27 -14.02
C PHE D 341 0.18 19.16 -14.10
N ASP D 342 1.44 19.52 -13.91
CA ASP D 342 2.53 18.56 -13.97
C ASP D 342 2.55 17.58 -12.81
N VAL D 343 3.53 16.69 -12.85
CA VAL D 343 3.75 15.66 -11.87
C VAL D 343 3.90 16.12 -10.39
N ASN D 344 4.27 17.37 -10.15
CA ASN D 344 4.36 17.93 -8.84
C ASN D 344 3.15 18.84 -8.56
N GLY D 345 2.06 18.78 -9.32
CA GLY D 345 0.91 19.61 -9.04
C GLY D 345 1.07 21.07 -9.40
N LYS D 346 2.05 21.42 -10.25
CA LYS D 346 2.28 22.80 -10.68
C LYS D 346 1.71 23.03 -12.07
N PRO D 347 1.24 24.24 -12.37
CA PRO D 347 0.64 24.51 -13.68
C PRO D 347 1.70 24.45 -14.80
N LYS D 348 1.39 23.71 -15.85
CA LYS D 348 2.25 23.62 -17.01
C LYS D 348 2.03 24.80 -17.95
N GLU D 349 2.85 24.89 -19.00
CA GLU D 349 2.64 25.96 -19.98
C GLU D 349 1.24 25.91 -20.57
N ALA D 350 0.67 24.70 -20.70
CA ALA D 350 -0.70 24.59 -21.19
C ALA D 350 -1.67 25.37 -20.31
N PHE D 351 -1.40 25.41 -19.00
CA PHE D 351 -2.29 26.15 -18.10
C PHE D 351 -2.26 27.64 -18.40
N PHE D 352 -1.04 28.20 -18.51
CA PHE D 352 -0.91 29.64 -18.70
C PHE D 352 -1.45 30.09 -20.05
N ARG D 353 -1.44 29.21 -21.06
CA ARG D 353 -1.92 29.66 -22.35
C ARG D 353 -3.44 29.66 -22.42
N ILE D 354 -4.10 28.70 -21.78
CA ILE D 354 -5.56 28.63 -21.83
C ILE D 354 -6.17 29.65 -20.88
N VAL D 355 -5.32 30.34 -20.12
CA VAL D 355 -5.75 31.46 -19.28
C VAL D 355 -5.32 32.81 -19.85
N ASN D 356 -4.49 32.82 -20.89
CA ASN D 356 -4.05 34.04 -21.54
C ASN D 356 -5.13 34.49 -22.53
N PHE D 357 -6.15 35.15 -21.99
CA PHE D 357 -7.21 35.73 -22.81
C PHE D 357 -7.99 36.78 -22.03
N ILE E 29 -67.48 -23.14 6.72
CA ILE E 29 -66.82 -21.90 7.14
C ILE E 29 -66.31 -22.00 8.57
N PRO E 30 -65.25 -22.80 8.78
CA PRO E 30 -64.59 -22.79 10.09
C PRO E 30 -63.92 -21.45 10.32
N SER E 31 -63.91 -21.02 11.58
CA SER E 31 -63.27 -19.76 11.93
C SER E 31 -61.74 -19.90 11.90
N LEU E 32 -61.09 -19.02 11.12
CA LEU E 32 -59.63 -19.02 11.05
C LEU E 32 -59.00 -18.93 12.43
N ALA E 33 -59.39 -17.91 13.21
CA ALA E 33 -58.82 -17.72 14.55
C ALA E 33 -59.09 -18.92 15.44
N GLU E 34 -60.33 -19.41 15.44
CA GLU E 34 -60.66 -20.59 16.24
C GLU E 34 -59.80 -21.77 15.82
N LYS E 35 -59.70 -22.03 14.52
CA LYS E 35 -58.90 -23.15 14.04
C LYS E 35 -57.44 -23.02 14.48
N TYR E 36 -56.97 -21.79 14.73
CA TYR E 36 -55.58 -21.55 15.08
C TYR E 36 -55.41 -21.14 16.55
N LYS E 37 -56.45 -21.34 17.38
CA LYS E 37 -56.40 -20.87 18.76
C LYS E 37 -55.22 -21.44 19.54
N GLU E 38 -54.88 -22.70 19.32
CA GLU E 38 -53.77 -23.31 20.01
C GLU E 38 -52.43 -23.06 19.34
N TYR E 39 -52.38 -22.13 18.37
CA TYR E 39 -51.18 -21.86 17.61
C TYR E 39 -50.70 -20.42 17.77
N PHE E 40 -51.49 -19.43 17.36
CA PHE E 40 -51.14 -18.02 17.43
C PHE E 40 -52.39 -17.20 17.08
N LYS E 41 -52.35 -15.92 17.43
CA LYS E 41 -53.44 -15.03 17.05
C LYS E 41 -53.53 -14.92 15.53
N ILE E 42 -54.71 -14.55 15.06
CA ILE E 42 -54.96 -14.29 13.63
C ILE E 42 -55.49 -12.87 13.50
N GLY E 43 -54.76 -12.03 12.75
CA GLY E 43 -55.05 -10.62 12.70
C GLY E 43 -55.19 -10.08 11.29
N ALA E 44 -55.65 -8.84 11.20
CA ALA E 44 -55.79 -8.15 9.92
C ALA E 44 -55.57 -6.65 10.10
N ALA E 45 -54.96 -6.02 9.09
CA ALA E 45 -54.88 -4.57 9.01
C ALA E 45 -56.23 -3.98 8.62
N VAL E 46 -56.62 -2.87 9.26
CA VAL E 46 -57.94 -2.29 9.06
C VAL E 46 -57.86 -0.77 8.97
N THR E 47 -58.80 -0.22 8.22
CA THR E 47 -59.23 1.16 8.23
C THR E 47 -60.63 1.21 8.84
N VAL E 48 -61.11 2.43 9.12
CA VAL E 48 -62.45 2.57 9.70
C VAL E 48 -63.50 1.89 8.82
N LYS E 49 -63.32 1.98 7.49
CA LYS E 49 -64.25 1.38 6.53
C LYS E 49 -64.43 -0.11 6.76
N ASP E 50 -63.36 -0.79 7.18
CA ASP E 50 -63.37 -2.23 7.32
C ASP E 50 -64.21 -2.71 8.50
N LEU E 51 -64.63 -1.80 9.38
CA LEU E 51 -65.39 -2.19 10.55
C LEU E 51 -66.87 -2.37 10.23
N GLU E 52 -67.21 -2.91 9.07
CA GLU E 52 -68.60 -3.24 8.72
C GLU E 52 -68.76 -4.02 7.48
N GLY E 53 -69.96 -3.94 6.96
CA GLY E 53 -70.27 -4.68 5.77
C GLY E 53 -69.78 -6.10 5.85
N VAL E 54 -69.48 -6.65 4.67
CA VAL E 54 -68.89 -7.99 4.59
C VAL E 54 -67.59 -8.04 5.39
N HIS E 55 -66.80 -6.96 5.37
CA HIS E 55 -65.50 -6.97 6.05
C HIS E 55 -65.67 -7.03 7.57
N GLY E 56 -66.67 -6.33 8.10
CA GLY E 56 -66.93 -6.43 9.53
C GLY E 56 -67.28 -7.84 9.95
N GLU E 57 -68.08 -8.53 9.12
CA GLU E 57 -68.49 -9.90 9.46
C GLU E 57 -67.32 -10.87 9.37
N ILE E 58 -66.47 -10.72 8.35
CA ILE E 58 -65.24 -11.51 8.26
C ILE E 58 -64.39 -11.31 9.51
N LEU E 59 -64.23 -10.06 9.94
CA LEU E 59 -63.44 -9.78 11.13
C LEU E 59 -64.00 -10.51 12.35
N VAL E 60 -65.30 -10.33 12.62
CA VAL E 60 -65.91 -10.90 13.81
C VAL E 60 -65.85 -12.43 13.79
N LYS E 61 -65.98 -13.04 12.62
CA LYS E 61 -65.92 -14.50 12.55
C LYS E 61 -64.49 -15.04 12.59
N HIS E 62 -63.55 -14.42 11.86
CA HIS E 62 -62.29 -15.07 11.55
C HIS E 62 -61.06 -14.52 12.25
N PHE E 63 -61.13 -13.32 12.81
CA PHE E 63 -59.92 -12.62 13.24
C PHE E 63 -60.05 -12.22 14.70
N ASN E 64 -58.99 -12.43 15.48
CA ASN E 64 -58.99 -12.00 16.87
C ASN E 64 -57.91 -10.96 17.14
N SER E 65 -57.37 -10.33 16.10
CA SER E 65 -56.41 -9.24 16.23
C SER E 65 -56.63 -8.23 15.11
N LEU E 66 -56.47 -6.93 15.43
CA LEU E 66 -56.53 -5.86 14.44
C LEU E 66 -55.27 -5.02 14.53
N THR E 67 -54.84 -4.51 13.37
CA THR E 67 -53.77 -3.51 13.29
C THR E 67 -54.33 -2.30 12.55
N PRO E 68 -54.36 -1.10 13.12
CA PRO E 68 -54.67 0.08 12.30
C PRO E 68 -53.65 0.21 11.17
N GLU E 69 -54.15 0.12 9.94
CA GLU E 69 -53.26 0.14 8.77
C GLU E 69 -52.47 1.43 8.70
N ASN E 70 -53.13 2.56 8.91
CA ASN E 70 -52.51 3.87 8.74
C ASN E 70 -52.72 4.80 9.93
N ASP E 71 -53.74 4.59 10.76
CA ASP E 71 -54.19 5.64 11.66
C ASP E 71 -53.37 5.76 12.93
N MET E 72 -52.38 4.89 13.14
CA MET E 72 -51.43 5.04 14.24
C MET E 72 -50.03 5.41 13.77
N LYS E 73 -49.84 5.58 12.46
CA LYS E 73 -48.64 6.25 11.99
C LYS E 73 -48.52 7.60 12.67
N PHE E 74 -47.29 7.95 13.06
CA PHE E 74 -47.04 9.21 13.76
C PHE E 74 -47.74 10.38 13.07
N GLU E 75 -47.52 10.52 11.77
CA GLU E 75 -48.09 11.66 11.04
C GLU E 75 -49.61 11.67 11.05
N ARG E 76 -50.25 10.53 11.34
CA ARG E 76 -51.72 10.54 11.37
C ARG E 76 -52.24 10.77 12.78
N ILE E 77 -51.71 10.02 13.75
CA ILE E 77 -52.19 10.12 15.12
C ILE E 77 -51.68 11.38 15.81
N HIS E 78 -50.59 11.97 15.33
CA HIS E 78 -49.97 13.14 15.98
C HIS E 78 -49.54 14.13 14.92
N PRO E 79 -50.49 14.66 14.13
CA PRO E 79 -50.10 15.49 12.98
C PRO E 79 -49.42 16.79 13.35
N ASP E 80 -49.76 17.40 14.48
CA ASP E 80 -49.22 18.70 14.82
C ASP E 80 -48.76 18.70 16.26
N GLU E 81 -47.93 19.71 16.58
CA GLU E 81 -47.27 19.74 17.88
C GLU E 81 -48.27 19.68 19.02
N HIS E 82 -49.41 20.36 18.88
CA HIS E 82 -50.42 20.42 19.94
C HIS E 82 -51.72 19.75 19.51
N ARG E 83 -51.58 18.73 18.70
CA ARG E 83 -52.73 18.03 18.23
C ARG E 83 -52.55 16.61 17.84
N TYR E 84 -53.27 15.80 18.57
CA TYR E 84 -53.42 14.38 18.28
C TYR E 84 -54.75 14.14 17.58
N ASN E 85 -54.84 13.01 16.88
CA ASN E 85 -56.07 12.60 16.20
C ASN E 85 -56.32 11.15 16.60
N PHE E 86 -57.19 10.93 17.58
CA PHE E 86 -57.47 9.59 18.08
C PHE E 86 -58.73 8.99 17.47
N ASP E 87 -59.42 9.73 16.61
CA ASP E 87 -60.78 9.42 16.21
C ASP E 87 -60.89 7.99 15.67
N ALA E 88 -60.07 7.66 14.67
CA ALA E 88 -60.17 6.36 14.01
C ALA E 88 -59.69 5.22 14.91
N VAL E 89 -58.63 5.46 15.68
CA VAL E 89 -58.10 4.35 16.48
C VAL E 89 -59.03 4.05 17.65
N ASP E 90 -59.71 5.07 18.21
CA ASP E 90 -60.73 4.80 19.22
C ASP E 90 -61.82 3.88 18.69
N LYS E 91 -62.21 4.07 17.41
CA LYS E 91 -63.26 3.24 16.83
C LYS E 91 -62.79 1.80 16.69
N MET E 92 -61.53 1.61 16.29
CA MET E 92 -60.97 0.27 16.21
C MET E 92 -60.89 -0.38 17.59
N LYS E 93 -60.56 0.41 18.61
CA LYS E 93 -60.48 -0.12 19.96
C LYS E 93 -61.86 -0.53 20.48
N GLU E 94 -62.87 0.32 20.27
CA GLU E 94 -64.22 -0.05 20.69
C GLU E 94 -64.70 -1.27 19.93
N PHE E 95 -64.47 -1.31 18.62
CA PHE E 95 -64.79 -2.50 17.84
C PHE E 95 -64.06 -3.72 18.38
N ALA E 96 -62.79 -3.57 18.77
CA ALA E 96 -62.03 -4.70 19.28
C ALA E 96 -62.58 -5.19 20.62
N ILE E 97 -63.06 -4.28 21.46
CA ILE E 97 -63.56 -4.67 22.78
C ILE E 97 -64.88 -5.42 22.63
N LYS E 98 -65.80 -4.90 21.81
CA LYS E 98 -67.08 -5.57 21.63
C LYS E 98 -66.94 -6.95 21.02
N ASN E 99 -65.87 -7.20 20.25
CA ASN E 99 -65.79 -8.41 19.45
C ASN E 99 -64.65 -9.33 19.87
N ASN E 100 -64.14 -9.15 21.10
CA ASN E 100 -63.20 -10.08 21.71
C ASN E 100 -61.93 -10.18 20.88
N MET E 101 -61.36 -9.02 20.55
CA MET E 101 -60.10 -8.96 19.83
C MET E 101 -59.16 -7.99 20.52
N LYS E 102 -57.88 -8.14 20.20
CA LYS E 102 -56.85 -7.22 20.66
C LYS E 102 -56.20 -6.56 19.45
N MET E 103 -55.36 -5.57 19.71
CA MET E 103 -54.76 -4.72 18.69
C MET E 103 -53.24 -4.81 18.74
N ARG E 104 -52.61 -4.63 17.57
CA ARG E 104 -51.18 -4.36 17.46
C ARG E 104 -50.99 -2.87 17.22
N GLY E 105 -50.03 -2.27 17.93
CA GLY E 105 -49.69 -0.88 17.74
C GLY E 105 -48.77 -0.72 16.54
N HIS E 106 -49.14 0.08 15.57
CA HIS E 106 -48.32 0.26 14.40
C HIS E 106 -48.31 1.72 13.95
N THR E 107 -47.30 2.53 14.25
CA THR E 107 -45.90 2.23 14.58
C THR E 107 -45.28 3.56 15.09
N PHE E 108 -44.37 3.49 16.03
CA PHE E 108 -43.81 4.72 16.61
C PHE E 108 -42.77 5.47 15.78
N VAL E 109 -41.69 4.81 15.42
CA VAL E 109 -40.57 5.34 14.68
C VAL E 109 -40.44 4.64 13.33
N TRP E 110 -40.71 5.36 12.27
CA TRP E 110 -40.77 4.78 10.94
C TRP E 110 -40.42 5.86 9.93
N HIS E 111 -39.41 5.61 9.09
CA HIS E 111 -38.94 6.61 8.13
C HIS E 111 -40.08 7.16 7.29
N ASN E 112 -40.05 8.47 7.07
CA ASN E 112 -40.99 9.19 6.19
C ASN E 112 -42.39 9.26 6.75
N GLN E 113 -42.62 8.90 8.02
CA GLN E 113 -43.96 8.89 8.57
C GLN E 113 -44.08 9.78 9.81
N THR E 114 -43.03 10.57 10.11
CA THR E 114 -43.01 11.53 11.21
C THR E 114 -43.17 12.93 10.65
N PRO E 115 -44.11 13.72 11.16
CA PRO E 115 -44.32 15.07 10.60
C PRO E 115 -43.12 15.97 10.86
N GLU E 116 -43.04 16.98 9.99
CA GLU E 116 -41.93 17.91 9.94
C GLU E 116 -41.67 18.58 11.30
N TRP E 117 -42.73 18.92 12.04
CA TRP E 117 -42.56 19.73 13.25
C TRP E 117 -41.71 19.03 14.31
N VAL E 118 -41.74 17.69 14.32
CA VAL E 118 -41.08 16.95 15.39
C VAL E 118 -39.60 17.28 15.45
N PHE E 119 -38.97 17.48 14.29
CA PHE E 119 -37.54 17.66 14.19
C PHE E 119 -37.10 19.12 14.15
N LYS E 120 -38.04 20.08 14.19
CA LYS E 120 -37.74 21.51 14.05
C LYS E 120 -37.87 22.23 15.38
N ASP E 121 -36.87 23.05 15.71
CA ASP E 121 -36.87 23.82 16.97
C ASP E 121 -37.57 25.17 16.83
N ARG E 122 -37.24 26.11 17.71
CA ARG E 122 -37.83 27.44 17.69
C ARG E 122 -37.69 28.11 16.31
N GLU E 123 -36.44 28.29 15.91
CA GLU E 123 -36.07 28.96 14.68
C GLU E 123 -36.06 28.19 13.37
N GLY E 124 -36.37 26.90 13.39
CA GLY E 124 -36.41 26.15 12.16
C GLY E 124 -35.26 25.23 11.87
N ASN E 125 -34.36 25.10 12.81
CA ASN E 125 -33.27 24.18 12.64
C ASN E 125 -33.48 22.90 13.43
N ASP E 126 -32.53 21.99 13.35
CA ASP E 126 -32.62 20.75 14.05
C ASP E 126 -32.76 20.97 15.50
N VAL E 127 -33.61 20.19 16.09
CA VAL E 127 -33.83 20.19 17.48
C VAL E 127 -32.66 19.45 18.14
N SER E 128 -32.46 19.71 19.41
CA SER E 128 -31.43 19.04 20.12
C SER E 128 -31.71 17.57 20.34
N ARG E 129 -30.66 16.86 20.63
CA ARG E 129 -30.79 15.44 20.96
C ARG E 129 -31.80 15.20 22.09
N GLU E 130 -31.67 15.96 23.18
CA GLU E 130 -32.47 15.70 24.36
C GLU E 130 -33.92 16.09 24.15
N LEU E 131 -34.17 17.11 23.32
CA LEU E 131 -35.56 17.53 23.07
C LEU E 131 -36.27 16.53 22.16
N LEU E 132 -35.55 15.95 21.20
CA LEU E 132 -36.16 14.94 20.33
C LEU E 132 -36.56 13.70 21.12
N ILE E 133 -35.65 13.24 21.99
CA ILE E 133 -35.96 12.16 22.94
C ILE E 133 -37.23 12.50 23.72
N GLU E 134 -37.37 13.76 24.16
CA GLU E 134 -38.52 14.12 24.98
C GLU E 134 -39.80 14.16 24.14
N ARG E 135 -39.72 14.64 22.91
CA ARG E 135 -40.90 14.60 22.05
C ARG E 135 -41.30 13.17 21.77
N LEU E 136 -40.33 12.29 21.51
CA LEU E 136 -40.67 10.90 21.31
C LEU E 136 -41.25 10.30 22.58
N ARG E 137 -40.64 10.62 23.72
CA ARG E 137 -41.17 10.16 25.00
C ARG E 137 -42.61 10.60 25.21
N GLU E 138 -42.89 11.89 24.93
CA GLU E 138 -44.24 12.39 25.15
C GLU E 138 -45.22 11.74 24.19
N HIS E 139 -44.75 11.48 22.95
CA HIS E 139 -45.59 10.82 21.96
C HIS E 139 -45.93 9.39 22.37
N ILE E 140 -44.92 8.60 22.74
CA ILE E 140 -45.14 7.20 23.10
C ILE E 140 -45.96 7.09 24.39
N LYS E 141 -45.70 7.95 25.38
CA LYS E 141 -46.49 7.89 26.61
C LYS E 141 -47.96 8.17 26.31
N THR E 142 -48.24 9.21 25.51
CA THR E 142 -49.63 9.55 25.21
C THR E 142 -50.35 8.39 24.52
N VAL E 143 -49.71 7.78 23.52
CA VAL E 143 -50.39 6.74 22.74
C VAL E 143 -50.52 5.45 23.55
N CYS E 144 -49.50 5.11 24.35
CA CYS E 144 -49.58 3.91 25.20
C CYS E 144 -50.63 4.07 26.30
N ASP E 145 -50.63 5.22 26.97
CA ASP E 145 -51.64 5.48 28.00
C ASP E 145 -53.04 5.23 27.45
N ARG E 146 -53.31 5.69 26.23
CA ARG E 146 -54.65 5.56 25.68
C ARG E 146 -54.96 4.14 25.22
N TYR E 147 -53.97 3.37 24.73
CA TYR E 147 -54.31 2.10 24.10
C TYR E 147 -53.66 0.87 24.73
N ARG E 148 -52.91 1.03 25.83
CA ARG E 148 -52.26 -0.12 26.48
C ARG E 148 -53.27 -1.20 26.88
N ASP E 149 -54.50 -0.82 27.16
CA ASP E 149 -55.50 -1.79 27.61
C ASP E 149 -55.92 -2.75 26.50
N ILE E 150 -55.75 -2.38 25.23
CA ILE E 150 -56.20 -3.21 24.12
C ILE E 150 -55.06 -3.63 23.19
N VAL E 151 -53.86 -3.06 23.35
CA VAL E 151 -52.71 -3.37 22.49
C VAL E 151 -51.84 -4.44 23.16
N TYR E 152 -51.61 -5.55 22.46
CA TYR E 152 -50.76 -6.62 22.98
C TYR E 152 -49.35 -6.61 22.41
N ALA E 153 -49.11 -5.94 21.28
CA ALA E 153 -47.79 -5.86 20.67
C ALA E 153 -47.63 -4.51 19.99
N TRP E 154 -46.47 -3.87 20.18
CA TRP E 154 -46.15 -2.60 19.56
C TRP E 154 -44.99 -2.80 18.59
N ASP E 155 -45.15 -2.34 17.34
CA ASP E 155 -44.01 -2.14 16.45
C ASP E 155 -43.38 -0.82 16.89
N VAL E 156 -42.33 -0.90 17.70
CA VAL E 156 -41.72 0.32 18.25
C VAL E 156 -40.90 1.03 17.19
N VAL E 157 -40.05 0.29 16.49
CA VAL E 157 -39.26 0.82 15.40
C VAL E 157 -39.57 -0.02 14.17
N ASN E 158 -39.80 0.67 13.05
CA ASN E 158 -40.22 0.02 11.83
C ASN E 158 -39.22 0.35 10.73
N GLU E 159 -38.63 -0.69 10.13
CA GLU E 159 -37.79 -0.55 8.92
C GLU E 159 -36.61 0.41 9.11
N ALA E 160 -35.90 0.31 10.24
CA ALA E 160 -34.66 1.06 10.41
C ALA E 160 -33.51 0.45 9.61
N VAL E 161 -33.55 -0.87 9.40
CA VAL E 161 -32.43 -1.53 8.73
C VAL E 161 -32.31 -0.99 7.31
N GLU E 162 -31.08 -0.75 6.87
CA GLU E 162 -30.82 -0.24 5.54
C GLU E 162 -31.24 -1.27 4.49
N ASP E 163 -31.95 -0.82 3.45
CA ASP E 163 -32.36 -1.74 2.41
C ASP E 163 -31.53 -1.67 1.14
N LYS E 164 -31.03 -0.50 0.73
CA LYS E 164 -30.39 -0.36 -0.59
C LYS E 164 -28.91 -0.76 -0.62
N THR E 165 -28.17 -0.58 0.48
CA THR E 165 -26.72 -0.85 0.49
C THR E 165 -26.37 -1.88 1.56
N GLU E 166 -25.06 -2.17 1.66
CA GLU E 166 -24.52 -3.04 2.69
C GLU E 166 -24.61 -2.48 4.09
N LYS E 167 -24.86 -1.19 4.26
CA LYS E 167 -24.77 -0.62 5.60
C LYS E 167 -25.88 -1.19 6.48
N LEU E 168 -25.69 -1.04 7.80
CA LEU E 168 -26.63 -1.62 8.76
C LEU E 168 -27.94 -0.84 8.80
N LEU E 169 -27.84 0.49 8.93
CA LEU E 169 -28.98 1.34 9.24
C LEU E 169 -29.13 2.41 8.17
N ARG E 170 -30.41 2.73 7.87
CA ARG E 170 -30.69 3.92 7.08
C ARG E 170 -30.20 5.18 7.80
N ASP E 171 -30.01 6.23 7.02
CA ASP E 171 -29.95 7.57 7.57
C ASP E 171 -31.35 8.12 7.75
N SER E 172 -31.52 8.91 8.82
CA SER E 172 -32.81 9.49 9.15
C SER E 172 -32.58 10.69 10.07
N ASN E 173 -33.64 11.50 10.22
CA ASN E 173 -33.61 12.57 11.22
C ASN E 173 -33.32 12.04 12.61
N TRP E 174 -33.99 10.95 13.00
CA TRP E 174 -33.73 10.32 14.29
C TRP E 174 -32.24 10.03 14.48
N ARG E 175 -31.61 9.39 13.49
CA ARG E 175 -30.20 9.03 13.64
C ARG E 175 -29.30 10.27 13.62
N ARG E 176 -29.64 11.24 12.81
CA ARG E 176 -28.89 12.46 12.72
C ARG E 176 -28.81 13.17 14.03
N ILE E 177 -29.96 13.32 14.65
CA ILE E 177 -30.06 14.15 15.84
C ILE E 177 -29.70 13.37 17.09
N ILE E 178 -30.20 12.15 17.25
CA ILE E 178 -29.93 11.34 18.43
C ILE E 178 -28.68 10.47 18.24
N GLY E 179 -28.48 9.91 17.04
CA GLY E 179 -27.46 8.90 16.88
C GLY E 179 -28.07 7.51 16.92
N ASP E 180 -27.20 6.50 16.85
CA ASP E 180 -27.71 5.12 16.78
C ASP E 180 -28.51 4.73 18.00
N ASP E 181 -28.37 5.46 19.11
CA ASP E 181 -29.11 5.16 20.34
C ASP E 181 -30.62 5.36 20.19
N TYR E 182 -31.07 6.00 19.11
CA TYR E 182 -32.50 6.26 19.00
C TYR E 182 -33.33 4.99 19.02
N ILE E 183 -32.81 3.88 18.47
CA ILE E 183 -33.57 2.62 18.47
C ILE E 183 -33.73 2.11 19.90
N LYS E 184 -32.61 1.96 20.61
CA LYS E 184 -32.67 1.48 21.99
C LYS E 184 -33.54 2.41 22.84
N ILE E 185 -33.36 3.72 22.67
CA ILE E 185 -34.14 4.68 23.44
C ILE E 185 -35.63 4.50 23.17
N ALA E 186 -36.00 4.27 21.91
CA ALA E 186 -37.39 4.07 21.55
C ALA E 186 -37.97 2.88 22.31
N PHE E 187 -37.21 1.79 22.40
CA PHE E 187 -37.68 0.60 23.12
C PHE E 187 -37.73 0.85 24.63
N GLU E 188 -36.75 1.55 25.21
CA GLU E 188 -36.80 1.85 26.64
C GLU E 188 -38.03 2.71 26.96
N ILE E 189 -38.34 3.66 26.08
CA ILE E 189 -39.52 4.50 26.31
C ILE E 189 -40.79 3.66 26.24
N ALA E 190 -40.96 2.90 25.16
CA ALA E 190 -42.16 2.07 25.04
C ALA E 190 -42.27 1.10 26.21
N LYS E 191 -41.13 0.61 26.72
CA LYS E 191 -41.14 -0.25 27.90
C LYS E 191 -41.76 0.44 29.11
N GLU E 192 -41.42 1.71 29.35
CA GLU E 192 -41.95 2.43 30.49
C GLU E 192 -43.48 2.48 30.46
N TYR E 193 -44.07 2.61 29.27
CA TYR E 193 -45.50 2.93 29.23
C TYR E 193 -46.39 1.86 28.63
N ALA E 194 -45.85 0.78 28.08
CA ALA E 194 -46.67 -0.17 27.35
C ALA E 194 -47.38 -1.18 28.25
N GLY E 195 -47.15 -1.14 29.56
CA GLY E 195 -47.78 -2.10 30.45
C GLY E 195 -47.36 -3.51 30.12
N GLU E 196 -48.35 -4.36 29.81
CA GLU E 196 -48.04 -5.75 29.46
C GLU E 196 -47.75 -5.95 27.99
N GLY E 197 -47.82 -4.90 27.17
CA GLY E 197 -47.61 -5.07 25.74
C GLY E 197 -46.17 -5.41 25.42
N LYS E 198 -45.98 -6.30 24.44
CA LYS E 198 -44.66 -6.69 23.99
C LYS E 198 -44.16 -5.74 22.89
N LEU E 199 -42.84 -5.67 22.75
CA LEU E 199 -42.20 -4.64 21.93
C LEU E 199 -41.45 -5.30 20.79
N PHE E 200 -41.75 -4.86 19.57
CA PHE E 200 -41.22 -5.49 18.38
C PHE E 200 -40.43 -4.49 17.53
N TYR E 201 -39.40 -5.01 16.88
CA TYR E 201 -38.79 -4.37 15.72
C TYR E 201 -39.39 -5.03 14.48
N ASN E 202 -39.86 -4.22 13.53
CA ASN E 202 -40.64 -4.71 12.39
C ASN E 202 -39.97 -4.31 11.08
N ASP E 203 -40.00 -5.20 10.09
CA ASP E 203 -39.31 -4.88 8.83
C ASP E 203 -39.77 -5.83 7.73
N TYR E 204 -39.45 -5.48 6.49
CA TYR E 204 -39.75 -6.30 5.32
C TYR E 204 -38.48 -6.89 4.74
N ASN E 205 -38.65 -7.99 3.99
CA ASN E 205 -37.55 -8.74 3.39
C ASN E 205 -36.51 -9.20 4.43
N ASN E 206 -36.87 -9.20 5.72
CA ASN E 206 -35.89 -9.56 6.74
C ASN E 206 -35.72 -11.06 6.90
N GLU E 207 -36.30 -11.83 5.98
CA GLU E 207 -35.98 -13.24 5.84
C GLU E 207 -35.03 -13.52 4.68
N MET E 208 -34.72 -12.50 3.79
CA MET E 208 -33.91 -12.76 2.60
C MET E 208 -32.42 -12.61 2.91
N PRO E 209 -31.56 -13.37 2.19
CA PRO E 209 -30.13 -13.39 2.54
C PRO E 209 -29.46 -12.03 2.61
N TYR E 210 -29.85 -11.07 1.76
CA TYR E 210 -29.16 -9.79 1.76
C TYR E 210 -29.44 -8.97 3.01
N LYS E 211 -30.47 -9.34 3.78
CA LYS E 211 -30.95 -8.52 4.89
C LYS E 211 -31.11 -9.29 6.20
N LEU E 212 -31.18 -10.62 6.17
CA LEU E 212 -31.37 -11.40 7.40
C LEU E 212 -30.16 -11.31 8.32
N GLU E 213 -28.96 -11.57 7.79
CA GLU E 213 -27.77 -11.61 8.64
C GLU E 213 -27.51 -10.25 9.29
N LYS E 214 -27.47 -9.19 8.48
CA LYS E 214 -27.56 -7.80 8.92
C LYS E 214 -28.52 -7.59 10.09
N THR E 215 -29.79 -7.98 9.88
CA THR E 215 -30.81 -7.73 10.90
C THR E 215 -30.53 -8.53 12.17
N TYR E 216 -30.10 -9.79 12.02
CA TYR E 216 -29.70 -10.59 13.18
C TYR E 216 -28.60 -9.90 13.97
N LYS E 217 -27.61 -9.34 13.29
CA LYS E 217 -26.49 -8.70 13.97
C LYS E 217 -26.95 -7.49 14.77
N LEU E 218 -27.80 -6.66 14.17
CA LEU E 218 -28.34 -5.48 14.84
C LEU E 218 -29.12 -5.90 16.08
N LEU E 219 -30.00 -6.89 15.94
CA LEU E 219 -30.84 -7.31 17.06
C LEU E 219 -29.98 -7.89 18.18
N LYS E 220 -28.94 -8.64 17.83
CA LYS E 220 -28.01 -9.15 18.84
C LYS E 220 -27.32 -8.01 19.57
N GLU E 221 -26.87 -6.99 18.84
CA GLU E 221 -26.26 -5.82 19.49
C GLU E 221 -27.22 -5.17 20.47
N LEU E 222 -28.46 -4.95 20.05
CA LEU E 222 -29.44 -4.32 20.93
C LEU E 222 -29.69 -5.14 22.18
N ILE E 223 -29.92 -6.45 22.01
CA ILE E 223 -30.19 -7.32 23.15
C ILE E 223 -29.00 -7.34 24.10
N ASP E 224 -27.78 -7.38 23.56
CA ASP E 224 -26.59 -7.40 24.41
C ASP E 224 -26.45 -6.12 25.23
N LYS E 225 -26.98 -5.00 24.73
CA LYS E 225 -27.03 -3.74 25.46
C LYS E 225 -28.25 -3.63 26.35
N GLU E 226 -28.96 -4.73 26.60
CA GLU E 226 -30.13 -4.73 27.48
C GLU E 226 -31.25 -3.84 26.93
N THR E 227 -31.37 -3.78 25.60
CA THR E 227 -32.54 -3.13 25.01
C THR E 227 -33.76 -3.99 25.29
N PRO E 228 -34.85 -3.40 25.83
CA PRO E 228 -36.02 -4.26 26.12
C PRO E 228 -36.87 -4.53 24.89
N ILE E 229 -36.35 -5.33 23.97
CA ILE E 229 -37.06 -5.77 22.77
C ILE E 229 -37.55 -7.18 22.99
N ASP E 230 -38.83 -7.43 22.68
CA ASP E 230 -39.42 -8.74 22.92
C ASP E 230 -39.44 -9.63 21.69
N GLY E 231 -39.54 -9.06 20.50
CA GLY E 231 -39.72 -9.91 19.34
C GLY E 231 -39.42 -9.18 18.05
N ILE E 232 -39.45 -9.94 16.96
CA ILE E 232 -39.26 -9.36 15.65
C ILE E 232 -40.52 -9.55 14.81
N GLY E 233 -40.90 -8.50 14.10
CA GLY E 233 -41.98 -8.56 13.14
C GLY E 233 -41.45 -8.85 11.75
N ILE E 234 -41.94 -9.93 11.17
CA ILE E 234 -41.61 -10.35 9.82
C ILE E 234 -42.81 -9.91 8.97
N GLN E 235 -42.63 -8.86 8.17
CA GLN E 235 -43.78 -8.27 7.47
C GLN E 235 -44.44 -9.27 6.54
N ALA E 236 -43.64 -10.04 5.80
CA ALA E 236 -44.10 -11.10 4.91
C ALA E 236 -44.92 -10.55 3.73
N HIS E 237 -44.42 -9.48 3.13
CA HIS E 237 -44.98 -8.98 1.87
C HIS E 237 -44.39 -9.82 0.76
N TRP E 238 -45.05 -10.93 0.48
CA TRP E 238 -44.48 -11.99 -0.32
C TRP E 238 -45.20 -12.09 -1.67
N ASN E 239 -44.74 -13.02 -2.50
CA ASN E 239 -45.37 -13.21 -3.79
C ASN E 239 -45.24 -14.69 -4.15
N ILE E 240 -46.10 -15.13 -5.07
CA ILE E 240 -46.22 -16.56 -5.33
C ILE E 240 -45.04 -17.14 -6.11
N TRP E 241 -44.17 -16.32 -6.66
CA TRP E 241 -43.10 -16.81 -7.53
C TRP E 241 -41.76 -17.04 -6.82
N ASP E 242 -41.62 -16.59 -5.57
CA ASP E 242 -40.34 -16.61 -4.86
C ASP E 242 -39.96 -18.05 -4.51
N LYS E 243 -38.98 -18.60 -5.25
CA LYS E 243 -38.61 -20.01 -5.09
C LYS E 243 -37.94 -20.30 -3.75
N ASN E 244 -37.28 -19.32 -3.14
CA ASN E 244 -36.50 -19.53 -1.91
C ASN E 244 -37.24 -19.15 -0.64
N LEU E 245 -38.52 -18.79 -0.74
CA LEU E 245 -39.27 -18.27 0.40
C LEU E 245 -39.25 -19.21 1.59
N ILE E 246 -39.61 -20.49 1.38
CA ILE E 246 -39.78 -21.42 2.48
C ILE E 246 -38.46 -21.58 3.24
N ASP E 247 -37.35 -21.75 2.51
CA ASP E 247 -36.06 -21.93 3.16
C ASP E 247 -35.59 -20.62 3.83
N ASN E 248 -35.79 -19.48 3.17
CA ASN E 248 -35.52 -18.21 3.82
C ASN E 248 -36.32 -18.07 5.11
N LEU E 249 -37.62 -18.37 5.05
CA LEU E 249 -38.49 -18.25 6.23
C LEU E 249 -37.98 -19.11 7.37
N LYS E 250 -37.64 -20.37 7.08
CA LYS E 250 -37.14 -21.25 8.12
C LYS E 250 -35.84 -20.72 8.70
N ARG E 251 -34.93 -20.27 7.84
CA ARG E 251 -33.67 -19.79 8.34
C ARG E 251 -33.83 -18.50 9.13
N ALA E 252 -34.77 -17.65 8.72
CA ALA E 252 -35.04 -16.42 9.46
C ALA E 252 -35.63 -16.73 10.83
N ILE E 253 -36.65 -17.60 10.87
CA ILE E 253 -37.25 -17.96 12.14
C ILE E 253 -36.19 -18.52 13.10
N GLU E 254 -35.35 -19.42 12.59
CA GLU E 254 -34.36 -20.07 13.44
C GLU E 254 -33.37 -19.04 14.00
N MET E 255 -32.89 -18.14 13.16
CA MET E 255 -31.92 -17.14 13.60
C MET E 255 -32.52 -16.22 14.66
N TYR E 256 -33.62 -15.56 14.34
CA TYR E 256 -34.26 -14.68 15.32
C TYR E 256 -34.61 -15.42 16.62
N ALA E 257 -35.07 -16.68 16.50
CA ALA E 257 -35.45 -17.42 17.69
C ALA E 257 -34.27 -17.68 18.61
N SER E 258 -33.07 -17.90 18.03
CA SER E 258 -31.86 -18.16 18.79
C SER E 258 -31.49 -17.01 19.70
N LEU E 259 -32.01 -15.81 19.45
CA LEU E 259 -31.75 -14.65 20.30
C LEU E 259 -32.75 -14.51 21.45
N GLY E 260 -33.71 -15.43 21.56
CA GLY E 260 -34.72 -15.38 22.61
C GLY E 260 -35.96 -14.58 22.27
N LEU E 261 -36.16 -14.24 21.01
CA LEU E 261 -37.23 -13.33 20.60
C LEU E 261 -38.51 -14.10 20.29
N GLU E 262 -39.65 -13.44 20.56
CA GLU E 262 -40.90 -13.81 19.92
C GLU E 262 -40.85 -13.46 18.43
N ILE E 263 -41.64 -14.16 17.65
CA ILE E 263 -41.80 -13.85 16.24
C ILE E 263 -43.27 -13.60 15.97
N GLN E 264 -43.57 -12.47 15.33
CA GLN E 264 -44.89 -12.23 14.77
C GLN E 264 -44.77 -11.97 13.28
N ILE E 265 -45.64 -12.62 12.51
CA ILE E 265 -45.86 -12.29 11.10
C ILE E 265 -46.84 -11.12 11.06
N THR E 266 -46.40 -9.97 10.57
CA THR E 266 -47.15 -8.75 10.85
C THR E 266 -47.94 -8.19 9.68
N GLU E 267 -47.55 -8.42 8.43
CA GLU E 267 -48.23 -7.76 7.30
C GLU E 267 -48.37 -8.72 6.13
N LEU E 268 -48.81 -9.95 6.41
CA LEU E 268 -48.76 -11.01 5.40
C LEU E 268 -49.67 -10.72 4.22
N ASP E 269 -49.13 -10.76 3.01
CA ASP E 269 -49.95 -10.89 1.82
C ASP E 269 -49.14 -11.62 0.75
N MET E 270 -49.80 -12.02 -0.32
CA MET E 270 -49.18 -12.92 -1.28
C MET E 270 -49.54 -12.45 -2.69
N SER E 271 -48.74 -11.51 -3.19
CA SER E 271 -49.00 -10.91 -4.49
C SER E 271 -48.92 -11.95 -5.60
N VAL E 272 -49.67 -11.72 -6.68
CA VAL E 272 -49.46 -12.54 -7.87
C VAL E 272 -48.28 -12.06 -8.70
N PHE E 273 -47.68 -10.93 -8.32
CA PHE E 273 -46.60 -10.32 -9.08
C PHE E 273 -45.29 -10.39 -8.30
N GLU E 274 -44.21 -10.80 -8.97
CA GLU E 274 -42.89 -10.46 -8.46
C GLU E 274 -42.80 -8.95 -8.33
N PHE E 275 -41.94 -8.50 -7.40
CA PHE E 275 -41.96 -7.08 -7.07
C PHE E 275 -41.52 -6.23 -8.25
N GLU E 276 -40.58 -6.73 -9.05
CA GLU E 276 -40.14 -6.07 -10.29
C GLU E 276 -41.15 -6.14 -11.43
N ASP E 277 -42.21 -6.95 -11.31
CA ASP E 277 -43.20 -7.13 -12.38
C ASP E 277 -44.25 -6.05 -12.24
N ARG E 278 -44.16 -5.02 -13.09
CA ARG E 278 -45.00 -3.84 -13.00
C ARG E 278 -46.15 -3.84 -14.02
N ARG E 279 -46.43 -4.97 -14.64
CA ARG E 279 -47.51 -5.03 -15.62
C ARG E 279 -48.82 -4.55 -15.01
N THR E 280 -49.59 -3.79 -15.79
CA THR E 280 -50.89 -3.27 -15.37
C THR E 280 -52.06 -3.90 -16.13
N ASP E 281 -51.83 -4.95 -16.91
CA ASP E 281 -52.90 -5.38 -17.83
C ASP E 281 -53.88 -6.36 -17.21
N LEU E 282 -53.48 -7.15 -16.21
CA LEU E 282 -54.36 -8.24 -15.73
C LEU E 282 -55.66 -7.69 -15.17
N LEU E 283 -56.77 -8.20 -15.67
CA LEU E 283 -58.07 -7.88 -15.12
C LEU E 283 -58.56 -8.95 -14.14
N GLU E 284 -57.98 -10.14 -14.20
CA GLU E 284 -58.18 -11.20 -13.22
C GLU E 284 -56.90 -12.02 -13.18
N PRO E 285 -56.74 -12.88 -12.18
CA PRO E 285 -55.54 -13.72 -12.14
C PRO E 285 -55.45 -14.60 -13.38
N ALA E 286 -54.23 -14.75 -13.90
CA ALA E 286 -53.99 -15.69 -14.99
C ALA E 286 -54.19 -17.11 -14.48
N GLU E 287 -54.27 -18.06 -15.41
CA GLU E 287 -54.79 -19.38 -15.04
C GLU E 287 -53.99 -20.05 -13.93
N GLU E 288 -52.67 -19.82 -13.91
CA GLU E 288 -51.79 -20.49 -12.93
C GLU E 288 -51.98 -19.95 -11.52
N MET E 289 -52.37 -18.69 -11.39
CA MET E 289 -51.98 -17.92 -10.22
C MET E 289 -52.69 -18.40 -8.96
N MET E 290 -54.02 -18.54 -9.00
CA MET E 290 -54.75 -18.79 -7.77
C MET E 290 -54.38 -20.15 -7.15
N GLU E 291 -54.12 -21.16 -7.98
CA GLU E 291 -53.76 -22.45 -7.40
C GLU E 291 -52.35 -22.43 -6.83
N LEU E 292 -51.44 -21.71 -7.48
CA LEU E 292 -50.11 -21.50 -6.92
C LEU E 292 -50.21 -20.76 -5.59
N GLN E 293 -50.97 -19.68 -5.55
CA GLN E 293 -51.16 -18.94 -4.31
C GLN E 293 -51.70 -19.84 -3.21
N ALA E 294 -52.58 -20.79 -3.56
CA ALA E 294 -53.07 -21.74 -2.57
C ALA E 294 -51.92 -22.62 -2.07
N LYS E 295 -51.07 -23.08 -2.98
CA LYS E 295 -49.96 -23.94 -2.58
C LYS E 295 -48.97 -23.19 -1.69
N VAL E 296 -48.62 -21.96 -2.06
CA VAL E 296 -47.68 -21.20 -1.24
C VAL E 296 -48.28 -20.89 0.12
N TYR E 297 -49.52 -20.38 0.15
CA TYR E 297 -50.18 -20.14 1.43
C TYR E 297 -50.21 -21.41 2.28
N GLU E 298 -50.51 -22.55 1.66
CA GLU E 298 -50.48 -23.81 2.39
C GLU E 298 -49.09 -24.11 2.93
N ASP E 299 -48.06 -23.88 2.11
CA ASP E 299 -46.69 -24.18 2.53
C ASP E 299 -46.24 -23.24 3.65
N VAL E 300 -46.50 -21.93 3.54
CA VAL E 300 -46.01 -21.01 4.57
C VAL E 300 -46.77 -21.22 5.89
N PHE E 301 -48.06 -21.59 5.84
CA PHE E 301 -48.76 -21.81 7.10
C PHE E 301 -48.36 -23.13 7.74
N LYS E 302 -47.95 -24.11 6.94
CA LYS E 302 -47.37 -25.32 7.54
C LYS E 302 -46.08 -24.98 8.26
N VAL E 303 -45.29 -24.04 7.75
CA VAL E 303 -44.12 -23.58 8.48
C VAL E 303 -44.53 -22.86 9.75
N PHE E 304 -45.51 -21.96 9.67
CA PHE E 304 -45.95 -21.23 10.86
C PHE E 304 -46.37 -22.23 11.97
N ARG E 305 -47.20 -23.22 11.61
CA ARG E 305 -47.56 -24.27 12.56
C ARG E 305 -46.31 -25.00 13.07
N GLU E 306 -45.37 -25.29 12.16
CA GLU E 306 -44.12 -25.92 12.57
C GLU E 306 -43.43 -25.13 13.68
N TYR E 307 -43.50 -23.80 13.63
CA TYR E 307 -42.80 -22.95 14.58
C TYR E 307 -43.77 -22.24 15.53
N LYS E 308 -44.90 -22.91 15.82
CA LYS E 308 -45.91 -22.42 16.75
C LYS E 308 -45.32 -22.04 18.10
N GLY E 309 -44.28 -22.75 18.55
CA GLY E 309 -43.71 -22.49 19.85
C GLY E 309 -43.13 -21.11 20.03
N VAL E 310 -42.86 -20.40 18.94
CA VAL E 310 -42.19 -19.10 19.00
C VAL E 310 -43.02 -18.02 18.29
N ILE E 311 -43.82 -18.41 17.30
CA ILE E 311 -44.68 -17.46 16.60
C ILE E 311 -45.93 -17.20 17.44
N THR E 312 -46.16 -15.95 17.84
CA THR E 312 -47.32 -15.65 18.66
C THR E 312 -48.48 -14.99 17.91
N SER E 313 -48.26 -14.45 16.71
CA SER E 313 -49.36 -13.79 16.01
C SER E 313 -49.07 -13.73 14.52
N VAL E 314 -50.12 -13.93 13.71
CA VAL E 314 -50.03 -13.85 12.25
C VAL E 314 -51.11 -12.89 11.77
N THR E 315 -50.69 -11.77 11.20
CA THR E 315 -51.60 -10.73 10.72
C THR E 315 -51.47 -10.61 9.21
N PHE E 316 -52.61 -10.58 8.52
CA PHE E 316 -52.66 -10.30 7.08
C PHE E 316 -52.75 -8.80 6.85
N TRP E 317 -52.09 -8.31 5.79
CA TRP E 317 -52.21 -6.88 5.47
C TRP E 317 -53.48 -6.59 4.65
N GLY E 318 -54.62 -6.86 5.28
CA GLY E 318 -55.91 -6.65 4.64
C GLY E 318 -56.85 -7.79 4.94
N ILE E 319 -58.08 -7.69 4.46
CA ILE E 319 -59.12 -8.67 4.73
C ILE E 319 -59.45 -9.47 3.49
N SER E 320 -59.92 -8.81 2.44
CA SER E 320 -60.28 -9.44 1.18
C SER E 320 -59.65 -8.68 0.03
N ASP E 321 -59.58 -9.35 -1.13
CA ASP E 321 -58.95 -8.75 -2.30
C ASP E 321 -59.65 -7.47 -2.73
N LYS E 322 -60.88 -7.25 -2.23
CA LYS E 322 -61.63 -6.02 -2.48
C LYS E 322 -60.89 -4.79 -1.99
N HIS E 323 -59.99 -4.93 -1.02
CA HIS E 323 -59.38 -3.77 -0.36
C HIS E 323 -57.95 -4.15 0.00
N THR E 324 -57.00 -3.80 -0.87
CA THR E 324 -55.60 -4.11 -0.62
C THR E 324 -54.70 -3.00 -1.17
N TRP E 325 -53.70 -2.62 -0.36
CA TRP E 325 -52.68 -1.66 -0.81
C TRP E 325 -51.92 -2.17 -2.02
N LYS E 326 -51.97 -3.47 -2.31
CA LYS E 326 -51.25 -4.01 -3.47
C LYS E 326 -51.86 -3.53 -4.78
N ASP E 327 -53.09 -3.04 -4.76
CA ASP E 327 -53.70 -2.53 -5.98
C ASP E 327 -52.99 -1.28 -6.48
N ASN E 328 -52.34 -0.53 -5.59
CA ASN E 328 -51.64 0.69 -5.98
C ASN E 328 -50.17 0.74 -5.56
N PHE E 329 -49.65 -0.31 -4.93
CA PHE E 329 -48.22 -0.35 -4.63
C PHE E 329 -47.67 -1.70 -5.05
N PRO E 330 -46.57 -1.76 -5.80
CA PRO E 330 -45.72 -0.63 -6.18
C PRO E 330 -46.18 0.14 -7.42
N VAL E 331 -47.22 -0.32 -8.12
CA VAL E 331 -47.72 0.34 -9.33
C VAL E 331 -49.10 0.94 -9.05
N ILE E 332 -49.27 2.21 -9.41
CA ILE E 332 -50.56 2.86 -9.24
C ILE E 332 -51.58 2.24 -10.20
N GLY E 333 -52.77 1.96 -9.68
CA GLY E 333 -53.91 1.67 -10.54
C GLY E 333 -53.89 0.35 -11.30
N ARG E 334 -53.45 -0.73 -10.69
CA ARG E 334 -53.75 -2.03 -11.25
C ARG E 334 -54.59 -2.84 -10.26
N LYS E 335 -54.58 -4.16 -10.39
CA LYS E 335 -55.31 -4.98 -9.45
C LYS E 335 -54.44 -6.16 -9.03
N ASP E 336 -54.33 -6.41 -7.74
CA ASP E 336 -53.69 -7.59 -7.20
C ASP E 336 -54.74 -8.39 -6.44
N TRP E 337 -54.39 -9.64 -6.13
CA TRP E 337 -55.33 -10.55 -5.47
C TRP E 337 -54.59 -11.35 -4.43
N PRO E 338 -54.14 -10.70 -3.36
CA PRO E 338 -53.11 -11.29 -2.47
C PRO E 338 -53.61 -11.93 -1.18
N LEU E 339 -54.90 -11.89 -0.88
CA LEU E 339 -55.35 -12.22 0.47
C LEU E 339 -56.16 -13.51 0.47
N LEU E 340 -56.75 -13.82 1.63
CA LEU E 340 -57.45 -15.09 1.78
C LEU E 340 -58.87 -15.07 1.26
N PHE E 341 -59.48 -13.89 1.16
CA PHE E 341 -60.87 -13.75 0.75
C PHE E 341 -60.91 -12.93 -0.53
N ASP E 342 -61.76 -13.35 -1.47
CA ASP E 342 -61.71 -12.74 -2.79
C ASP E 342 -62.46 -11.41 -2.80
N VAL E 343 -62.58 -10.83 -4.00
CA VAL E 343 -63.18 -9.51 -4.19
C VAL E 343 -64.66 -9.51 -3.84
N ASN E 344 -65.27 -10.68 -3.71
CA ASN E 344 -66.65 -10.81 -3.24
C ASN E 344 -66.75 -11.03 -1.74
N GLY E 345 -65.63 -11.12 -1.02
CA GLY E 345 -65.63 -11.41 0.40
C GLY E 345 -65.72 -12.87 0.75
N LYS E 346 -65.49 -13.80 -0.25
CA LYS E 346 -65.65 -15.23 -0.06
C LYS E 346 -64.30 -15.92 0.06
N PRO E 347 -64.22 -17.02 0.80
CA PRO E 347 -62.91 -17.65 1.04
C PRO E 347 -62.36 -18.24 -0.24
N LYS E 348 -61.15 -17.83 -0.62
CA LYS E 348 -60.47 -18.41 -1.76
C LYS E 348 -59.93 -19.79 -1.39
N GLU E 349 -59.43 -20.50 -2.40
CA GLU E 349 -58.89 -21.83 -2.15
C GLU E 349 -57.74 -21.79 -1.16
N ALA E 350 -56.94 -20.70 -1.18
CA ALA E 350 -55.92 -20.54 -0.15
C ALA E 350 -56.50 -20.75 1.24
N PHE E 351 -57.67 -20.17 1.51
CA PHE E 351 -58.28 -20.31 2.83
C PHE E 351 -58.46 -21.77 3.20
N PHE E 352 -59.11 -22.54 2.32
CA PHE E 352 -59.44 -23.92 2.66
C PHE E 352 -58.19 -24.77 2.82
N ARG E 353 -57.12 -24.44 2.10
CA ARG E 353 -55.87 -25.19 2.22
C ARG E 353 -55.23 -25.01 3.60
N ILE E 354 -55.24 -23.79 4.14
CA ILE E 354 -54.56 -23.54 5.41
C ILE E 354 -55.41 -23.89 6.63
N VAL E 355 -56.70 -24.16 6.45
CA VAL E 355 -57.50 -24.71 7.55
C VAL E 355 -57.68 -26.22 7.41
N ASN E 356 -56.86 -26.86 6.58
CA ASN E 356 -56.94 -28.30 6.35
C ASN E 356 -55.80 -28.98 7.12
N PHE E 357 -56.04 -29.23 8.40
CA PHE E 357 -55.07 -29.91 9.25
C PHE E 357 -55.73 -30.37 10.56
N ILE F 29 -27.59 -41.40 -50.45
CA ILE F 29 -26.55 -40.40 -50.64
C ILE F 29 -26.01 -39.94 -49.28
N PRO F 30 -24.85 -40.48 -48.89
CA PRO F 30 -24.30 -40.16 -47.57
C PRO F 30 -23.72 -38.76 -47.53
N SER F 31 -23.68 -38.19 -46.33
CA SER F 31 -23.01 -36.91 -46.14
C SER F 31 -21.51 -37.10 -46.07
N LEU F 32 -20.79 -36.35 -46.91
CA LEU F 32 -19.33 -36.38 -46.91
C LEU F 32 -18.75 -36.19 -45.52
N ALA F 33 -19.21 -35.13 -44.83
CA ALA F 33 -18.65 -34.80 -43.51
C ALA F 33 -18.85 -35.93 -42.52
N GLU F 34 -20.00 -36.59 -42.59
CA GLU F 34 -20.27 -37.74 -41.73
C GLU F 34 -19.35 -38.91 -42.07
N LYS F 35 -19.32 -39.29 -43.35
CA LYS F 35 -18.50 -40.42 -43.77
C LYS F 35 -17.04 -40.24 -43.36
N TYR F 36 -16.61 -38.99 -43.12
CA TYR F 36 -15.24 -38.67 -42.76
C TYR F 36 -15.09 -38.20 -41.32
N LYS F 37 -16.10 -38.44 -40.47
CA LYS F 37 -16.04 -37.98 -39.09
C LYS F 37 -14.83 -38.56 -38.36
N GLU F 38 -14.48 -39.82 -38.64
CA GLU F 38 -13.38 -40.50 -37.99
C GLU F 38 -12.04 -40.18 -38.64
N TYR F 39 -11.96 -39.11 -39.44
CA TYR F 39 -10.76 -38.84 -40.23
C TYR F 39 -10.32 -37.38 -40.12
N PHE F 40 -11.15 -36.45 -40.61
CA PHE F 40 -10.84 -35.02 -40.54
C PHE F 40 -12.08 -34.25 -40.97
N LYS F 41 -12.10 -32.96 -40.63
CA LYS F 41 -13.20 -32.10 -41.06
C LYS F 41 -13.25 -32.03 -42.58
N ILE F 42 -14.42 -31.67 -43.10
CA ILE F 42 -14.68 -31.48 -44.52
C ILE F 42 -15.28 -30.09 -44.71
N GLY F 43 -14.56 -29.22 -45.42
CA GLY F 43 -14.93 -27.82 -45.55
C GLY F 43 -15.06 -27.37 -46.99
N ALA F 44 -15.62 -26.16 -47.14
CA ALA F 44 -15.80 -25.51 -48.43
C ALA F 44 -15.54 -24.03 -48.29
N ALA F 45 -14.96 -23.42 -49.32
CA ALA F 45 -14.88 -21.96 -49.36
C ALA F 45 -16.24 -21.41 -49.74
N VAL F 46 -16.62 -20.28 -49.14
CA VAL F 46 -17.96 -19.76 -49.34
C VAL F 46 -17.93 -18.24 -49.49
N THR F 47 -18.88 -17.74 -50.26
CA THR F 47 -19.36 -16.37 -50.21
C THR F 47 -20.76 -16.39 -49.59
N VAL F 48 -21.29 -15.20 -49.28
CA VAL F 48 -22.60 -15.14 -48.64
C VAL F 48 -23.64 -15.84 -49.52
N LYS F 49 -23.49 -15.74 -50.84
CA LYS F 49 -24.50 -16.32 -51.73
C LYS F 49 -24.56 -17.84 -51.62
N ASP F 50 -23.45 -18.47 -51.21
CA ASP F 50 -23.39 -19.92 -51.01
C ASP F 50 -24.20 -20.40 -49.81
N LEU F 51 -24.60 -19.51 -48.91
CA LEU F 51 -25.38 -19.92 -47.76
C LEU F 51 -26.86 -20.07 -48.07
N GLU F 52 -27.26 -19.87 -49.33
CA GLU F 52 -28.66 -19.89 -49.75
C GLU F 52 -28.83 -20.95 -50.83
N GLY F 53 -30.08 -21.43 -50.98
CA GLY F 53 -30.43 -22.30 -52.08
C GLY F 53 -29.70 -23.63 -52.06
N VAL F 54 -29.38 -24.11 -53.27
CA VAL F 54 -28.79 -25.44 -53.46
C VAL F 54 -27.48 -25.56 -52.68
N HIS F 55 -26.60 -24.57 -52.82
CA HIS F 55 -25.31 -24.63 -52.15
C HIS F 55 -25.48 -24.66 -50.63
N GLY F 56 -26.44 -23.87 -50.11
CA GLY F 56 -26.71 -23.93 -48.68
C GLY F 56 -27.17 -25.31 -48.22
N GLU F 57 -28.04 -25.94 -49.01
CA GLU F 57 -28.45 -27.32 -48.71
C GLU F 57 -27.26 -28.25 -48.73
N ILE F 58 -26.39 -28.12 -49.75
CA ILE F 58 -25.19 -28.94 -49.81
C ILE F 58 -24.29 -28.68 -48.60
N LEU F 59 -24.10 -27.41 -48.22
CA LEU F 59 -23.30 -27.11 -47.03
C LEU F 59 -23.89 -27.80 -45.80
N VAL F 60 -25.20 -27.65 -45.59
CA VAL F 60 -25.86 -28.17 -44.40
C VAL F 60 -25.72 -29.69 -44.31
N LYS F 61 -25.86 -30.38 -45.46
CA LYS F 61 -25.78 -31.83 -45.41
C LYS F 61 -24.33 -32.33 -45.35
N HIS F 62 -23.42 -31.69 -46.09
CA HIS F 62 -22.15 -32.34 -46.46
C HIS F 62 -20.90 -31.77 -45.82
N PHE F 63 -20.92 -30.57 -45.25
CA PHE F 63 -19.68 -29.88 -44.89
C PHE F 63 -19.74 -29.40 -43.44
N ASN F 64 -18.68 -29.65 -42.67
CA ASN F 64 -18.69 -29.20 -41.28
C ASN F 64 -17.64 -28.12 -41.03
N SER F 65 -17.11 -27.51 -42.09
CA SER F 65 -16.16 -26.42 -42.02
C SER F 65 -16.43 -25.48 -43.18
N LEU F 66 -16.25 -24.18 -42.95
CA LEU F 66 -16.29 -23.25 -44.06
C LEU F 66 -15.12 -22.28 -43.92
N THR F 67 -14.64 -21.80 -45.07
CA THR F 67 -13.63 -20.75 -45.12
C THR F 67 -14.23 -19.57 -45.87
N PRO F 68 -14.23 -18.35 -45.31
CA PRO F 68 -14.58 -17.19 -46.12
C PRO F 68 -13.62 -17.10 -47.29
N GLU F 69 -14.16 -17.17 -48.51
CA GLU F 69 -13.32 -17.18 -49.70
C GLU F 69 -12.56 -15.88 -49.85
N ASN F 70 -13.21 -14.75 -49.58
CA ASN F 70 -12.63 -13.44 -49.80
C ASN F 70 -12.85 -12.47 -48.66
N ASP F 71 -13.88 -12.66 -47.83
CA ASP F 71 -14.31 -11.61 -46.93
C ASP F 71 -13.51 -11.54 -45.63
N MET F 72 -12.50 -12.37 -45.45
CA MET F 72 -11.56 -12.17 -44.35
C MET F 72 -10.20 -11.70 -44.83
N LYS F 73 -10.01 -11.54 -46.14
CA LYS F 73 -8.82 -10.87 -46.62
C LYS F 73 -8.72 -9.49 -46.00
N PHE F 74 -7.49 -9.09 -45.64
CA PHE F 74 -7.27 -7.81 -44.98
C PHE F 74 -8.01 -6.69 -45.72
N GLU F 75 -7.81 -6.59 -47.03
CA GLU F 75 -8.42 -5.51 -47.79
C GLU F 75 -9.95 -5.55 -47.77
N ARG F 76 -10.55 -6.71 -47.52
CA ARG F 76 -12.00 -6.81 -47.38
C ARG F 76 -12.47 -6.54 -45.94
N ILE F 77 -11.93 -7.29 -44.97
CA ILE F 77 -12.42 -7.18 -43.60
C ILE F 77 -11.95 -5.89 -42.93
N HIS F 78 -10.91 -5.23 -43.47
CA HIS F 78 -10.32 -4.05 -42.84
C HIS F 78 -9.90 -3.04 -43.91
N PRO F 79 -10.86 -2.51 -44.67
CA PRO F 79 -10.50 -1.67 -45.82
C PRO F 79 -9.85 -0.34 -45.47
N ASP F 80 -10.19 0.27 -44.34
CA ASP F 80 -9.67 1.59 -44.01
C ASP F 80 -9.19 1.60 -42.57
N GLU F 81 -8.46 2.66 -42.22
CA GLU F 81 -7.81 2.73 -40.91
C GLU F 81 -8.82 2.62 -39.78
N HIS F 82 -9.94 3.34 -39.90
CA HIS F 82 -10.97 3.35 -38.87
C HIS F 82 -12.25 2.65 -39.32
N ARG F 83 -12.08 1.59 -40.08
CA ARG F 83 -13.23 0.87 -40.54
C ARG F 83 -13.01 -0.56 -40.95
N TYR F 84 -13.61 -1.44 -40.18
CA TYR F 84 -13.69 -2.86 -40.48
C TYR F 84 -15.05 -3.18 -41.12
N ASN F 85 -15.09 -4.27 -41.87
CA ASN F 85 -16.32 -4.74 -42.48
C ASN F 85 -16.51 -6.19 -42.08
N PHE F 86 -17.41 -6.44 -41.14
CA PHE F 86 -17.62 -7.78 -40.60
C PHE F 86 -18.86 -8.47 -41.17
N ASP F 87 -19.61 -7.81 -42.06
CA ASP F 87 -21.00 -8.20 -42.29
C ASP F 87 -21.09 -9.60 -42.91
N ALA F 88 -20.31 -9.84 -43.96
CA ALA F 88 -20.35 -11.14 -44.62
C ALA F 88 -19.81 -12.25 -43.72
N VAL F 89 -18.74 -11.98 -42.97
CA VAL F 89 -18.17 -13.03 -42.13
C VAL F 89 -19.08 -13.32 -40.94
N ASP F 90 -19.76 -12.32 -40.39
CA ASP F 90 -20.73 -12.58 -39.34
C ASP F 90 -21.79 -13.58 -39.82
N LYS F 91 -22.32 -13.36 -41.03
CA LYS F 91 -23.36 -14.23 -41.56
C LYS F 91 -22.85 -15.67 -41.75
N MET F 92 -21.59 -15.83 -42.15
CA MET F 92 -21.03 -17.17 -42.22
C MET F 92 -20.93 -17.79 -40.82
N LYS F 93 -20.55 -16.97 -39.82
CA LYS F 93 -20.42 -17.47 -38.46
C LYS F 93 -21.77 -17.87 -37.89
N GLU F 94 -22.81 -17.08 -38.17
CA GLU F 94 -24.15 -17.45 -37.73
C GLU F 94 -24.57 -18.74 -38.40
N PHE F 95 -24.37 -18.82 -39.72
CA PHE F 95 -24.67 -20.02 -40.48
C PHE F 95 -23.93 -21.23 -39.91
N ALA F 96 -22.65 -21.05 -39.57
CA ALA F 96 -21.85 -22.16 -39.06
C ALA F 96 -22.37 -22.64 -37.70
N ILE F 97 -22.68 -21.71 -36.80
CA ILE F 97 -23.19 -22.09 -35.48
C ILE F 97 -24.52 -22.84 -35.62
N LYS F 98 -25.42 -22.30 -36.44
CA LYS F 98 -26.74 -22.90 -36.60
C LYS F 98 -26.67 -24.32 -37.12
N ASN F 99 -25.65 -24.65 -37.93
CA ASN F 99 -25.58 -25.91 -38.63
C ASN F 99 -24.39 -26.77 -38.23
N ASN F 100 -23.85 -26.56 -37.01
CA ASN F 100 -22.81 -27.42 -36.45
C ASN F 100 -21.58 -27.47 -37.34
N MET F 101 -21.03 -26.30 -37.61
CA MET F 101 -19.80 -26.16 -38.38
C MET F 101 -18.83 -25.23 -37.64
N LYS F 102 -17.58 -25.26 -38.06
CA LYS F 102 -16.58 -24.29 -37.61
C LYS F 102 -15.88 -23.71 -38.84
N MET F 103 -15.03 -22.71 -38.61
CA MET F 103 -14.48 -21.91 -39.70
C MET F 103 -12.97 -21.97 -39.72
N ARG F 104 -12.39 -21.78 -40.90
CA ARG F 104 -10.98 -21.47 -41.03
C ARG F 104 -10.84 -19.97 -41.27
N GLY F 105 -9.86 -19.34 -40.69
CA GLY F 105 -9.63 -17.93 -40.90
C GLY F 105 -8.69 -17.78 -42.07
N HIS F 106 -9.05 -16.96 -43.03
CA HIS F 106 -8.27 -16.77 -44.23
C HIS F 106 -8.28 -15.34 -44.65
N THR F 107 -7.27 -14.50 -44.46
CA THR F 107 -5.90 -14.72 -44.02
C THR F 107 -5.37 -13.39 -43.49
N PHE F 108 -4.38 -13.43 -42.63
CA PHE F 108 -3.86 -12.19 -42.08
C PHE F 108 -2.92 -11.41 -42.98
N VAL F 109 -1.83 -12.04 -43.36
CA VAL F 109 -0.73 -11.56 -44.18
C VAL F 109 -0.60 -12.31 -45.48
N TRP F 110 -0.84 -11.62 -46.57
CA TRP F 110 -0.89 -12.24 -47.88
C TRP F 110 -0.57 -11.17 -48.92
N HIS F 111 0.50 -11.38 -49.69
CA HIS F 111 0.93 -10.41 -50.70
C HIS F 111 -0.26 -9.90 -51.51
N ASN F 112 -0.27 -8.60 -51.78
CA ASN F 112 -1.25 -7.92 -52.63
C ASN F 112 -2.65 -7.85 -52.03
N GLN F 113 -2.84 -8.29 -50.78
CA GLN F 113 -4.18 -8.26 -50.21
C GLN F 113 -4.28 -7.31 -49.02
N THR F 114 -3.25 -6.47 -48.80
CA THR F 114 -3.24 -5.51 -47.70
C THR F 114 -3.44 -4.11 -48.25
N PRO F 115 -4.41 -3.34 -47.76
CA PRO F 115 -4.60 -2.00 -48.29
C PRO F 115 -3.41 -1.09 -48.01
N GLU F 116 -3.22 -0.13 -48.92
CA GLU F 116 -2.07 0.76 -48.91
C GLU F 116 -1.97 1.57 -47.62
N TRP F 117 -3.09 1.90 -46.97
CA TRP F 117 -3.02 2.76 -45.79
C TRP F 117 -2.20 2.13 -44.69
N VAL F 118 -2.13 0.80 -44.66
CA VAL F 118 -1.45 0.10 -43.58
C VAL F 118 0.04 0.45 -43.53
N PHE F 119 0.67 0.58 -44.69
CA PHE F 119 2.11 0.70 -44.77
C PHE F 119 2.61 2.14 -44.78
N LYS F 120 1.73 3.13 -44.78
CA LYS F 120 2.11 4.52 -45.02
C LYS F 120 1.69 5.40 -43.86
N ASP F 121 2.51 6.38 -43.51
CA ASP F 121 2.19 7.32 -42.45
C ASP F 121 1.49 8.57 -42.99
N ARG F 122 1.37 9.57 -42.13
CA ARG F 122 0.85 10.91 -42.38
C ARG F 122 0.94 11.39 -43.82
N GLU F 123 2.17 11.49 -44.33
CA GLU F 123 2.38 11.99 -45.68
C GLU F 123 2.77 11.00 -46.76
N GLY F 124 2.35 9.74 -46.60
CA GLY F 124 2.59 8.72 -47.59
C GLY F 124 3.92 7.97 -47.54
N ASN F 125 4.74 8.23 -46.52
CA ASN F 125 6.00 7.54 -46.43
C ASN F 125 5.85 6.27 -45.65
N ASP F 126 6.79 5.38 -45.83
CA ASP F 126 6.75 4.14 -45.17
C ASP F 126 6.66 4.27 -43.69
N VAL F 127 5.74 3.53 -43.16
CA VAL F 127 5.54 3.40 -41.72
C VAL F 127 6.81 2.82 -41.10
N SER F 128 7.03 3.05 -39.81
CA SER F 128 8.18 2.48 -39.11
C SER F 128 7.94 1.01 -38.75
N ARG F 129 9.04 0.32 -38.44
CA ARG F 129 8.93 -1.09 -38.05
C ARG F 129 7.94 -1.29 -36.92
N GLU F 130 8.10 -0.54 -35.82
CA GLU F 130 7.25 -0.80 -34.66
C GLU F 130 5.79 -0.47 -34.97
N LEU F 131 5.53 0.58 -35.77
CA LEU F 131 4.15 0.95 -36.06
C LEU F 131 3.45 -0.12 -36.91
N LEU F 132 4.15 -0.67 -37.91
CA LEU F 132 3.56 -1.73 -38.73
C LEU F 132 3.23 -2.95 -37.89
N ILE F 133 4.15 -3.36 -37.00
CA ILE F 133 3.87 -4.48 -36.10
C ILE F 133 2.64 -4.19 -35.28
N GLU F 134 2.53 -2.96 -34.76
CA GLU F 134 1.37 -2.60 -33.95
C GLU F 134 0.09 -2.54 -34.78
N ARG F 135 0.17 -2.11 -36.05
CA ARG F 135 -1.03 -2.17 -36.89
C ARG F 135 -1.44 -3.61 -37.16
N LEU F 136 -0.46 -4.48 -37.41
CA LEU F 136 -0.76 -5.90 -37.53
C LEU F 136 -1.37 -6.42 -36.23
N ARG F 137 -0.79 -6.00 -35.10
CA ARG F 137 -1.27 -6.47 -33.80
C ARG F 137 -2.74 -6.15 -33.62
N GLU F 138 -3.11 -4.90 -33.88
CA GLU F 138 -4.50 -4.47 -33.70
C GLU F 138 -5.42 -5.18 -34.68
N HIS F 139 -4.99 -5.33 -35.93
CA HIS F 139 -5.78 -6.09 -36.89
C HIS F 139 -6.04 -7.50 -36.40
N ILE F 140 -4.98 -8.23 -36.03
CA ILE F 140 -5.15 -9.63 -35.65
C ILE F 140 -5.97 -9.76 -34.38
N LYS F 141 -5.77 -8.86 -33.41
CA LYS F 141 -6.53 -8.95 -32.18
C LYS F 141 -8.02 -8.68 -32.44
N THR F 142 -8.32 -7.65 -33.24
CA THR F 142 -9.70 -7.36 -33.59
C THR F 142 -10.37 -8.56 -34.26
N VAL F 143 -9.71 -9.17 -35.25
CA VAL F 143 -10.35 -10.27 -35.98
C VAL F 143 -10.44 -11.52 -35.10
N CYS F 144 -9.41 -11.77 -34.29
CA CYS F 144 -9.42 -12.96 -33.45
C CYS F 144 -10.43 -12.84 -32.32
N ASP F 145 -10.50 -11.67 -31.68
CA ASP F 145 -11.51 -11.43 -30.65
C ASP F 145 -12.91 -11.78 -31.15
N ARG F 146 -13.23 -11.38 -32.38
CA ARG F 146 -14.61 -11.51 -32.85
C ARG F 146 -14.95 -12.93 -33.25
N TYR F 147 -13.96 -13.71 -33.72
CA TYR F 147 -14.27 -14.97 -34.35
C TYR F 147 -13.57 -16.18 -33.73
N ARG F 148 -12.77 -16.00 -32.67
CA ARG F 148 -12.04 -17.15 -32.10
C ARG F 148 -12.97 -18.24 -31.59
N ASP F 149 -14.26 -17.93 -31.37
CA ASP F 149 -15.18 -18.94 -30.86
C ASP F 149 -15.55 -19.99 -31.91
N ILE F 150 -15.50 -19.64 -33.20
CA ILE F 150 -15.86 -20.58 -34.25
C ILE F 150 -14.70 -20.93 -35.17
N VAL F 151 -13.57 -20.21 -35.11
CA VAL F 151 -12.45 -20.51 -35.98
C VAL F 151 -11.52 -21.51 -35.28
N TYR F 152 -11.27 -22.64 -35.93
CA TYR F 152 -10.38 -23.65 -35.38
C TYR F 152 -8.96 -23.58 -35.93
N ALA F 153 -8.76 -22.89 -37.05
CA ALA F 153 -7.47 -22.84 -37.73
C ALA F 153 -7.36 -21.50 -38.45
N TRP F 154 -6.20 -20.85 -38.33
CA TRP F 154 -5.96 -19.56 -38.97
C TRP F 154 -4.85 -19.69 -40.00
N ASP F 155 -5.10 -19.22 -41.23
CA ASP F 155 -4.00 -19.02 -42.18
C ASP F 155 -3.35 -17.71 -41.78
N VAL F 156 -2.28 -17.80 -40.99
CA VAL F 156 -1.68 -16.59 -40.44
C VAL F 156 -0.91 -15.85 -41.53
N VAL F 157 -0.08 -16.57 -42.25
CA VAL F 157 0.68 -16.01 -43.35
C VAL F 157 0.42 -16.87 -44.58
N ASN F 158 0.28 -16.22 -45.71
CA ASN F 158 -0.13 -16.87 -46.95
C ASN F 158 0.89 -16.55 -48.01
N GLU F 159 1.47 -17.59 -48.61
CA GLU F 159 2.26 -17.44 -49.83
C GLU F 159 3.43 -16.46 -49.65
N ALA F 160 4.05 -16.47 -48.45
CA ALA F 160 5.30 -15.73 -48.28
C ALA F 160 6.45 -16.38 -49.04
N VAL F 161 6.42 -17.69 -49.25
CA VAL F 161 7.51 -18.38 -49.94
C VAL F 161 7.59 -17.88 -51.38
N GLU F 162 8.79 -17.49 -51.80
CA GLU F 162 9.01 -17.09 -53.18
C GLU F 162 8.66 -18.24 -54.11
N ASP F 163 7.92 -17.93 -55.19
CA ASP F 163 7.52 -18.94 -56.17
C ASP F 163 8.34 -18.91 -57.45
N LYS F 164 8.69 -17.73 -57.92
CA LYS F 164 9.40 -17.59 -59.17
C LYS F 164 10.87 -17.98 -59.20
N THR F 165 11.62 -17.64 -58.17
CA THR F 165 13.06 -17.87 -58.17
C THR F 165 13.48 -18.84 -57.08
N GLU F 166 14.80 -19.01 -56.99
CA GLU F 166 15.44 -19.92 -56.03
C GLU F 166 15.34 -19.42 -54.60
N LYS F 167 15.20 -18.11 -54.42
CA LYS F 167 15.21 -17.50 -53.10
C LYS F 167 14.08 -18.03 -52.22
N LEU F 168 14.24 -17.84 -50.91
CA LEU F 168 13.29 -18.36 -49.94
C LEU F 168 12.01 -17.54 -49.92
N LEU F 169 12.15 -16.22 -49.90
CA LEU F 169 11.04 -15.34 -49.58
C LEU F 169 10.82 -14.29 -50.66
N ARG F 170 9.55 -13.96 -50.87
CA ARG F 170 9.21 -12.85 -51.73
C ARG F 170 9.59 -11.54 -51.05
N ASP F 171 9.81 -10.52 -51.87
CA ASP F 171 9.86 -9.19 -51.31
C ASP F 171 8.46 -8.63 -51.16
N SER F 172 8.28 -7.76 -50.18
CA SER F 172 6.97 -7.29 -49.78
C SER F 172 7.11 -6.05 -48.93
N ASN F 173 5.99 -5.34 -48.77
CA ASN F 173 5.97 -4.19 -47.86
C ASN F 173 6.27 -4.63 -46.45
N TRP F 174 5.79 -5.82 -46.06
CA TRP F 174 6.07 -6.36 -44.74
C TRP F 174 7.57 -6.57 -44.54
N ARG F 175 8.21 -7.24 -45.50
CA ARG F 175 9.61 -7.58 -45.33
C ARG F 175 10.50 -6.34 -45.41
N ARG F 176 10.15 -5.39 -46.27
CA ARG F 176 10.95 -4.17 -46.41
C ARG F 176 10.90 -3.32 -45.14
N ILE F 177 9.73 -3.26 -44.49
CA ILE F 177 9.56 -2.42 -43.31
C ILE F 177 9.97 -3.15 -42.04
N ILE F 178 9.58 -4.41 -41.88
CA ILE F 178 9.85 -5.14 -40.64
C ILE F 178 11.11 -6.00 -40.76
N GLY F 179 11.36 -6.55 -41.93
CA GLY F 179 12.41 -7.55 -42.09
C GLY F 179 11.83 -8.95 -42.09
N ASP F 180 12.74 -9.93 -42.19
CA ASP F 180 12.33 -11.34 -42.25
C ASP F 180 11.56 -11.78 -41.03
N ASP F 181 11.69 -11.06 -39.92
CA ASP F 181 10.96 -11.38 -38.69
C ASP F 181 9.46 -11.22 -38.82
N TYR F 182 8.95 -10.61 -39.90
CA TYR F 182 7.51 -10.36 -39.98
C TYR F 182 6.71 -11.65 -39.92
N ILE F 183 7.26 -12.75 -40.42
CA ILE F 183 6.57 -14.02 -40.37
C ILE F 183 6.44 -14.51 -38.93
N LYS F 184 7.57 -14.58 -38.22
CA LYS F 184 7.54 -15.00 -36.82
C LYS F 184 6.62 -14.10 -35.99
N ILE F 185 6.72 -12.78 -36.20
CA ILE F 185 5.91 -11.86 -35.42
C ILE F 185 4.43 -12.08 -35.69
N ALA F 186 4.07 -12.35 -36.96
CA ALA F 186 2.66 -12.58 -37.25
C ALA F 186 2.14 -13.78 -36.47
N PHE F 187 2.93 -14.86 -36.40
CA PHE F 187 2.48 -16.01 -35.61
C PHE F 187 2.47 -15.68 -34.12
N GLU F 188 3.42 -14.87 -33.65
CA GLU F 188 3.45 -14.51 -32.23
C GLU F 188 2.22 -13.68 -31.87
N ILE F 189 1.85 -12.73 -32.73
CA ILE F 189 0.65 -11.93 -32.49
C ILE F 189 -0.58 -12.84 -32.46
N ALA F 190 -0.73 -13.69 -33.47
CA ALA F 190 -1.91 -14.56 -33.56
C ALA F 190 -2.03 -15.45 -32.32
N LYS F 191 -0.92 -16.04 -31.89
CA LYS F 191 -0.93 -16.93 -30.73
C LYS F 191 -1.50 -16.24 -29.50
N GLU F 192 -1.16 -14.97 -29.29
CA GLU F 192 -1.70 -14.23 -28.16
C GLU F 192 -3.22 -14.14 -28.17
N TYR F 193 -3.86 -14.15 -29.35
CA TYR F 193 -5.29 -13.87 -29.39
C TYR F 193 -6.15 -14.96 -30.02
N ALA F 194 -5.55 -16.07 -30.47
CA ALA F 194 -6.33 -17.06 -31.21
C ALA F 194 -7.05 -18.05 -30.31
N GLY F 195 -6.80 -18.03 -29.01
CA GLY F 195 -7.43 -19.00 -28.12
C GLY F 195 -7.00 -20.41 -28.46
N GLU F 196 -7.98 -21.29 -28.65
CA GLU F 196 -7.73 -22.66 -29.07
C GLU F 196 -7.39 -22.79 -30.55
N GLY F 197 -7.50 -21.71 -31.32
CA GLY F 197 -7.20 -21.75 -32.74
C GLY F 197 -5.81 -22.22 -33.12
N LYS F 198 -5.71 -23.13 -34.09
CA LYS F 198 -4.42 -23.58 -34.60
C LYS F 198 -3.90 -22.65 -35.68
N LEU F 199 -2.58 -22.50 -35.75
CA LEU F 199 -1.95 -21.48 -36.58
C LEU F 199 -1.20 -22.12 -37.75
N PHE F 200 -1.48 -21.63 -38.95
CA PHE F 200 -1.02 -22.27 -40.18
C PHE F 200 -0.25 -21.30 -41.07
N TYR F 201 0.79 -21.80 -41.73
CA TYR F 201 1.37 -21.16 -42.91
C TYR F 201 0.79 -21.85 -44.14
N ASN F 202 0.23 -21.07 -45.05
CA ASN F 202 -0.53 -21.62 -46.17
C ASN F 202 0.12 -21.24 -47.50
N ASP F 203 0.04 -22.14 -48.48
CA ASP F 203 0.71 -21.88 -49.76
C ASP F 203 0.26 -22.90 -50.81
N TYR F 204 0.58 -22.59 -52.07
CA TYR F 204 0.23 -23.44 -53.20
C TYR F 204 1.50 -24.04 -53.81
N ASN F 205 1.33 -25.15 -54.51
CA ASN F 205 2.43 -25.92 -55.09
C ASN F 205 3.45 -26.32 -54.04
N ASN F 206 3.11 -26.25 -52.76
CA ASN F 206 4.13 -26.55 -51.77
C ASN F 206 4.37 -28.05 -51.60
N GLU F 207 3.80 -28.86 -52.48
CA GLU F 207 4.16 -30.27 -52.59
C GLU F 207 5.11 -30.53 -53.76
N MET F 208 5.36 -29.53 -54.62
CA MET F 208 6.16 -29.81 -55.79
C MET F 208 7.66 -29.66 -55.48
N PRO F 209 8.49 -30.42 -56.20
CA PRO F 209 9.94 -30.39 -55.92
C PRO F 209 10.54 -29.00 -55.81
N TYR F 210 10.21 -28.10 -56.75
CA TYR F 210 10.85 -26.78 -56.75
C TYR F 210 10.57 -25.99 -55.48
N LYS F 211 9.52 -26.33 -54.73
CA LYS F 211 9.03 -25.51 -53.64
C LYS F 211 9.00 -26.25 -52.31
N LEU F 212 8.91 -27.57 -52.33
CA LEU F 212 8.76 -28.35 -51.09
C LEU F 212 9.96 -28.16 -50.17
N GLU F 213 11.17 -28.48 -50.64
CA GLU F 213 12.35 -28.43 -49.78
C GLU F 213 12.64 -27.02 -49.27
N LYS F 214 12.57 -26.02 -50.15
CA LYS F 214 12.48 -24.60 -49.80
C LYS F 214 11.61 -24.35 -48.57
N THR F 215 10.36 -24.79 -48.66
CA THR F 215 9.36 -24.46 -47.65
C THR F 215 9.67 -25.17 -46.34
N TYR F 216 10.13 -26.42 -46.44
CA TYR F 216 10.63 -27.15 -45.27
C TYR F 216 11.74 -26.36 -44.55
N LYS F 217 12.75 -25.93 -45.31
CA LYS F 217 13.84 -25.15 -44.71
C LYS F 217 13.29 -23.92 -43.99
N LEU F 218 12.37 -23.20 -44.64
CA LEU F 218 11.71 -22.05 -44.01
C LEU F 218 11.09 -22.43 -42.68
N LEU F 219 10.19 -23.41 -42.70
CA LEU F 219 9.47 -23.76 -41.49
C LEU F 219 10.42 -24.28 -40.40
N LYS F 220 11.46 -24.98 -40.79
CA LYS F 220 12.44 -25.49 -39.82
C LYS F 220 13.08 -24.33 -39.14
N GLU F 221 13.50 -23.36 -39.91
CA GLU F 221 14.10 -22.15 -39.34
C GLU F 221 13.12 -21.45 -38.40
N LEU F 222 11.85 -21.31 -38.82
CA LEU F 222 10.87 -20.67 -37.94
C LEU F 222 10.71 -21.45 -36.64
N ILE F 223 10.66 -22.78 -36.71
CA ILE F 223 10.49 -23.58 -35.50
C ILE F 223 11.70 -23.43 -34.57
N ASP F 224 12.92 -23.42 -35.14
CA ASP F 224 14.13 -23.23 -34.34
C ASP F 224 14.20 -21.87 -33.68
N LYS F 225 13.55 -20.86 -34.24
CA LYS F 225 13.36 -19.57 -33.59
C LYS F 225 12.19 -19.56 -32.64
N GLU F 226 11.62 -20.74 -32.35
CA GLU F 226 10.47 -20.87 -31.46
C GLU F 226 9.25 -20.10 -31.93
N THR F 227 9.04 -20.06 -33.25
CA THR F 227 7.79 -19.54 -33.78
C THR F 227 6.65 -20.48 -33.40
N PRO F 228 5.53 -19.96 -32.87
CA PRO F 228 4.39 -20.84 -32.54
C PRO F 228 3.51 -21.16 -33.75
N ILE F 229 4.04 -21.97 -34.67
CA ILE F 229 3.28 -22.44 -35.82
C ILE F 229 2.84 -23.88 -35.55
N ASP F 230 1.58 -24.19 -35.85
CA ASP F 230 1.00 -25.51 -35.57
C ASP F 230 0.93 -26.42 -36.79
N GLY F 231 0.80 -25.87 -38.00
CA GLY F 231 0.66 -26.76 -39.13
C GLY F 231 0.88 -26.04 -40.45
N ILE F 232 0.86 -26.84 -41.51
CA ILE F 232 1.08 -26.37 -42.87
C ILE F 232 -0.24 -26.44 -43.63
N GLY F 233 -0.56 -25.38 -44.36
CA GLY F 233 -1.67 -25.38 -45.28
C GLY F 233 -1.19 -25.72 -46.68
N ILE F 234 -1.77 -26.77 -47.25
CA ILE F 234 -1.46 -27.24 -48.60
C ILE F 234 -2.67 -26.90 -49.46
N GLN F 235 -2.54 -25.84 -50.28
CA GLN F 235 -3.73 -25.34 -50.98
C GLN F 235 -4.32 -26.41 -51.88
N ALA F 236 -3.46 -27.14 -52.60
CA ALA F 236 -3.92 -28.26 -53.42
C ALA F 236 -4.80 -27.79 -54.58
N HIS F 237 -4.39 -26.70 -55.25
CA HIS F 237 -5.01 -26.31 -56.51
C HIS F 237 -4.38 -27.19 -57.58
N TRP F 238 -5.06 -28.29 -57.88
CA TRP F 238 -4.50 -29.40 -58.64
C TRP F 238 -5.21 -29.54 -59.99
N ASN F 239 -4.74 -30.49 -60.79
CA ASN F 239 -5.37 -30.79 -62.07
C ASN F 239 -5.22 -32.27 -62.38
N ILE F 240 -6.09 -32.78 -63.26
CA ILE F 240 -6.19 -34.20 -63.55
C ILE F 240 -5.05 -34.77 -64.39
N TRP F 241 -4.19 -33.93 -64.94
CA TRP F 241 -3.11 -34.40 -65.80
C TRP F 241 -1.76 -34.52 -65.08
N ASP F 242 -1.69 -34.08 -63.81
CA ASP F 242 -0.43 -34.03 -63.07
C ASP F 242 -0.04 -35.45 -62.67
N LYS F 243 0.88 -36.05 -63.44
CA LYS F 243 1.26 -37.43 -63.22
C LYS F 243 2.10 -37.64 -61.96
N ASN F 244 2.74 -36.59 -61.44
CA ASN F 244 3.56 -36.70 -60.25
C ASN F 244 2.81 -36.34 -58.96
N LEU F 245 1.50 -36.14 -59.04
CA LEU F 245 0.77 -35.55 -57.92
C LEU F 245 0.82 -36.42 -56.68
N ILE F 246 0.57 -37.72 -56.83
CA ILE F 246 0.49 -38.61 -55.68
C ILE F 246 1.84 -38.72 -55.00
N ASP F 247 2.90 -38.90 -55.79
CA ASP F 247 4.26 -39.00 -55.23
C ASP F 247 4.65 -37.70 -54.53
N ASN F 248 4.44 -36.56 -55.18
CA ASN F 248 4.73 -35.29 -54.53
C ASN F 248 3.95 -35.14 -53.23
N LEU F 249 2.67 -35.53 -53.25
CA LEU F 249 1.81 -35.41 -52.08
C LEU F 249 2.33 -36.24 -50.92
N LYS F 250 2.70 -37.49 -51.19
CA LYS F 250 3.23 -38.35 -50.14
C LYS F 250 4.55 -37.80 -49.62
N ARG F 251 5.45 -37.39 -50.51
CA ARG F 251 6.72 -36.81 -50.08
C ARG F 251 6.49 -35.56 -49.25
N ALA F 252 5.56 -34.71 -49.68
CA ALA F 252 5.32 -33.46 -48.94
C ALA F 252 4.74 -33.74 -47.56
N ILE F 253 3.79 -34.65 -47.48
CA ILE F 253 3.18 -34.95 -46.18
C ILE F 253 4.24 -35.44 -45.22
N GLU F 254 5.11 -36.32 -45.70
CA GLU F 254 6.11 -36.94 -44.84
C GLU F 254 7.16 -35.92 -44.40
N MET F 255 7.62 -35.09 -45.32
CA MET F 255 8.56 -34.02 -44.95
C MET F 255 7.93 -33.05 -43.96
N TYR F 256 6.68 -32.66 -44.19
CA TYR F 256 6.05 -31.68 -43.32
C TYR F 256 5.66 -32.29 -41.98
N ALA F 257 5.26 -33.56 -41.96
CA ALA F 257 5.01 -34.24 -40.69
C ALA F 257 6.27 -34.35 -39.84
N SER F 258 7.43 -34.53 -40.48
CA SER F 258 8.65 -34.76 -39.72
C SER F 258 9.03 -33.56 -38.85
N LEU F 259 8.42 -32.39 -39.07
CA LEU F 259 8.65 -31.24 -38.22
C LEU F 259 7.66 -31.13 -37.06
N GLY F 260 6.74 -32.08 -36.92
CA GLY F 260 5.71 -32.00 -35.91
C GLY F 260 4.48 -31.22 -36.31
N LEU F 261 4.42 -30.73 -37.56
CA LEU F 261 3.33 -29.86 -37.99
C LEU F 261 2.05 -30.65 -38.23
N GLU F 262 0.93 -30.00 -37.97
CA GLU F 262 -0.36 -30.46 -38.49
C GLU F 262 -0.44 -30.17 -39.99
N ILE F 263 -1.24 -30.96 -40.72
CA ILE F 263 -1.43 -30.72 -42.15
C ILE F 263 -2.92 -30.49 -42.41
N GLN F 264 -3.24 -29.42 -43.13
CA GLN F 264 -4.60 -29.21 -43.62
C GLN F 264 -4.56 -28.92 -45.12
N ILE F 265 -5.42 -29.62 -45.85
CA ILE F 265 -5.67 -29.32 -47.26
C ILE F 265 -6.68 -28.19 -47.30
N THR F 266 -6.26 -27.01 -47.76
CA THR F 266 -7.05 -25.81 -47.50
C THR F 266 -7.89 -25.32 -48.67
N GLU F 267 -7.47 -25.56 -49.92
CA GLU F 267 -8.13 -24.94 -51.07
C GLU F 267 -8.25 -25.92 -52.24
N LEU F 268 -8.70 -27.14 -51.94
CA LEU F 268 -8.71 -28.23 -52.92
C LEU F 268 -9.68 -27.98 -54.08
N ASP F 269 -9.15 -28.01 -55.29
CA ASP F 269 -9.97 -28.22 -56.48
C ASP F 269 -9.12 -28.91 -57.54
N MET F 270 -9.80 -29.38 -58.59
CA MET F 270 -9.26 -30.37 -59.52
C MET F 270 -9.58 -29.93 -60.96
N SER F 271 -8.77 -29.02 -61.50
CA SER F 271 -9.03 -28.48 -62.83
C SER F 271 -8.89 -29.56 -63.89
N VAL F 272 -9.69 -29.44 -64.96
CA VAL F 272 -9.45 -30.29 -66.12
C VAL F 272 -8.33 -29.74 -67.00
N PHE F 273 -7.69 -28.65 -66.60
CA PHE F 273 -6.64 -28.01 -67.39
C PHE F 273 -5.33 -28.03 -66.61
N GLU F 274 -4.25 -28.43 -67.26
CA GLU F 274 -2.94 -28.07 -66.75
C GLU F 274 -2.88 -26.55 -66.65
N PHE F 275 -2.08 -26.07 -65.71
CA PHE F 275 -2.11 -24.64 -65.43
C PHE F 275 -1.66 -23.82 -66.63
N GLU F 276 -0.74 -24.35 -67.44
CA GLU F 276 -0.29 -23.71 -68.66
C GLU F 276 -1.27 -23.82 -69.81
N ASP F 277 -2.27 -24.69 -69.71
CA ASP F 277 -3.24 -24.91 -70.79
C ASP F 277 -4.31 -23.84 -70.72
N ARG F 278 -4.24 -22.86 -71.62
CA ARG F 278 -5.12 -21.69 -71.58
C ARG F 278 -6.28 -21.76 -72.56
N ARG F 279 -6.56 -22.93 -73.13
CA ARG F 279 -7.59 -23.04 -74.15
C ARG F 279 -8.94 -22.58 -73.59
N THR F 280 -9.71 -21.91 -74.45
CA THR F 280 -11.01 -21.37 -74.07
C THR F 280 -12.16 -22.07 -74.78
N ASP F 281 -11.90 -23.13 -75.55
CA ASP F 281 -12.92 -23.65 -76.47
C ASP F 281 -13.90 -24.64 -75.82
N LEU F 282 -13.52 -25.31 -74.73
CA LEU F 282 -14.39 -26.34 -74.16
C LEU F 282 -15.71 -25.75 -73.68
N LEU F 283 -16.81 -26.30 -74.17
CA LEU F 283 -18.14 -25.96 -73.66
C LEU F 283 -18.61 -26.93 -72.61
N GLU F 284 -18.00 -28.10 -72.55
CA GLU F 284 -18.25 -29.12 -71.55
C GLU F 284 -17.00 -29.98 -71.49
N PRO F 285 -16.84 -30.78 -70.45
CA PRO F 285 -15.64 -31.62 -70.39
C PRO F 285 -15.62 -32.64 -71.50
N ALA F 286 -14.42 -32.91 -72.02
CA ALA F 286 -14.23 -33.97 -73.00
C ALA F 286 -14.44 -35.32 -72.31
N GLU F 287 -14.60 -36.35 -73.14
CA GLU F 287 -15.16 -37.65 -72.73
C GLU F 287 -14.43 -38.33 -71.57
N GLU F 288 -13.09 -38.27 -71.51
CA GLU F 288 -12.39 -39.02 -70.48
C GLU F 288 -12.18 -38.20 -69.22
N MET F 289 -12.43 -36.88 -69.30
CA MET F 289 -12.03 -35.96 -68.24
C MET F 289 -12.73 -36.27 -66.92
N MET F 290 -14.03 -36.54 -66.96
CA MET F 290 -14.76 -36.72 -65.71
C MET F 290 -14.40 -38.03 -65.03
N GLU F 291 -14.10 -39.08 -65.78
CA GLU F 291 -13.60 -40.30 -65.15
C GLU F 291 -12.22 -40.07 -64.56
N LEU F 292 -11.32 -39.48 -65.36
CA LEU F 292 -10.00 -39.08 -64.85
C LEU F 292 -10.14 -38.29 -63.56
N GLN F 293 -11.00 -37.26 -63.57
CA GLN F 293 -11.21 -36.48 -62.36
C GLN F 293 -11.61 -37.37 -61.19
N ALA F 294 -12.48 -38.33 -61.45
CA ALA F 294 -12.91 -39.24 -60.40
C ALA F 294 -11.74 -40.06 -59.87
N LYS F 295 -10.87 -40.55 -60.77
CA LYS F 295 -9.78 -41.42 -60.35
C LYS F 295 -8.78 -40.66 -59.47
N VAL F 296 -8.40 -39.45 -59.89
CA VAL F 296 -7.43 -38.69 -59.11
C VAL F 296 -8.03 -38.26 -57.77
N TYR F 297 -9.30 -37.82 -57.76
CA TYR F 297 -9.94 -37.50 -56.49
C TYR F 297 -9.90 -38.69 -55.55
N GLU F 298 -10.18 -39.88 -56.07
CA GLU F 298 -10.13 -41.08 -55.26
C GLU F 298 -8.74 -41.30 -54.68
N ASP F 299 -7.70 -41.12 -55.52
CA ASP F 299 -6.34 -41.41 -55.09
C ASP F 299 -5.85 -40.41 -54.05
N VAL F 300 -6.08 -39.12 -54.26
CA VAL F 300 -5.62 -38.16 -53.25
C VAL F 300 -6.39 -38.37 -51.94
N PHE F 301 -7.65 -38.83 -52.01
CA PHE F 301 -8.39 -39.03 -50.78
C PHE F 301 -7.99 -40.31 -50.05
N LYS F 302 -7.55 -41.34 -50.78
CA LYS F 302 -6.88 -42.46 -50.15
C LYS F 302 -5.64 -41.99 -49.38
N VAL F 303 -4.85 -41.11 -49.99
CA VAL F 303 -3.66 -40.59 -49.32
C VAL F 303 -4.05 -39.78 -48.09
N PHE F 304 -5.07 -38.92 -48.24
CA PHE F 304 -5.58 -38.17 -47.11
C PHE F 304 -5.93 -39.09 -45.96
N ARG F 305 -6.62 -40.21 -46.26
CA ARG F 305 -7.08 -41.10 -45.22
C ARG F 305 -5.94 -41.88 -44.58
N GLU F 306 -4.92 -42.27 -45.35
CA GLU F 306 -3.73 -42.88 -44.75
C GLU F 306 -3.15 -41.98 -43.68
N TYR F 307 -2.97 -40.71 -44.01
CA TYR F 307 -2.40 -39.74 -43.09
C TYR F 307 -3.45 -39.08 -42.22
N LYS F 308 -4.58 -39.79 -42.02
CA LYS F 308 -5.68 -39.41 -41.13
C LYS F 308 -5.27 -38.63 -39.89
N GLY F 309 -4.22 -39.05 -39.20
CA GLY F 309 -3.96 -38.43 -37.90
C GLY F 309 -3.20 -37.12 -37.93
N VAL F 310 -2.32 -36.92 -38.92
CA VAL F 310 -1.66 -35.64 -39.04
C VAL F 310 -2.46 -34.65 -39.90
N ILE F 311 -3.37 -35.15 -40.73
CA ILE F 311 -4.25 -34.28 -41.51
C ILE F 311 -5.55 -34.11 -40.73
N THR F 312 -5.88 -32.86 -40.40
CA THR F 312 -7.01 -32.58 -39.53
C THR F 312 -8.18 -31.91 -40.25
N SER F 313 -8.04 -31.58 -41.54
CA SER F 313 -9.12 -30.90 -42.27
C SER F 313 -8.80 -30.88 -43.77
N VAL F 314 -9.83 -31.09 -44.58
CA VAL F 314 -9.73 -31.02 -46.03
C VAL F 314 -10.86 -30.12 -46.53
N THR F 315 -10.49 -28.99 -47.14
CA THR F 315 -11.44 -27.98 -47.57
C THR F 315 -11.38 -27.84 -49.08
N PHE F 316 -12.54 -27.93 -49.75
CA PHE F 316 -12.64 -27.68 -51.18
C PHE F 316 -12.78 -26.18 -51.45
N TRP F 317 -12.12 -25.70 -52.51
CA TRP F 317 -12.24 -24.29 -52.89
C TRP F 317 -13.49 -24.08 -53.75
N GLY F 318 -14.63 -24.37 -53.14
CA GLY F 318 -15.91 -24.24 -53.82
C GLY F 318 -16.80 -25.39 -53.42
N ILE F 319 -18.06 -25.30 -53.83
CA ILE F 319 -19.07 -26.31 -53.52
C ILE F 319 -19.45 -27.12 -54.76
N SER F 320 -19.91 -26.45 -55.82
CA SER F 320 -20.30 -27.08 -57.07
C SER F 320 -19.63 -26.37 -58.25
N ASP F 321 -19.60 -27.06 -59.39
CA ASP F 321 -19.03 -26.46 -60.58
C ASP F 321 -19.76 -25.20 -61.04
N LYS F 322 -20.98 -24.93 -60.53
CA LYS F 322 -21.66 -23.70 -60.90
C LYS F 322 -20.86 -22.47 -60.48
N HIS F 323 -20.09 -22.56 -59.39
CA HIS F 323 -19.46 -21.38 -58.76
C HIS F 323 -18.04 -21.78 -58.41
N THR F 324 -17.08 -21.48 -59.30
CA THR F 324 -15.67 -21.77 -59.07
C THR F 324 -14.83 -20.64 -59.65
N TRP F 325 -13.82 -20.21 -58.89
CA TRP F 325 -12.86 -19.22 -59.36
C TRP F 325 -12.06 -19.72 -60.57
N LYS F 326 -12.04 -21.03 -60.81
CA LYS F 326 -11.31 -21.57 -61.97
C LYS F 326 -11.96 -21.16 -63.29
N ASP F 327 -13.21 -20.73 -63.28
CA ASP F 327 -13.85 -20.28 -64.51
C ASP F 327 -13.17 -19.04 -65.06
N ASN F 328 -12.57 -18.22 -64.21
CA ASN F 328 -11.92 -17.00 -64.62
C ASN F 328 -10.44 -16.92 -64.26
N PHE F 329 -9.88 -17.93 -63.61
CA PHE F 329 -8.44 -17.95 -63.33
C PHE F 329 -7.88 -19.32 -63.68
N PRO F 330 -6.77 -19.39 -64.44
CA PRO F 330 -5.95 -18.28 -64.92
C PRO F 330 -6.44 -17.56 -66.19
N VAL F 331 -7.52 -18.04 -66.82
CA VAL F 331 -8.06 -17.42 -68.04
C VAL F 331 -9.44 -16.85 -67.73
N ILE F 332 -9.63 -15.57 -68.06
CA ILE F 332 -10.94 -14.95 -67.95
C ILE F 332 -11.92 -15.62 -68.91
N GLY F 333 -13.08 -16.02 -68.39
CA GLY F 333 -14.21 -16.28 -69.25
C GLY F 333 -14.25 -17.63 -69.94
N ARG F 334 -13.59 -18.64 -69.38
CA ARG F 334 -13.88 -19.97 -69.90
C ARG F 334 -14.69 -20.72 -68.84
N LYS F 335 -14.74 -22.03 -68.96
CA LYS F 335 -15.41 -22.85 -67.97
C LYS F 335 -14.50 -23.99 -67.56
N ASP F 336 -14.51 -24.29 -66.26
CA ASP F 336 -13.80 -25.41 -65.67
C ASP F 336 -14.82 -26.18 -64.85
N TRP F 337 -14.51 -27.44 -64.52
CA TRP F 337 -15.42 -28.31 -63.77
C TRP F 337 -14.63 -29.06 -62.69
N PRO F 338 -14.19 -28.35 -61.65
CA PRO F 338 -13.15 -28.89 -60.75
C PRO F 338 -13.61 -29.41 -59.39
N LEU F 339 -14.90 -29.40 -59.10
CA LEU F 339 -15.40 -29.65 -57.75
C LEU F 339 -16.18 -30.96 -57.69
N LEU F 340 -16.73 -31.25 -56.51
CA LEU F 340 -17.34 -32.54 -56.29
C LEU F 340 -18.79 -32.60 -56.76
N PHE F 341 -19.47 -31.46 -56.84
CA PHE F 341 -20.84 -31.40 -57.31
C PHE F 341 -20.84 -30.64 -58.63
N ASP F 342 -21.77 -31.00 -59.52
CA ASP F 342 -21.72 -30.50 -60.88
C ASP F 342 -22.46 -29.17 -61.02
N VAL F 343 -22.56 -28.68 -62.26
CA VAL F 343 -23.17 -27.39 -62.55
C VAL F 343 -24.65 -27.34 -62.15
N ASN F 344 -25.29 -28.49 -61.97
CA ASN F 344 -26.65 -28.54 -61.47
C ASN F 344 -26.71 -28.86 -59.98
N GLY F 345 -25.57 -28.81 -59.29
CA GLY F 345 -25.53 -29.14 -57.87
C GLY F 345 -25.77 -30.59 -57.56
N LYS F 346 -25.51 -31.51 -58.51
CA LYS F 346 -25.69 -32.91 -58.23
C LYS F 346 -24.34 -33.61 -58.09
N PRO F 347 -24.26 -34.68 -57.31
CA PRO F 347 -22.96 -35.33 -57.08
C PRO F 347 -22.41 -35.98 -58.34
N LYS F 348 -21.13 -35.73 -58.61
CA LYS F 348 -20.43 -36.31 -59.76
C LYS F 348 -19.78 -37.64 -59.37
N GLU F 349 -19.14 -38.29 -60.34
CA GLU F 349 -18.49 -39.57 -60.07
C GLU F 349 -17.37 -39.42 -59.04
N ALA F 350 -16.71 -38.26 -59.03
CA ALA F 350 -15.74 -37.98 -57.99
C ALA F 350 -16.37 -38.06 -56.61
N PHE F 351 -17.62 -37.61 -56.47
CA PHE F 351 -18.24 -37.64 -55.16
C PHE F 351 -18.42 -39.08 -54.68
N PHE F 352 -18.97 -39.94 -55.53
CA PHE F 352 -19.24 -41.31 -55.09
C PHE F 352 -17.97 -42.08 -54.83
N ARG F 353 -16.87 -41.72 -55.50
CA ARG F 353 -15.66 -42.51 -55.31
C ARG F 353 -14.98 -42.20 -53.99
N ILE F 354 -14.91 -40.94 -53.58
CA ILE F 354 -14.26 -40.62 -52.30
C ILE F 354 -15.12 -41.00 -51.10
N VAL F 355 -16.37 -41.43 -51.31
CA VAL F 355 -17.19 -41.94 -50.21
C VAL F 355 -17.31 -43.45 -50.22
N ASN F 356 -16.73 -44.12 -51.21
CA ASN F 356 -16.74 -45.59 -51.26
C ASN F 356 -15.46 -46.11 -50.62
N PHE F 357 -15.47 -46.14 -49.28
CA PHE F 357 -14.45 -46.80 -48.50
C PHE F 357 -15.08 -47.37 -47.24
#